data_2H17
# 
_entry.id   2H17 
# 
_audit_conform.dict_name       mmcif_pdbx.dic 
_audit_conform.dict_version    5.377 
_audit_conform.dict_location   http://mmcif.pdb.org/dictionaries/ascii/mmcif_pdbx.dic 
# 
loop_
_database_2.database_id 
_database_2.database_code 
_database_2.pdbx_database_accession 
_database_2.pdbx_DOI 
PDB   2H17         pdb_00002h17 10.2210/pdb2h17/pdb 
RCSB  RCSB037801   ?            ?                   
WWPDB D_1000037801 ?            ?                   
# 
_pdbx_database_related.db_name        PDB 
_pdbx_database_related.db_id          2H16 
_pdbx_database_related.details        'Structure of human ADP-ribosylation factor-like 5 (ARL5)' 
_pdbx_database_related.content_type   unspecified 
# 
_pdbx_database_status.entry_id                        2H17 
_pdbx_database_status.deposit_site                    RCSB 
_pdbx_database_status.process_site                    RCSB 
_pdbx_database_status.recvd_initial_deposition_date   2006-05-16 
_pdbx_database_status.status_code                     REL 
_pdbx_database_status.status_code_sf                  REL 
_pdbx_database_status.status_code_mr                  ? 
_pdbx_database_status.SG_entry                        Y 
_pdbx_database_status.pdb_format_compatible           Y 
_pdbx_database_status.status_code_cs                  ? 
_pdbx_database_status.methods_development_category    ? 
_pdbx_database_status.status_code_nmr_data            ? 
# 
loop_
_audit_author.name 
_audit_author.pdbx_ordinal 
'Rabeh, W.M.'                          1  
'Tempel, W.'                           2  
'Yaniw, D.'                            3  
'Arrowsmith, C.H.'                     4  
'Edwards, A.M.'                        5  
'Sundstrom, M.'                        6  
'Weigelt, J.'                          7  
'Bochkarev, A.'                        8  
'Park, H.'                             9  
'Structural Genomics Consortium (SGC)' 10 
# 
_citation.id                        primary 
_citation.title                     'Structure of human ADP-ribosylation factor-like 5 (ARL5)' 
_citation.journal_abbrev            'To be Published' 
_citation.journal_volume            ? 
_citation.page_first                ? 
_citation.page_last                 ? 
_citation.year                      ? 
_citation.journal_id_ASTM           ? 
_citation.country                   ? 
_citation.journal_id_ISSN           ? 
_citation.journal_id_CSD            0353 
_citation.book_publisher            ? 
_citation.pdbx_database_id_PubMed   ? 
_citation.pdbx_database_id_DOI      ? 
# 
loop_
_citation_author.citation_id 
_citation_author.name 
_citation_author.ordinal 
_citation_author.identifier_ORCID 
primary 'Rabeh, W.M.'      1 ? 
primary 'Tempel, W.'       2 ? 
primary 'Yaniw, D.'        3 ? 
primary 'Arrowsmith, C.H.' 4 ? 
primary 'Edwards, A.M.'    5 ? 
primary 'Sundstrom, M.'    6 ? 
primary 'Weigelt, J.'      7 ? 
primary 'Bochkarev, A.'    8 ? 
primary 'Park, H.'         9 ? 
# 
_cell.entry_id           2H17 
_cell.length_a           39.047 
_cell.length_b           48.772 
_cell.length_c           85.711 
_cell.angle_alpha        90.00 
_cell.angle_beta         90.00 
_cell.angle_gamma        90.00 
_cell.Z_PDB              4 
_cell.pdbx_unique_axis   ? 
_cell.length_a_esd       ? 
_cell.length_b_esd       ? 
_cell.length_c_esd       ? 
_cell.angle_alpha_esd    ? 
_cell.angle_beta_esd     ? 
_cell.angle_gamma_esd    ? 
# 
_symmetry.entry_id                         2H17 
_symmetry.space_group_name_H-M             'P 21 21 21' 
_symmetry.pdbx_full_space_group_name_H-M   ? 
_symmetry.cell_setting                     ? 
_symmetry.Int_Tables_number                19 
_symmetry.space_group_name_Hall            ? 
# 
loop_
_entity.id 
_entity.type 
_entity.src_method 
_entity.pdbx_description 
_entity.formula_weight 
_entity.pdbx_number_of_molecules 
_entity.pdbx_ec 
_entity.pdbx_mutation 
_entity.pdbx_fragment 
_entity.details 
1 polymer     man 'ADP-ribosylation factor-like protein 5A' 20597.441 1  ? ? ? ? 
2 non-polymer syn "GUANOSINE-5'-DIPHOSPHATE"                443.201   1  ? ? ? ? 
3 non-polymer syn 'UNKNOWN ATOM OR ION'                     ?         3  ? ? ? ? 
4 water       nat water                                     18.015    64 ? ? ? ? 
# 
_entity_poly.entity_id                      1 
_entity_poly.type                           'polypeptide(L)' 
_entity_poly.nstd_linkage                   no 
_entity_poly.nstd_monomer                   no 
_entity_poly.pdbx_seq_one_letter_code       
;MGSSHHHHHHSSGLVPRGSQEHKVIIVGLDNAGKTTILYQFSMNEVVHTSPTIGSNVEEIVINNTRFLMWDIGGQESLRS
SWNTYYTNTEFVIVVVDSTDRERISVTREELYKMLAHEDLRKAGLLIFANKQDVKECMTVAEISQFLKLTSIKDHQWHIQ
ACCALTGEGLCQGLEWMMSRL
;
_entity_poly.pdbx_seq_one_letter_code_can   
;MGSSHHHHHHSSGLVPRGSQEHKVIIVGLDNAGKTTILYQFSMNEVVHTSPTIGSNVEEIVINNTRFLMWDIGGQESLRS
SWNTYYTNTEFVIVVVDSTDRERISVTREELYKMLAHEDLRKAGLLIFANKQDVKECMTVAEISQFLKLTSIKDHQWHIQ
ACCALTGEGLCQGLEWMMSRL
;
_entity_poly.pdbx_strand_id                 A 
_entity_poly.pdbx_target_identifier         ? 
# 
loop_
_entity_poly_seq.entity_id 
_entity_poly_seq.num 
_entity_poly_seq.mon_id 
_entity_poly_seq.hetero 
1 1   MET n 
1 2   GLY n 
1 3   SER n 
1 4   SER n 
1 5   HIS n 
1 6   HIS n 
1 7   HIS n 
1 8   HIS n 
1 9   HIS n 
1 10  HIS n 
1 11  SER n 
1 12  SER n 
1 13  GLY n 
1 14  LEU n 
1 15  VAL n 
1 16  PRO n 
1 17  ARG n 
1 18  GLY n 
1 19  SER n 
1 20  GLN n 
1 21  GLU n 
1 22  HIS n 
1 23  LYS n 
1 24  VAL n 
1 25  ILE n 
1 26  ILE n 
1 27  VAL n 
1 28  GLY n 
1 29  LEU n 
1 30  ASP n 
1 31  ASN n 
1 32  ALA n 
1 33  GLY n 
1 34  LYS n 
1 35  THR n 
1 36  THR n 
1 37  ILE n 
1 38  LEU n 
1 39  TYR n 
1 40  GLN n 
1 41  PHE n 
1 42  SER n 
1 43  MET n 
1 44  ASN n 
1 45  GLU n 
1 46  VAL n 
1 47  VAL n 
1 48  HIS n 
1 49  THR n 
1 50  SER n 
1 51  PRO n 
1 52  THR n 
1 53  ILE n 
1 54  GLY n 
1 55  SER n 
1 56  ASN n 
1 57  VAL n 
1 58  GLU n 
1 59  GLU n 
1 60  ILE n 
1 61  VAL n 
1 62  ILE n 
1 63  ASN n 
1 64  ASN n 
1 65  THR n 
1 66  ARG n 
1 67  PHE n 
1 68  LEU n 
1 69  MET n 
1 70  TRP n 
1 71  ASP n 
1 72  ILE n 
1 73  GLY n 
1 74  GLY n 
1 75  GLN n 
1 76  GLU n 
1 77  SER n 
1 78  LEU n 
1 79  ARG n 
1 80  SER n 
1 81  SER n 
1 82  TRP n 
1 83  ASN n 
1 84  THR n 
1 85  TYR n 
1 86  TYR n 
1 87  THR n 
1 88  ASN n 
1 89  THR n 
1 90  GLU n 
1 91  PHE n 
1 92  VAL n 
1 93  ILE n 
1 94  VAL n 
1 95  VAL n 
1 96  VAL n 
1 97  ASP n 
1 98  SER n 
1 99  THR n 
1 100 ASP n 
1 101 ARG n 
1 102 GLU n 
1 103 ARG n 
1 104 ILE n 
1 105 SER n 
1 106 VAL n 
1 107 THR n 
1 108 ARG n 
1 109 GLU n 
1 110 GLU n 
1 111 LEU n 
1 112 TYR n 
1 113 LYS n 
1 114 MET n 
1 115 LEU n 
1 116 ALA n 
1 117 HIS n 
1 118 GLU n 
1 119 ASP n 
1 120 LEU n 
1 121 ARG n 
1 122 LYS n 
1 123 ALA n 
1 124 GLY n 
1 125 LEU n 
1 126 LEU n 
1 127 ILE n 
1 128 PHE n 
1 129 ALA n 
1 130 ASN n 
1 131 LYS n 
1 132 GLN n 
1 133 ASP n 
1 134 VAL n 
1 135 LYS n 
1 136 GLU n 
1 137 CYS n 
1 138 MET n 
1 139 THR n 
1 140 VAL n 
1 141 ALA n 
1 142 GLU n 
1 143 ILE n 
1 144 SER n 
1 145 GLN n 
1 146 PHE n 
1 147 LEU n 
1 148 LYS n 
1 149 LEU n 
1 150 THR n 
1 151 SER n 
1 152 ILE n 
1 153 LYS n 
1 154 ASP n 
1 155 HIS n 
1 156 GLN n 
1 157 TRP n 
1 158 HIS n 
1 159 ILE n 
1 160 GLN n 
1 161 ALA n 
1 162 CYS n 
1 163 CYS n 
1 164 ALA n 
1 165 LEU n 
1 166 THR n 
1 167 GLY n 
1 168 GLU n 
1 169 GLY n 
1 170 LEU n 
1 171 CYS n 
1 172 GLN n 
1 173 GLY n 
1 174 LEU n 
1 175 GLU n 
1 176 TRP n 
1 177 MET n 
1 178 MET n 
1 179 SER n 
1 180 ARG n 
1 181 LEU n 
# 
_entity_src_gen.entity_id                          1 
_entity_src_gen.pdbx_src_id                        1 
_entity_src_gen.pdbx_alt_source_flag               sample 
_entity_src_gen.pdbx_seq_type                      ? 
_entity_src_gen.pdbx_beg_seq_num                   ? 
_entity_src_gen.pdbx_end_seq_num                   ? 
_entity_src_gen.gene_src_common_name               human 
_entity_src_gen.gene_src_genus                     Homo 
_entity_src_gen.pdbx_gene_src_gene                 'ARL5A, ARFLP5, ARL5' 
_entity_src_gen.gene_src_species                   ? 
_entity_src_gen.gene_src_strain                    ? 
_entity_src_gen.gene_src_tissue                    ? 
_entity_src_gen.gene_src_tissue_fraction           ? 
_entity_src_gen.gene_src_details                   ? 
_entity_src_gen.pdbx_gene_src_fragment             ? 
_entity_src_gen.pdbx_gene_src_scientific_name      'Homo sapiens' 
_entity_src_gen.pdbx_gene_src_ncbi_taxonomy_id     9606 
_entity_src_gen.pdbx_gene_src_variant              ? 
_entity_src_gen.pdbx_gene_src_cell_line            ? 
_entity_src_gen.pdbx_gene_src_atcc                 ? 
_entity_src_gen.pdbx_gene_src_organ                ? 
_entity_src_gen.pdbx_gene_src_organelle            ? 
_entity_src_gen.pdbx_gene_src_cell                 ? 
_entity_src_gen.pdbx_gene_src_cellular_location    ? 
_entity_src_gen.host_org_common_name               ? 
_entity_src_gen.pdbx_host_org_scientific_name      'Escherichia coli BL21(DE3)' 
_entity_src_gen.pdbx_host_org_ncbi_taxonomy_id     469008 
_entity_src_gen.host_org_genus                     Escherichia 
_entity_src_gen.pdbx_host_org_gene                 ? 
_entity_src_gen.pdbx_host_org_organ                ? 
_entity_src_gen.host_org_species                   'Escherichia coli' 
_entity_src_gen.pdbx_host_org_tissue               ? 
_entity_src_gen.pdbx_host_org_tissue_fraction      ? 
_entity_src_gen.pdbx_host_org_strain               'BL21(DE3)' 
_entity_src_gen.pdbx_host_org_variant              ? 
_entity_src_gen.pdbx_host_org_cell_line            ? 
_entity_src_gen.pdbx_host_org_atcc                 ? 
_entity_src_gen.pdbx_host_org_culture_collection   ? 
_entity_src_gen.pdbx_host_org_cell                 ? 
_entity_src_gen.pdbx_host_org_organelle            ? 
_entity_src_gen.pdbx_host_org_cellular_location    ? 
_entity_src_gen.pdbx_host_org_vector_type          PLASMID 
_entity_src_gen.pdbx_host_org_vector               ? 
_entity_src_gen.host_org_details                   ? 
_entity_src_gen.expression_system_id               ? 
_entity_src_gen.plasmid_name                       p28a-LIC 
_entity_src_gen.plasmid_details                    ? 
_entity_src_gen.pdbx_description                   ? 
# 
_struct_ref.id                         1 
_struct_ref.db_name                    UNP 
_struct_ref.db_code                    ARL5A_HUMAN 
_struct_ref.pdbx_db_accession          Q9Y689 
_struct_ref.entity_id                  1 
_struct_ref.pdbx_seq_one_letter_code   
;QEHKVIIVGLDNAGKTTILYQFSMNEVVHTSPTIGSNVEEIVINNTRFLMWDIGGQESLRSSWNTYYTNTEFVIVVVDST
DRERISVTREELYKMLAHEDLRKAGLLIFANKQDVKECMTVAEISQFLKLTSIKDHQWHIQACCALTGEGLCQGLEWMMS
RL
;
_struct_ref.pdbx_align_begin           15 
_struct_ref.pdbx_db_isoform            ? 
# 
_struct_ref_seq.align_id                      1 
_struct_ref_seq.ref_id                        1 
_struct_ref_seq.pdbx_PDB_id_code              2H17 
_struct_ref_seq.pdbx_strand_id                A 
_struct_ref_seq.seq_align_beg                 20 
_struct_ref_seq.pdbx_seq_align_beg_ins_code   ? 
_struct_ref_seq.seq_align_end                 181 
_struct_ref_seq.pdbx_seq_align_end_ins_code   ? 
_struct_ref_seq.pdbx_db_accession             Q9Y689 
_struct_ref_seq.db_align_beg                  15 
_struct_ref_seq.pdbx_db_align_beg_ins_code    ? 
_struct_ref_seq.db_align_end                  176 
_struct_ref_seq.pdbx_db_align_end_ins_code    ? 
_struct_ref_seq.pdbx_auth_seq_align_beg       15 
_struct_ref_seq.pdbx_auth_seq_align_end       176 
# 
loop_
_struct_ref_seq_dif.align_id 
_struct_ref_seq_dif.pdbx_pdb_id_code 
_struct_ref_seq_dif.mon_id 
_struct_ref_seq_dif.pdbx_pdb_strand_id 
_struct_ref_seq_dif.seq_num 
_struct_ref_seq_dif.pdbx_pdb_ins_code 
_struct_ref_seq_dif.pdbx_seq_db_name 
_struct_ref_seq_dif.pdbx_seq_db_accession_code 
_struct_ref_seq_dif.db_mon_id 
_struct_ref_seq_dif.pdbx_seq_db_seq_num 
_struct_ref_seq_dif.details 
_struct_ref_seq_dif.pdbx_auth_seq_num 
_struct_ref_seq_dif.pdbx_ordinal 
1 2H17 MET A 1  ? UNP Q9Y689 ? ? 'initiating methionine' -4 1  
1 2H17 GLY A 2  ? UNP Q9Y689 ? ? 'cloning artifact'      -3 2  
1 2H17 SER A 3  ? UNP Q9Y689 ? ? 'cloning artifact'      -2 3  
1 2H17 SER A 4  ? UNP Q9Y689 ? ? 'cloning artifact'      -1 4  
1 2H17 HIS A 5  ? UNP Q9Y689 ? ? 'expression tag'        0  5  
1 2H17 HIS A 6  ? UNP Q9Y689 ? ? 'expression tag'        1  6  
1 2H17 HIS A 7  ? UNP Q9Y689 ? ? 'expression tag'        2  7  
1 2H17 HIS A 8  ? UNP Q9Y689 ? ? 'expression tag'        3  8  
1 2H17 HIS A 9  ? UNP Q9Y689 ? ? 'expression tag'        4  9  
1 2H17 HIS A 10 ? UNP Q9Y689 ? ? 'expression tag'        5  10 
1 2H17 SER A 11 ? UNP Q9Y689 ? ? 'cloning artifact'      6  11 
1 2H17 SER A 12 ? UNP Q9Y689 ? ? 'cloning artifact'      7  12 
1 2H17 GLY A 13 ? UNP Q9Y689 ? ? 'cloning artifact'      8  13 
1 2H17 LEU A 14 ? UNP Q9Y689 ? ? 'cloning artifact'      9  14 
1 2H17 VAL A 15 ? UNP Q9Y689 ? ? 'cloning artifact'      10 15 
1 2H17 PRO A 16 ? UNP Q9Y689 ? ? 'cloning artifact'      11 16 
1 2H17 ARG A 17 ? UNP Q9Y689 ? ? 'cloning artifact'      12 17 
1 2H17 GLY A 18 ? UNP Q9Y689 ? ? 'cloning artifact'      13 18 
1 2H17 SER A 19 ? UNP Q9Y689 ? ? 'cloning artifact'      14 19 
# 
loop_
_chem_comp.id 
_chem_comp.type 
_chem_comp.mon_nstd_flag 
_chem_comp.name 
_chem_comp.pdbx_synonyms 
_chem_comp.formula 
_chem_comp.formula_weight 
ALA 'L-peptide linking' y ALANINE                    ? 'C3 H7 N O2'        89.093  
ARG 'L-peptide linking' y ARGININE                   ? 'C6 H15 N4 O2 1'    175.209 
ASN 'L-peptide linking' y ASPARAGINE                 ? 'C4 H8 N2 O3'       132.118 
ASP 'L-peptide linking' y 'ASPARTIC ACID'            ? 'C4 H7 N O4'        133.103 
CYS 'L-peptide linking' y CYSTEINE                   ? 'C3 H7 N O2 S'      121.158 
GDP 'RNA linking'       n "GUANOSINE-5'-DIPHOSPHATE" ? 'C10 H15 N5 O11 P2' 443.201 
GLN 'L-peptide linking' y GLUTAMINE                  ? 'C5 H10 N2 O3'      146.144 
GLU 'L-peptide linking' y 'GLUTAMIC ACID'            ? 'C5 H9 N O4'        147.129 
GLY 'peptide linking'   y GLYCINE                    ? 'C2 H5 N O2'        75.067  
HIS 'L-peptide linking' y HISTIDINE                  ? 'C6 H10 N3 O2 1'    156.162 
HOH non-polymer         . WATER                      ? 'H2 O'              18.015  
ILE 'L-peptide linking' y ISOLEUCINE                 ? 'C6 H13 N O2'       131.173 
LEU 'L-peptide linking' y LEUCINE                    ? 'C6 H13 N O2'       131.173 
LYS 'L-peptide linking' y LYSINE                     ? 'C6 H15 N2 O2 1'    147.195 
MET 'L-peptide linking' y METHIONINE                 ? 'C5 H11 N O2 S'     149.211 
PHE 'L-peptide linking' y PHENYLALANINE              ? 'C9 H11 N O2'       165.189 
PRO 'L-peptide linking' y PROLINE                    ? 'C5 H9 N O2'        115.130 
SER 'L-peptide linking' y SERINE                     ? 'C3 H7 N O3'        105.093 
THR 'L-peptide linking' y THREONINE                  ? 'C4 H9 N O3'        119.119 
TRP 'L-peptide linking' y TRYPTOPHAN                 ? 'C11 H12 N2 O2'     204.225 
TYR 'L-peptide linking' y TYROSINE                   ? 'C9 H11 N O3'       181.189 
UNX non-polymer         . 'UNKNOWN ATOM OR ION'      ? ?                   ?       
VAL 'L-peptide linking' y VALINE                     ? 'C5 H11 N O2'       117.146 
# 
_exptl.crystals_number   1 
_exptl.method            'X-RAY DIFFRACTION' 
_exptl.entry_id          2H17 
# 
_exptl_crystal.id                    1 
_exptl_crystal.density_percent_sol   37.91 
_exptl_crystal.density_Matthews      1.98 
_exptl_crystal.density_meas          ? 
_exptl_crystal.description           ? 
_exptl_crystal.F_000                 ? 
_exptl_crystal.preparation           ? 
# 
_exptl_crystal_grow.crystal_id      1 
_exptl_crystal_grow.method          'VAPOR DIFFUSION, SITTING DROP' 
_exptl_crystal_grow.pH              7.0 
_exptl_crystal_grow.temp            291 
_exptl_crystal_grow.pdbx_details    '2.0M sodium formate, 0.1M BTP, pH 7.0, vapor diffusion, sitting drop, temperature 291K' 
_exptl_crystal_grow.temp_details    ? 
_exptl_crystal_grow.pdbx_pH_range   . 
# 
_diffrn.id                     1 
_diffrn.ambient_temp           100 
_diffrn.ambient_temp_details   ? 
_diffrn.crystal_id             1 
# 
_diffrn_detector.diffrn_id              1 
_diffrn_detector.detector               CCD 
_diffrn_detector.type                   'ADSC QUANTUM 210' 
_diffrn_detector.pdbx_collection_date   2005-11-25 
_diffrn_detector.details                ? 
# 
_diffrn_radiation.diffrn_id                        1 
_diffrn_radiation.pdbx_diffrn_protocol             'SINGLE WAVELENGTH' 
_diffrn_radiation.monochromator                    ? 
_diffrn_radiation.wavelength_id                    1 
_diffrn_radiation.pdbx_monochromatic_or_laue_m_l   M 
_diffrn_radiation.pdbx_scattering_type             x-ray 
# 
_diffrn_radiation_wavelength.id           1 
_diffrn_radiation_wavelength.wavelength   0.97895 
_diffrn_radiation_wavelength.wt           1.0 
# 
_diffrn_source.diffrn_id                   1 
_diffrn_source.source                      SYNCHROTRON 
_diffrn_source.type                        'APS BEAMLINE 17-ID' 
_diffrn_source.pdbx_wavelength_list        0.97895 
_diffrn_source.pdbx_wavelength             ? 
_diffrn_source.pdbx_synchrotron_site       APS 
_diffrn_source.pdbx_synchrotron_beamline   17-ID 
# 
_reflns.entry_id                     2H17 
_reflns.d_resolution_high            1.700 
_reflns.d_resolution_low             28.72 
_reflns.number_obs                   18505 
_reflns.pdbx_Rmerge_I_obs            0.055 
_reflns.pdbx_netI_over_sigmaI        11.700 
_reflns.pdbx_chi_squared             1.008 
_reflns.pdbx_redundancy              6.900 
_reflns.percent_possible_obs         98.900 
_reflns.observed_criterion_sigma_F   ? 
_reflns.observed_criterion_sigma_I   ? 
_reflns.number_all                   ? 
_reflns.pdbx_Rsym_value              ? 
_reflns.B_iso_Wilson_estimate        ? 
_reflns.R_free_details               ? 
_reflns.limit_h_max                  ? 
_reflns.limit_h_min                  ? 
_reflns.limit_k_max                  ? 
_reflns.limit_k_min                  ? 
_reflns.limit_l_max                  ? 
_reflns.limit_l_min                  ? 
_reflns.observed_criterion_F_max     ? 
_reflns.observed_criterion_F_min     ? 
_reflns.pdbx_scaling_rejects         ? 
_reflns.pdbx_diffrn_id               1 
_reflns.pdbx_ordinal                 1 
# 
loop_
_reflns_shell.d_res_high 
_reflns_shell.d_res_low 
_reflns_shell.number_measured_obs 
_reflns_shell.number_measured_all 
_reflns_shell.number_unique_obs 
_reflns_shell.Rmerge_I_obs 
_reflns_shell.meanI_over_sigI_obs 
_reflns_shell.pdbx_Rsym_value 
_reflns_shell.pdbx_chi_squared 
_reflns_shell.pdbx_redundancy 
_reflns_shell.percent_possible_obs 
_reflns_shell.number_unique_all 
_reflns_shell.percent_possible_all 
_reflns_shell.pdbx_diffrn_id 
_reflns_shell.pdbx_ordinal 
1.70 1.76  ? ? 1777 0.475 ? ? 0.713 5.60 97.60 ? ? ? 1  
1.76 1.83  ? ? 1808 0.351 ? ? 0.715 6.80 98.60 ? ? ? 2  
1.83 1.91  ? ? 1804 0.287 ? ? 0.937 7.10 98.70 ? ? ? 3  
1.91 2.02  ? ? 1833 0.196 ? ? 1.007 7.20 98.90 ? ? ? 4  
2.02 2.14  ? ? 1817 0.126 ? ? 1.053 7.20 98.60 ? ? ? 5  
2.14 2.31  ? ? 1856 0.097 ? ? 1.107 7.10 99.40 ? ? ? 6  
2.31 2.54  ? ? 1832 0.062 ? ? 0.916 7.20 99.30 ? ? ? 7  
2.54 2.91  ? ? 1870 0.05  ? ? 1.002 7.10 99.40 ? ? ? 8  
2.91 3.66  ? ? 1908 0.034 ? ? 1.172 7.00 99.70 ? ? ? 9  
3.66 30.00 ? ? 2000 0.028 ? ? 1.363 6.50 98.70 ? ? ? 10 
# 
_refine.details                                  'HYDROGENS HAVE BEEN ADDED IN THE RIDING POSITIONS' 
_refine.B_iso_mean                               17.799 
_refine.aniso_B[1][1]                            -0.620 
_refine.aniso_B[2][2]                            -0.500 
_refine.aniso_B[3][3]                            1.120 
_refine.aniso_B[1][2]                            0.000 
_refine.aniso_B[1][3]                            0.000 
_refine.aniso_B[2][3]                            0.000 
_refine.solvent_model_details                    'MASK BULK SOLVENT' 
_refine.pdbx_solvent_vdw_probe_radii             1.400 
_refine.pdbx_solvent_ion_probe_radii             0.800 
_refine.pdbx_solvent_shrinkage_radii             0.800 
_refine.ls_d_res_high                            1.700 
_refine.ls_d_res_low                             28.72 
_refine.ls_number_reflns_R_free                  938 
_refine.ls_number_reflns_obs                     18430 
_refine.ls_R_factor_R_work                       0.1856 
_refine.ls_R_factor_R_free                       0.2267 
_refine.ls_R_factor_all                          0.188 
_refine.ls_wR_factor_R_work                      0.179 
_refine.ls_wR_factor_R_free                      0.214 
_refine.ls_percent_reflns_obs                    98.889 
_refine.ls_percent_reflns_R_free                 5.090 
_refine.correlation_coeff_Fo_to_Fc               0.956 
_refine.correlation_coeff_Fo_to_Fc_free          0.935 
_refine.pdbx_overall_ESU_R                       0.111 
_refine.pdbx_overall_ESU_R_Free                  0.112 
_refine.overall_SU_ML                            0.070 
_refine.overall_SU_B                             2.045 
_refine.entry_id                                 2H17 
_refine.pdbx_ls_sigma_F                          ? 
_refine.pdbx_ls_sigma_I                          ? 
_refine.ls_number_reflns_all                     ? 
_refine.ls_R_factor_obs                          ? 
_refine.ls_redundancy_reflns_obs                 ? 
_refine.pdbx_data_cutoff_high_absF               ? 
_refine.pdbx_data_cutoff_low_absF                ? 
_refine.ls_number_parameters                     ? 
_refine.ls_number_restraints                     ? 
_refine.ls_R_factor_R_free_error                 ? 
_refine.ls_R_factor_R_free_error_details         ? 
_refine.pdbx_method_to_determine_struct          'MOLECULAR REPLACEMENT' 
_refine.pdbx_starting_model                      'pdb entry 1z6y' 
_refine.pdbx_ls_cross_valid_method               ? 
_refine.pdbx_R_Free_selection_details            random 
_refine.pdbx_stereochem_target_val_spec_case     ? 
_refine.pdbx_stereochemistry_target_values       ? 
_refine.solvent_model_param_bsol                 ? 
_refine.solvent_model_param_ksol                 ? 
_refine.occupancy_max                            ? 
_refine.occupancy_min                            ? 
_refine.pdbx_isotropic_thermal_model             ? 
_refine.B_iso_min                                ? 
_refine.B_iso_max                                ? 
_refine.overall_SU_R_Cruickshank_DPI             ? 
_refine.overall_SU_R_free                        ? 
_refine.pdbx_data_cutoff_high_rms_absF           ? 
_refine.overall_FOM_free_R_set                   ? 
_refine.overall_FOM_work_R_set                   ? 
_refine.pdbx_refine_id                           'X-RAY DIFFRACTION' 
_refine.pdbx_diffrn_id                           1 
_refine.pdbx_TLS_residual_ADP_flag               ? 
_refine.pdbx_overall_phase_error                 ? 
_refine.pdbx_overall_SU_R_free_Cruickshank_DPI   ? 
_refine.pdbx_overall_SU_R_Blow_DPI               ? 
_refine.pdbx_overall_SU_R_free_Blow_DPI          ? 
# 
_refine_hist.pdbx_refine_id                   'X-RAY DIFFRACTION' 
_refine_hist.cycle_id                         LAST 
_refine_hist.pdbx_number_atoms_protein        1314 
_refine_hist.pdbx_number_atoms_nucleic_acid   0 
_refine_hist.pdbx_number_atoms_ligand         31 
_refine_hist.number_atoms_solvent             64 
_refine_hist.number_atoms_total               1409 
_refine_hist.d_res_high                       1.700 
_refine_hist.d_res_low                        28.72 
# 
loop_
_refine_ls_restr.type 
_refine_ls_restr.number 
_refine_ls_restr.dev_ideal 
_refine_ls_restr.dev_ideal_target 
_refine_ls_restr.weight 
_refine_ls_restr.pdbx_refine_id 
_refine_ls_restr.pdbx_restraint_function 
r_bond_refined_d         1374 0.017  0.022  ? 'X-RAY DIFFRACTION' ? 
r_bond_other_d           896  0.002  0.020  ? 'X-RAY DIFFRACTION' ? 
r_angle_refined_deg      1880 1.469  1.963  ? 'X-RAY DIFFRACTION' ? 
r_angle_other_deg        2209 1.052  3.000  ? 'X-RAY DIFFRACTION' ? 
r_dihedral_angle_1_deg   173  5.883  5.000  ? 'X-RAY DIFFRACTION' ? 
r_dihedral_angle_2_deg   61   39.205 24.754 ? 'X-RAY DIFFRACTION' ? 
r_dihedral_angle_3_deg   252  11.122 15.000 ? 'X-RAY DIFFRACTION' ? 
r_dihedral_angle_4_deg   7    16.392 15.000 ? 'X-RAY DIFFRACTION' ? 
r_chiral_restr           222  0.094  0.200  ? 'X-RAY DIFFRACTION' ? 
r_gen_planes_refined     1500 0.006  0.020  ? 'X-RAY DIFFRACTION' ? 
r_gen_planes_other       271  0.001  0.020  ? 'X-RAY DIFFRACTION' ? 
r_nbd_refined            250  0.213  0.200  ? 'X-RAY DIFFRACTION' ? 
r_nbd_other              932  0.206  0.200  ? 'X-RAY DIFFRACTION' ? 
r_nbtor_refined          684  0.171  0.200  ? 'X-RAY DIFFRACTION' ? 
r_nbtor_other            704  0.077  0.200  ? 'X-RAY DIFFRACTION' ? 
r_xyhbond_nbd_refined    63   0.156  0.200  ? 'X-RAY DIFFRACTION' ? 
r_symmetry_vdw_refined   15   0.114  0.200  ? 'X-RAY DIFFRACTION' ? 
r_symmetry_vdw_other     37   0.345  0.200  ? 'X-RAY DIFFRACTION' ? 
r_symmetry_hbond_refined 14   0.168  0.200  ? 'X-RAY DIFFRACTION' ? 
r_mcbond_it              901  3.106  2.000  ? 'X-RAY DIFFRACTION' ? 
r_mcbond_other           335  0.728  2.000  ? 'X-RAY DIFFRACTION' ? 
r_mcangle_it             1341 3.723  3.000  ? 'X-RAY DIFFRACTION' ? 
r_scbond_it              624  3.204  2.000  ? 'X-RAY DIFFRACTION' ? 
r_scangle_it             531  4.822  3.000  ? 'X-RAY DIFFRACTION' ? 
# 
loop_
_refine_ls_shell.pdbx_total_number_of_bins_used 
_refine_ls_shell.d_res_low 
_refine_ls_shell.d_res_high 
_refine_ls_shell.number_reflns_all 
_refine_ls_shell.percent_reflns_obs 
_refine_ls_shell.number_reflns_R_work 
_refine_ls_shell.R_factor_R_work 
_refine_ls_shell.R_factor_all 
_refine_ls_shell.number_reflns_R_free 
_refine_ls_shell.R_factor_R_free 
_refine_ls_shell.number_reflns_obs 
_refine_ls_shell.R_factor_R_free_error 
_refine_ls_shell.percent_reflns_R_free 
_refine_ls_shell.redundancy_reflns_obs 
_refine_ls_shell.pdbx_refine_id 
20 1.744  1.700 1337 96.933 1228 0.252 0.255 68 0.303 . . . . 'X-RAY DIFFRACTION' 
20 1.792  1.744 1321 99.319 1239 0.219 0.221 73 0.254 . . . . 'X-RAY DIFFRACTION' 
20 1.843  1.792 1276 98.511 1188 0.199 0.204 69 0.296 . . . . 'X-RAY DIFFRACTION' 
20 1.900  1.843 1236 97.977 1145 0.194 0.197 66 0.241 . . . . 'X-RAY DIFFRACTION' 
20 1.962  1.900 1230 98.537 1137 0.197 0.201 75 0.249 . . . . 'X-RAY DIFFRACTION' 
20 2.031  1.962 1167 98.972 1100 0.178 0.180 55 0.205 . . . . 'X-RAY DIFFRACTION' 
20 2.107  2.031 1108 99.549 1035 0.169 0.172 68 0.213 . . . . 'X-RAY DIFFRACTION' 
20 2.192  2.107 1113 99.191 1061 0.164 0.166 43 0.228 . . . . 'X-RAY DIFFRACTION' 
20 2.289  2.192 1048 98.378 970  0.178 0.180 61 0.217 . . . . 'X-RAY DIFFRACTION' 
20 2.400  2.289 997  99.198 944  0.168 0.170 45 0.203 . . . . 'X-RAY DIFFRACTION' 
20 2.529  2.400 958  99.478 910  0.16  0.162 43 0.208 . . . . 'X-RAY DIFFRACTION' 
20 2.682  2.529 912  99.561 859  0.194 0.197 49 0.246 . . . . 'X-RAY DIFFRACTION' 
20 2.865  2.682 874  99.428 823  0.191 0.194 46 0.237 . . . . 'X-RAY DIFFRACTION' 
20 3.092  2.865 804  99.627 762  0.193 0.193 39 0.206 . . . . 'X-RAY DIFFRACTION' 
20 3.384  3.092 743  99.865 702  0.185 0.189 40 0.251 . . . . 'X-RAY DIFFRACTION' 
20 3.777  3.384 684  99.708 661  0.17  0.173 21 0.277 . . . . 'X-RAY DIFFRACTION' 
20 4.350  3.777 615  99.675 589  0.165 0.166 24 0.182 . . . . 'X-RAY DIFFRACTION' 
20 5.300  4.350 522  99.234 487  0.167 0.168 31 0.173 . . . . 'X-RAY DIFFRACTION' 
20 7.381  5.300 420  99.762 406  0.248 0.248 13 0.243 . . . . 'X-RAY DIFFRACTION' 
20 30.000 7.381 272  93.750 246  0.236 0.239 9  0.319 . . . . 'X-RAY DIFFRACTION' 
# 
_struct.entry_id                  2H17 
_struct.title                     'Structure of human ADP-ribosylation factor-like 5 (ARL5)' 
_struct.pdbx_model_details        ? 
_struct.pdbx_CASP_flag            ? 
_struct.pdbx_model_type_details   ? 
# 
_struct_keywords.text            'GDP, GTPASE, MEMBRANE TRAFFICKING, STRUCTURAL GENOMICS CONSORTIUM, SGC, TRANSPORT PROTEIN' 
_struct_keywords.entry_id        2H17 
_struct_keywords.pdbx_keywords   'TRANSPORT PROTEIN' 
# 
loop_
_struct_asym.id 
_struct_asym.pdbx_blank_PDB_chainid_flag 
_struct_asym.pdbx_modified 
_struct_asym.entity_id 
_struct_asym.details 
A N N 1 ? 
B N N 2 ? 
C N N 3 ? 
D N N 3 ? 
E N N 3 ? 
F N N 4 ? 
# 
_struct_biol.id                    1 
_struct_biol.details               'not known' 
_struct_biol.pdbx_parent_biol_id   ? 
# 
loop_
_struct_conf.conf_type_id 
_struct_conf.id 
_struct_conf.pdbx_PDB_helix_id 
_struct_conf.beg_label_comp_id 
_struct_conf.beg_label_asym_id 
_struct_conf.beg_label_seq_id 
_struct_conf.pdbx_beg_PDB_ins_code 
_struct_conf.end_label_comp_id 
_struct_conf.end_label_asym_id 
_struct_conf.end_label_seq_id 
_struct_conf.pdbx_end_PDB_ins_code 
_struct_conf.beg_auth_comp_id 
_struct_conf.beg_auth_asym_id 
_struct_conf.beg_auth_seq_id 
_struct_conf.end_auth_comp_id 
_struct_conf.end_auth_asym_id 
_struct_conf.end_auth_seq_id 
_struct_conf.pdbx_PDB_helix_class 
_struct_conf.details 
_struct_conf.pdbx_PDB_helix_length 
HELX_P HELX_P1 1 GLY A 33  ? MET A 43  ? GLY A 28  MET A 38  1 ? 11 
HELX_P HELX_P2 2 GLN A 75  ? ARG A 79  ? GLN A 70  ARG A 74  5 ? 5  
HELX_P HELX_P3 3 SER A 80  ? THR A 87  ? SER A 75  THR A 82  5 ? 8  
HELX_P HELX_P4 4 ARG A 103 ? ALA A 116 ? ARG A 98  ALA A 111 1 ? 14 
HELX_P HELX_P5 5 HIS A 117 ? ARG A 121 ? HIS A 112 ARG A 116 5 ? 5  
HELX_P HELX_P6 6 THR A 139 ? LEU A 147 ? THR A 134 LEU A 142 1 ? 9  
HELX_P HELX_P7 7 LYS A 148 ? ILE A 152 ? LYS A 143 ILE A 147 5 ? 5  
HELX_P HELX_P8 8 GLY A 169 ? SER A 179 ? GLY A 164 SER A 174 1 ? 11 
# 
_struct_conf_type.id          HELX_P 
_struct_conf_type.criteria    ? 
_struct_conf_type.reference   ? 
# 
_struct_sheet.id               A 
_struct_sheet.type             ? 
_struct_sheet.number_strands   7 
_struct_sheet.details          ? 
# 
loop_
_struct_sheet_order.sheet_id 
_struct_sheet_order.range_id_1 
_struct_sheet_order.range_id_2 
_struct_sheet_order.offset 
_struct_sheet_order.sense 
A 1 2 ? anti-parallel 
A 2 3 ? anti-parallel 
A 3 4 ? parallel      
A 4 5 ? parallel      
A 5 6 ? parallel      
A 6 7 ? parallel      
# 
loop_
_struct_sheet_range.sheet_id 
_struct_sheet_range.id 
_struct_sheet_range.beg_label_comp_id 
_struct_sheet_range.beg_label_asym_id 
_struct_sheet_range.beg_label_seq_id 
_struct_sheet_range.pdbx_beg_PDB_ins_code 
_struct_sheet_range.end_label_comp_id 
_struct_sheet_range.end_label_asym_id 
_struct_sheet_range.end_label_seq_id 
_struct_sheet_range.pdbx_end_PDB_ins_code 
_struct_sheet_range.beg_auth_comp_id 
_struct_sheet_range.beg_auth_asym_id 
_struct_sheet_range.beg_auth_seq_id 
_struct_sheet_range.end_auth_comp_id 
_struct_sheet_range.end_auth_asym_id 
_struct_sheet_range.end_auth_seq_id 
A 1 VAL A 47  ? SER A 50  ? VAL A 42  SER A 45  
A 2 GLU A 58  ? ILE A 62  ? GLU A 53  ILE A 57  
A 3 THR A 65  ? ILE A 72  ? THR A 60  ILE A 67  
A 4 HIS A 22  ? LEU A 29  ? HIS A 17  LEU A 24  
A 5 PHE A 91  ? ASP A 97  ? PHE A 86  ASP A 92  
A 6 GLY A 124 ? ASN A 130 ? GLY A 119 ASN A 125 
A 7 TRP A 157 ? ALA A 161 ? TRP A 152 ALA A 156 
# 
loop_
_pdbx_struct_sheet_hbond.sheet_id 
_pdbx_struct_sheet_hbond.range_id_1 
_pdbx_struct_sheet_hbond.range_id_2 
_pdbx_struct_sheet_hbond.range_1_label_atom_id 
_pdbx_struct_sheet_hbond.range_1_label_comp_id 
_pdbx_struct_sheet_hbond.range_1_label_asym_id 
_pdbx_struct_sheet_hbond.range_1_label_seq_id 
_pdbx_struct_sheet_hbond.range_1_PDB_ins_code 
_pdbx_struct_sheet_hbond.range_1_auth_atom_id 
_pdbx_struct_sheet_hbond.range_1_auth_comp_id 
_pdbx_struct_sheet_hbond.range_1_auth_asym_id 
_pdbx_struct_sheet_hbond.range_1_auth_seq_id 
_pdbx_struct_sheet_hbond.range_2_label_atom_id 
_pdbx_struct_sheet_hbond.range_2_label_comp_id 
_pdbx_struct_sheet_hbond.range_2_label_asym_id 
_pdbx_struct_sheet_hbond.range_2_label_seq_id 
_pdbx_struct_sheet_hbond.range_2_PDB_ins_code 
_pdbx_struct_sheet_hbond.range_2_auth_atom_id 
_pdbx_struct_sheet_hbond.range_2_auth_comp_id 
_pdbx_struct_sheet_hbond.range_2_auth_asym_id 
_pdbx_struct_sheet_hbond.range_2_auth_seq_id 
A 1 2 N HIS A 48  ? N HIS A 43  O VAL A 61  ? O VAL A 56  
A 2 3 N ILE A 60  ? N ILE A 55  O PHE A 67  ? O PHE A 62  
A 3 4 O ARG A 66  ? O ARG A 61  N VAL A 24  ? N VAL A 19  
A 4 5 N ILE A 25  ? N ILE A 20  O ILE A 93  ? O ILE A 88  
A 5 6 N VAL A 96  ? N VAL A 91  O PHE A 128 ? O PHE A 123 
A 6 7 N ILE A 127 ? N ILE A 122 O HIS A 158 ? O HIS A 153 
# 
loop_
_struct_site.id 
_struct_site.pdbx_evidence_code 
_struct_site.pdbx_auth_asym_id 
_struct_site.pdbx_auth_comp_id 
_struct_site.pdbx_auth_seq_id 
_struct_site.pdbx_auth_ins_code 
_struct_site.pdbx_num_residues 
_struct_site.details 
AC1 Software A GDP 201 ? 18 'BINDING SITE FOR RESIDUE GDP A 201' 
AC2 Software A UNX 301 ? 3  'BINDING SITE FOR RESIDUE UNX A 301' 
AC3 Software A UNX 302 ? 2  'BINDING SITE FOR RESIDUE UNX A 302' 
AC4 Software A UNX 303 ? 2  'BINDING SITE FOR RESIDUE UNX A 303' 
# 
loop_
_struct_site_gen.id 
_struct_site_gen.site_id 
_struct_site_gen.pdbx_num_res 
_struct_site_gen.label_comp_id 
_struct_site_gen.label_asym_id 
_struct_site_gen.label_seq_id 
_struct_site_gen.pdbx_auth_ins_code 
_struct_site_gen.auth_comp_id 
_struct_site_gen.auth_asym_id 
_struct_site_gen.auth_seq_id 
_struct_site_gen.label_atom_id 
_struct_site_gen.label_alt_id 
_struct_site_gen.symmetry 
_struct_site_gen.details 
1  AC1 18 LEU A 29  ? LEU A 24  . ? 1_555 ? 
2  AC1 18 ASN A 31  ? ASN A 26  . ? 1_555 ? 
3  AC1 18 ALA A 32  ? ALA A 27  . ? 1_555 ? 
4  AC1 18 GLY A 33  ? GLY A 28  . ? 1_555 ? 
5  AC1 18 LYS A 34  ? LYS A 29  . ? 1_555 ? 
6  AC1 18 THR A 35  ? THR A 30  . ? 1_555 ? 
7  AC1 18 THR A 36  ? THR A 31  . ? 1_555 ? 
8  AC1 18 ASN A 130 ? ASN A 125 . ? 1_555 ? 
9  AC1 18 LYS A 131 ? LYS A 126 . ? 1_555 ? 
10 AC1 18 ASP A 133 ? ASP A 128 . ? 1_555 ? 
11 AC1 18 VAL A 134 ? VAL A 129 . ? 1_555 ? 
12 AC1 18 GLN A 145 ? GLN A 140 . ? 3_655 ? 
13 AC1 18 CYS A 163 ? CYS A 158 . ? 1_555 ? 
14 AC1 18 ALA A 164 ? ALA A 159 . ? 1_555 ? 
15 AC1 18 LEU A 165 ? LEU A 160 . ? 1_555 ? 
16 AC1 18 UNX D .   ? UNX A 302 . ? 1_555 ? 
17 AC1 18 HOH F .   ? HOH A 444 . ? 1_555 ? 
18 AC1 18 HOH F .   ? HOH A 445 . ? 1_555 ? 
19 AC2 3  SER A 144 ? SER A 139 . ? 1_555 ? 
20 AC2 3  GLN A 145 ? GLN A 140 . ? 1_555 ? 
21 AC2 3  THR A 150 ? THR A 145 . ? 1_555 ? 
22 AC3 2  ASP A 71  ? ASP A 66  . ? 1_555 ? 
23 AC3 2  GDP B .   ? GDP A 201 . ? 1_555 ? 
24 AC4 2  GLU A 90  ? GLU A 85  . ? 1_555 ? 
25 AC4 2  LYS A 122 ? LYS A 117 . ? 1_555 ? 
# 
_atom_sites.entry_id                    2H17 
_atom_sites.fract_transf_matrix[1][1]   0.01252049 
_atom_sites.fract_transf_matrix[1][2]   0.01268377 
_atom_sites.fract_transf_matrix[1][3]   -0.01839107 
_atom_sites.fract_transf_matrix[2][1]   -0.01272171 
_atom_sites.fract_transf_matrix[2][2]   0.01591284 
_atom_sites.fract_transf_matrix[2][3]   0.00231377 
_atom_sites.fract_transf_matrix[3][1]   0.00715433 
_atom_sites.fract_transf_matrix[3][2]   0.00455467 
_atom_sites.fract_transf_matrix[3][3]   0.00801183 
_atom_sites.fract_transf_vector[1]      0.200652 
_atom_sites.fract_transf_vector[2]      0.390774 
_atom_sites.fract_transf_vector[3]      0.156459 
# 
loop_
_atom_type.symbol 
C 
N 
O 
P 
S 
X 
# 
loop_
_atom_site.group_PDB 
_atom_site.id 
_atom_site.type_symbol 
_atom_site.label_atom_id 
_atom_site.label_alt_id 
_atom_site.label_comp_id 
_atom_site.label_asym_id 
_atom_site.label_entity_id 
_atom_site.label_seq_id 
_atom_site.pdbx_PDB_ins_code 
_atom_site.Cartn_x 
_atom_site.Cartn_y 
_atom_site.Cartn_z 
_atom_site.occupancy 
_atom_site.B_iso_or_equiv 
_atom_site.pdbx_formal_charge 
_atom_site.auth_seq_id 
_atom_site.auth_comp_id 
_atom_site.auth_asym_id 
_atom_site.auth_atom_id 
_atom_site.pdbx_PDB_model_num 
ATOM   1    N N     . GLU A 1 21  ? -18.268 -2.048  -0.005  1.00 48.64 ? 16  GLU A N     1 
ATOM   2    C CA    . GLU A 1 21  ? -18.293 -3.295  -0.841  1.00 46.99 ? 16  GLU A CA    1 
ATOM   3    C C     . GLU A 1 21  ? -17.062 -3.468  -1.782  1.00 43.07 ? 16  GLU A C     1 
ATOM   4    O O     . GLU A 1 21  ? -17.015 -4.415  -2.586  1.00 44.86 ? 16  GLU A O     1 
ATOM   5    C CB    . GLU A 1 21  ? -19.616 -3.400  -1.626  1.00 49.96 ? 16  GLU A CB    1 
ATOM   6    C CG    . GLU A 1 21  ? -20.040 -2.129  -2.391  1.00 53.72 ? 16  GLU A CG    1 
ATOM   7    C CD    . GLU A 1 21  ? -19.421 -2.014  -3.778  1.00 56.52 ? 16  GLU A CD    1 
ATOM   8    O OE1   . GLU A 1 21  ? -19.192 -3.061  -4.431  1.00 59.10 ? 16  GLU A OE1   1 
ATOM   9    O OE2   . GLU A 1 21  ? -19.183 -0.866  -4.222  1.00 59.32 ? 16  GLU A OE2   1 
ATOM   10   N N     . HIS A 1 22  ? -16.096 -2.549  -1.717  1.00 34.05 ? 17  HIS A N     1 
ATOM   11   C CA    . HIS A 1 22  ? -14.728 -2.850  -2.201  1.00 30.74 ? 17  HIS A CA    1 
ATOM   12   C C     . HIS A 1 22  ? -13.843 -2.821  -0.984  1.00 24.33 ? 17  HIS A C     1 
ATOM   13   O O     . HIS A 1 22  ? -14.110 -2.058  -0.080  1.00 24.45 ? 17  HIS A O     1 
ATOM   14   C CB    . HIS A 1 22  ? -14.243 -1.860  -3.245  1.00 31.36 ? 17  HIS A CB    1 
ATOM   15   C CG    . HIS A 1 22  ? -14.982 -1.952  -4.539  1.00 33.62 ? 17  HIS A CG    1 
ATOM   16   N ND1   . HIS A 1 22  ? -15.025 -3.114  -5.283  1.00 32.29 ? 17  HIS A ND1   1 
ATOM   17   C CD2   . HIS A 1 22  ? -15.743 -1.051  -5.200  1.00 32.73 ? 17  HIS A CD2   1 
ATOM   18   C CE1   . HIS A 1 22  ? -15.765 -2.912  -6.359  1.00 36.63 ? 17  HIS A CE1   1 
ATOM   19   N NE2   . HIS A 1 22  ? -16.212 -1.667  -6.332  1.00 34.05 ? 17  HIS A NE2   1 
ATOM   20   N N     . LYS A 1 23  ? -12.817 -3.670  -0.950  1.00 19.05 ? 18  LYS A N     1 
ATOM   21   C CA    . LYS A 1 23  ? -11.939 -3.776  0.217   1.00 16.52 ? 18  LYS A CA    1 
ATOM   22   C C     . LYS A 1 23  ? -10.464 -3.659  -0.250  1.00 13.41 ? 18  LYS A C     1 
ATOM   23   O O     . LYS A 1 23  ? -9.991  -4.453  -1.043  1.00 15.98 ? 18  LYS A O     1 
ATOM   24   C CB    . LYS A 1 23  ? -12.142 -5.100  0.945   1.00 19.14 ? 18  LYS A CB    1 
ATOM   25   C CG    . LYS A 1 23  ? -11.392 -5.198  2.241   1.00 21.88 ? 18  LYS A CG    1 
ATOM   26   C CD    . LYS A 1 23  ? -11.520 -6.594  2.787   1.00 27.16 ? 18  LYS A CD    1 
ATOM   27   C CE    . LYS A 1 23  ? -10.927 -6.722  4.134   1.00 25.62 ? 18  LYS A CE    1 
ATOM   28   N NZ    . LYS A 1 23  ? -11.377 -7.958  4.833   1.00 27.51 ? 18  LYS A NZ    1 
ATOM   29   N N     . VAL A 1 24  ? -9.765  -2.670  0.284   1.00 16.44 ? 19  VAL A N     1 
ATOM   30   C CA    . VAL A 1 24  ? -8.363  -2.413  -0.090  1.00 14.67 ? 19  VAL A CA    1 
ATOM   31   C C     . VAL A 1 24  ? -7.525  -2.297  1.201   1.00 16.58 ? 19  VAL A C     1 
ATOM   32   O O     . VAL A 1 24  ? -7.952  -1.658  2.182   1.00 18.34 ? 19  VAL A O     1 
ATOM   33   C CB    . VAL A 1 24  ? -8.302  -1.089  -0.898  1.00 16.08 ? 19  VAL A CB    1 
ATOM   34   C CG1   . VAL A 1 24  ? -6.832  -0.707  -1.210  1.00 15.40 ? 19  VAL A CG1   1 
ATOM   35   C CG2   . VAL A 1 24  ? -9.196  -1.219  -2.187  1.00 15.84 ? 19  VAL A CG2   1 
ATOM   36   N N     . ILE A 1 25  ? -6.352  -2.930  1.215   1.00 14.59 ? 20  ILE A N     1 
ATOM   37   C CA    . ILE A 1 25  ? -5.405  -2.814  2.294   1.00 15.28 ? 20  ILE A CA    1 
ATOM   38   C C     . ILE A 1 25  ? -4.323  -1.804  1.851   1.00 15.26 ? 20  ILE A C     1 
ATOM   39   O O     . ILE A 1 25  ? -3.874  -1.856  0.694   1.00 14.42 ? 20  ILE A O     1 
ATOM   40   C CB    . ILE A 1 25  ? -4.739  -4.155  2.585   1.00 18.51 ? 20  ILE A CB    1 
ATOM   41   C CG1   . ILE A 1 25  ? -5.736  -5.095  3.267   1.00 19.36 ? 20  ILE A CG1   1 
ATOM   42   C CG2   . ILE A 1 25  ? -3.412  -4.000  3.351   1.00 16.97 ? 20  ILE A CG2   1 
ATOM   43   C CD1   . ILE A 1 25  ? -5.191  -6.487  3.465   1.00 19.05 ? 20  ILE A CD1   1 
ATOM   44   N N     . ILE A 1 26  ? -3.944  -0.880  2.727   1.00 11.91 ? 21  ILE A N     1 
ATOM   45   C CA    A ILE A 1 26  ? -2.865  0.075   2.415   0.50 10.36 ? 21  ILE A CA    1 
ATOM   46   C CA    B ILE A 1 26  ? -2.845  0.065   2.425   0.50 15.38 ? 21  ILE A CA    1 
ATOM   47   C C     . ILE A 1 26  ? -1.836  -0.022  3.535   1.00 12.71 ? 21  ILE A C     1 
ATOM   48   O O     . ILE A 1 26  ? -2.150  0.272   4.725   1.00 13.23 ? 21  ILE A O     1 
ATOM   49   C CB    A ILE A 1 26  ? -3.403  1.524   2.149   0.50 8.78  ? 21  ILE A CB    1 
ATOM   50   C CB    B ILE A 1 26  ? -3.297  1.522   2.288   0.50 18.24 ? 21  ILE A CB    1 
ATOM   51   C CG1   A ILE A 1 26  ? -2.270  2.518   1.884   0.50 7.82  ? 21  ILE A CG1   1 
ATOM   52   C CG1   B ILE A 1 26  ? -4.521  1.617   1.378   0.50 20.09 ? 21  ILE A CG1   1 
ATOM   53   C CG2   A ILE A 1 26  ? -4.344  2.063   3.320   0.50 3.85  ? 21  ILE A CG2   1 
ATOM   54   C CG2   B ILE A 1 26  ? -2.140  2.401   1.768   0.50 17.59 ? 21  ILE A CG2   1 
ATOM   55   C CD1   A ILE A 1 26  ? -2.751  3.724   1.135   0.50 3.74  ? 21  ILE A CD1   1 
ATOM   56   C CD1   B ILE A 1 26  ? -4.857  3.018   0.965   0.50 22.84 ? 21  ILE A CD1   1 
ATOM   57   N N     . VAL A 1 27  ? -0.620  -0.439  3.163   1.00 11.35 ? 22  VAL A N     1 
ATOM   58   C CA    . VAL A 1 27  ? 0.447   -0.698  4.092   1.00 12.15 ? 22  VAL A CA    1 
ATOM   59   C C     . VAL A 1 27  ? 1.760   -0.021  3.667   1.00 10.62 ? 22  VAL A C     1 
ATOM   60   O O     . VAL A 1 27  ? 1.925   0.415   2.528   1.00 12.32 ? 22  VAL A O     1 
ATOM   61   C CB    . VAL A 1 27  ? 0.650   -2.219  4.297   1.00 14.20 ? 22  VAL A CB    1 
ATOM   62   C CG1   . VAL A 1 27  ? -0.668  -2.826  4.763   1.00 18.13 ? 22  VAL A CG1   1 
ATOM   63   C CG2   . VAL A 1 27  ? 1.110   -2.873  2.999   1.00 16.32 ? 22  VAL A CG2   1 
ATOM   64   N N     . GLY A 1 28  ? 2.662   0.090   4.623   1.00 13.18 ? 23  GLY A N     1 
ATOM   65   C CA    . GLY A 1 28  ? 3.920   0.718   4.420   1.00 13.10 ? 23  GLY A CA    1 
ATOM   66   C C     . GLY A 1 28  ? 4.538   1.061   5.749   1.00 13.99 ? 23  GLY A C     1 
ATOM   67   O O     . GLY A 1 28  ? 3.837   1.063   6.771   1.00 12.30 ? 23  GLY A O     1 
ATOM   68   N N     . LEU A 1 29  ? 5.832   1.333   5.749   1.00 14.78 ? 24  LEU A N     1 
ATOM   69   C CA    . LEU A 1 29  ? 6.498   1.830   6.959   1.00 14.31 ? 24  LEU A CA    1 
ATOM   70   C C     . LEU A 1 29  ? 5.807   3.121   7.451   1.00 13.81 ? 24  LEU A C     1 
ATOM   71   O O     . LEU A 1 29  ? 5.203   3.884   6.683   1.00 12.36 ? 24  LEU A O     1 
ATOM   72   C CB    . LEU A 1 29  ? 7.976   2.092   6.681   1.00 16.61 ? 24  LEU A CB    1 
ATOM   73   C CG    . LEU A 1 29  ? 8.753   0.802   6.384   1.00 16.93 ? 24  LEU A CG    1 
ATOM   74   C CD1   . LEU A 1 29  ? 10.093  1.114   5.763   1.00 17.02 ? 24  LEU A CD1   1 
ATOM   75   C CD2   . LEU A 1 29  ? 8.962   0.004   7.683   1.00 20.28 ? 24  LEU A CD2   1 
ATOM   76   N N     . ASP A 1 30  ? 5.913   3.356   8.752   1.00 13.42 ? 25  ASP A N     1 
ATOM   77   C CA    . ASP A 1 30  ? 5.620   4.659   9.288   1.00 15.57 ? 25  ASP A CA    1 
ATOM   78   C C     . ASP A 1 30  ? 6.302   5.760   8.451   1.00 16.09 ? 25  ASP A C     1 
ATOM   79   O O     . ASP A 1 30  ? 7.458   5.601   8.013   1.00 17.42 ? 25  ASP A O     1 
ATOM   80   C CB    . ASP A 1 30  ? 6.088   4.736   10.755  1.00 19.76 ? 25  ASP A CB    1 
ATOM   81   C CG    . ASP A 1 30  ? 7.570   4.446   10.926  1.00 27.44 ? 25  ASP A CG    1 
ATOM   82   O OD1   . ASP A 1 30  ? 8.000   3.330   10.569  1.00 29.35 ? 25  ASP A OD1   1 
ATOM   83   O OD2   . ASP A 1 30  ? 8.314   5.320   11.457  1.00 35.50 ? 25  ASP A OD2   1 
ATOM   84   N N     . ASN A 1 31  ? 5.576   6.846   8.239   1.00 14.63 ? 26  ASN A N     1 
ATOM   85   C CA    . ASN A 1 31  ? 6.105   8.030   7.553   1.00 16.98 ? 26  ASN A CA    1 
ATOM   86   C C     . ASN A 1 31  ? 6.225   7.850   6.037   1.00 15.24 ? 26  ASN A C     1 
ATOM   87   O O     . ASN A 1 31  ? 6.812   8.688   5.372   1.00 16.06 ? 26  ASN A O     1 
ATOM   88   C CB    . ASN A 1 31  ? 7.487   8.395   8.114   1.00 22.49 ? 26  ASN A CB    1 
ATOM   89   C CG    . ASN A 1 31  ? 7.909   9.782   7.762   1.00 30.12 ? 26  ASN A CG    1 
ATOM   90   O OD1   . ASN A 1 31  ? 7.207   10.734  8.073   1.00 33.50 ? 26  ASN A OD1   1 
ATOM   91   N ND2   . ASN A 1 31  ? 9.086   9.916   7.103   1.00 30.38 ? 26  ASN A ND2   1 
ATOM   92   N N     . ALA A 1 32  ? 5.718   6.750   5.490   1.00 13.04 ? 27  ALA A N     1 
ATOM   93   C CA    . ALA A 1 32  ? 5.808   6.462   4.032   1.00 12.40 ? 27  ALA A CA    1 
ATOM   94   C C     . ALA A 1 32  ? 4.906   7.408   3.192   1.00 11.64 ? 27  ALA A C     1 
ATOM   95   O O     . ALA A 1 32  ? 5.200   7.694   2.030   1.00 13.04 ? 27  ALA A O     1 
ATOM   96   C CB    . ALA A 1 32  ? 5.412   5.003   3.747   1.00 11.25 ? 27  ALA A CB    1 
ATOM   97   N N     . GLY A 1 33  ? 3.799   7.857   3.791   1.00 12.19 ? 28  GLY A N     1 
ATOM   98   C CA    . GLY A 1 33  ? 2.798   8.703   3.120   1.00 10.73 ? 28  GLY A CA    1 
ATOM   99   C C     . GLY A 1 33  ? 1.365   8.137   3.035   1.00 11.28 ? 28  GLY A C     1 
ATOM   100  O O     . GLY A 1 33  ? 0.513   8.652   2.286   1.00 12.32 ? 28  GLY A O     1 
ATOM   101  N N     . LYS A 1 34  ? 1.067   7.093   3.792   1.00 11.12 ? 29  LYS A N     1 
ATOM   102  C CA    . LYS A 1 34  ? -0.226  6.432   3.733   1.00 12.23 ? 29  LYS A CA    1 
ATOM   103  C C     . LYS A 1 34  ? -1.421  7.332   4.014   1.00 11.14 ? 29  LYS A C     1 
ATOM   104  O O     . LYS A 1 34  ? -2.360  7.400   3.249   1.00 13.23 ? 29  LYS A O     1 
ATOM   105  C CB    . LYS A 1 34  ? -0.236  5.238   4.698   1.00 13.62 ? 29  LYS A CB    1 
ATOM   106  C CG    . LYS A 1 34  ? 0.827   4.248   4.406   1.00 13.10 ? 29  LYS A CG    1 
ATOM   107  C CD    . LYS A 1 34  ? 0.770   3.004   5.293   1.00 15.56 ? 29  LYS A CD    1 
ATOM   108  C CE    . LYS A 1 34  ? 0.989   3.299   6.768   1.00 13.84 ? 29  LYS A CE    1 
ATOM   109  N NZ    . LYS A 1 34  ? 2.293   3.840   7.153   1.00 12.87 ? 29  LYS A NZ    1 
ATOM   110  N N     . THR A 1 35  ? -1.360  8.031   5.138   1.00 12.26 ? 30  THR A N     1 
ATOM   111  C CA    . THR A 1 35  ? -2.463  8.874   5.551   1.00 12.87 ? 30  THR A CA    1 
ATOM   112  C C     . THR A 1 35  ? -2.619  10.070  4.603   1.00 13.05 ? 30  THR A C     1 
ATOM   113  O O     . THR A 1 35  ? -3.724  10.460  4.291   1.00 14.57 ? 30  THR A O     1 
ATOM   114  C CB    A THR A 1 35  ? -2.257  9.356   7.029   0.65 13.67 ? 30  THR A CB    1 
ATOM   115  C CB    B THR A 1 35  ? -2.458  9.275   7.046   0.35 14.84 ? 30  THR A CB    1 
ATOM   116  O OG1   A THR A 1 35  ? -0.988  9.963   7.176   0.65 21.64 ? 30  THR A OG1   1 
ATOM   117  O OG1   B THR A 1 35  ? -3.826  9.392   7.479   0.35 14.01 ? 30  THR A OG1   1 
ATOM   118  C CG2   A THR A 1 35  ? -2.325  8.208   7.991   0.65 11.33 ? 30  THR A CG2   1 
ATOM   119  C CG2   B THR A 1 35  ? -1.775  10.578  7.275   0.35 14.78 ? 30  THR A CG2   1 
ATOM   120  N N     . THR A 1 36  ? -1.501  10.633  4.122   1.00 12.89 ? 31  THR A N     1 
ATOM   121  C CA    . THR A 1 36  ? -1.527  11.671  3.070   1.00 11.74 ? 31  THR A CA    1 
ATOM   122  C C     . THR A 1 36  ? -2.201  11.198  1.765   1.00 12.03 ? 31  THR A C     1 
ATOM   123  O O     . THR A 1 36  ? -3.031  11.886  1.133   1.00 13.85 ? 31  THR A O     1 
ATOM   124  C CB    . THR A 1 36  ? -0.104  12.187  2.794   1.00 12.99 ? 31  THR A CB    1 
ATOM   125  O OG1   . THR A 1 36  ? 0.518   12.553  4.029   1.00 15.00 ? 31  THR A OG1   1 
ATOM   126  C CG2   . THR A 1 36  ? -0.111  13.427  1.852   1.00 15.20 ? 31  THR A CG2   1 
ATOM   127  N N     . ILE A 1 37  ? -1.876  9.967   1.356   1.00 12.00 ? 32  ILE A N     1 
ATOM   128  C CA    . ILE A 1 37  ? -2.530  9.385   0.204   1.00 9.41  ? 32  ILE A CA    1 
ATOM   129  C C     . ILE A 1 37  ? -4.036  9.244   0.412   1.00 12.52 ? 32  ILE A C     1 
ATOM   130  O O     . ILE A 1 37  ? -4.823  9.613   -0.455  1.00 13.72 ? 32  ILE A O     1 
ATOM   131  C CB    . ILE A 1 37  ? -1.863  8.077   -0.193  1.00 12.70 ? 32  ILE A CB    1 
ATOM   132  C CG1   . ILE A 1 37  ? -0.454  8.403   -0.747  1.00 11.03 ? 32  ILE A CG1   1 
ATOM   133  C CG2   . ILE A 1 37  ? -2.679  7.365   -1.217  1.00 13.73 ? 32  ILE A CG2   1 
ATOM   134  C CD1   . ILE A 1 37  ? 0.412   7.193   -1.010  1.00 13.34 ? 32  ILE A CD1   1 
ATOM   135  N N     . LEU A 1 38  ? -4.439  8.701   1.555   1.00 14.56 ? 33  LEU A N     1 
ATOM   136  C CA    . LEU A 1 38  ? -5.858  8.565   1.829   1.00 14.27 ? 33  LEU A CA    1 
ATOM   137  C C     . LEU A 1 38  ? -6.560  9.910   1.888   1.00 13.95 ? 33  LEU A C     1 
ATOM   138  O O     . LEU A 1 38  ? -7.697  10.015  1.406   1.00 15.44 ? 33  LEU A O     1 
ATOM   139  C CB    . LEU A 1 38  ? -6.079  7.792   3.117   1.00 17.96 ? 33  LEU A CB    1 
ATOM   140  C CG    . LEU A 1 38  ? -5.713  6.316   3.025   1.00 16.79 ? 33  LEU A CG    1 
ATOM   141  C CD1   . LEU A 1 38  ? -6.186  5.668   4.318   1.00 19.11 ? 33  LEU A CD1   1 
ATOM   142  C CD2   . LEU A 1 38  ? -6.338  5.620   1.841   1.00 18.53 ? 33  LEU A CD2   1 
ATOM   143  N N     . TYR A 1 39  ? -5.911  10.924  2.447   1.00 14.13 ? 34  TYR A N     1 
ATOM   144  C CA    . TYR A 1 39  ? -6.484  12.304  2.382   1.00 16.52 ? 34  TYR A CA    1 
ATOM   145  C C     . TYR A 1 39  ? -6.775  12.724  0.940   1.00 15.86 ? 34  TYR A C     1 
ATOM   146  O O     . TYR A 1 39  ? -7.909  13.185  0.590   1.00 15.40 ? 34  TYR A O     1 
ATOM   147  C CB    . TYR A 1 39  ? -5.591  13.305  3.086   1.00 17.67 ? 34  TYR A CB    1 
ATOM   148  C CG    . TYR A 1 39  ? -6.248  14.633  3.202   1.00 16.59 ? 34  TYR A CG    1 
ATOM   149  C CD1   . TYR A 1 39  ? -7.161  14.863  4.211   1.00 18.41 ? 34  TYR A CD1   1 
ATOM   150  C CD2   . TYR A 1 39  ? -6.051  15.636  2.225   1.00 21.62 ? 34  TYR A CD2   1 
ATOM   151  C CE1   . TYR A 1 39  ? -7.818  16.098  4.313   1.00 22.83 ? 34  TYR A CE1   1 
ATOM   152  C CE2   . TYR A 1 39  ? -6.721  16.864  2.320   1.00 21.22 ? 34  TYR A CE2   1 
ATOM   153  C CZ    . TYR A 1 39  ? -7.604  17.075  3.367   1.00 22.73 ? 34  TYR A CZ    1 
ATOM   154  O OH    . TYR A 1 39  ? -8.297  18.298  3.511   1.00 25.31 ? 34  TYR A OH    1 
ATOM   155  N N     . GLN A 1 40  ? -5.787  12.551  0.069   1.00 15.67 ? 35  GLN A N     1 
ATOM   156  C CA    . GLN A 1 40  ? -5.980  12.875  -1.349  1.00 15.87 ? 35  GLN A CA    1 
ATOM   157  C C     . GLN A 1 40  ? -7.158  12.133  -1.946  1.00 17.35 ? 35  GLN A C     1 
ATOM   158  O O     . GLN A 1 40  ? -8.004  12.742  -2.598  1.00 17.28 ? 35  GLN A O     1 
ATOM   159  C CB    . GLN A 1 40  ? -4.717  12.567  -2.127  1.00 15.68 ? 35  GLN A CB    1 
ATOM   160  C CG    . GLN A 1 40  ? -3.595  13.543  -1.809  1.00 18.99 ? 35  GLN A CG    1 
ATOM   161  C CD    . GLN A 1 40  ? -3.915  14.919  -2.356  1.00 27.30 ? 35  GLN A CD    1 
ATOM   162  O OE1   . GLN A 1 40  ? -4.471  15.056  -3.471  1.00 32.45 ? 35  GLN A OE1   1 
ATOM   163  N NE2   . GLN A 1 40  ? -3.613  15.924  -1.590  1.00 29.98 ? 35  GLN A NE2   1 
ATOM   164  N N     . PHE A 1 41  ? -7.231  10.835  -1.681  1.00 15.59 ? 36  PHE A N     1 
ATOM   165  C CA    . PHE A 1 41  ? -8.332  9.981   -2.182  1.00 19.27 ? 36  PHE A CA    1 
ATOM   166  C C     . PHE A 1 41  ? -9.711  10.510  -1.681  1.00 19.24 ? 36  PHE A C     1 
ATOM   167  O O     . PHE A 1 41  ? -10.717 10.403  -2.380  1.00 22.16 ? 36  PHE A O     1 
ATOM   168  C CB    . PHE A 1 41  ? -8.153  8.554   -1.698  1.00 17.47 ? 36  PHE A CB    1 
ATOM   169  C CG    . PHE A 1 41  ? -7.082  7.730   -2.431  1.00 18.42 ? 36  PHE A CG    1 
ATOM   170  C CD1   . PHE A 1 41  ? -6.383  8.208   -3.526  1.00 20.78 ? 36  PHE A CD1   1 
ATOM   171  C CD2   . PHE A 1 41  ? -6.841  6.421   -2.012  1.00 18.98 ? 36  PHE A CD2   1 
ATOM   172  C CE1   . PHE A 1 41  ? -5.464  7.430   -4.177  1.00 20.28 ? 36  PHE A CE1   1 
ATOM   173  C CE2   . PHE A 1 41  ? -5.914  5.644   -2.648  1.00 20.23 ? 36  PHE A CE2   1 
ATOM   174  C CZ    . PHE A 1 41  ? -5.213  6.165   -3.741  1.00 19.51 ? 36  PHE A CZ    1 
ATOM   175  N N     . SER A 1 42  ? -9.722  11.066  -0.491  1.00 18.32 ? 37  SER A N     1 
ATOM   176  C CA    . SER A 1 42  ? -10.957 11.516  0.193   1.00 19.34 ? 37  SER A CA    1 
ATOM   177  C C     . SER A 1 42  ? -11.462 12.891  -0.232  1.00 23.07 ? 37  SER A C     1 
ATOM   178  O O     . SER A 1 42  ? -12.573 13.281  0.160   1.00 23.82 ? 37  SER A O     1 
ATOM   179  C CB    . SER A 1 42  ? -10.725 11.514  1.704   1.00 19.30 ? 37  SER A CB    1 
ATOM   180  O OG    . SER A 1 42  ? -10.065 12.697  2.105   1.00 25.76 ? 37  SER A OG    1 
ATOM   181  N N     . MET A 1 43  ? -10.668 13.643  -0.990  1.00 22.53 ? 38  MET A N     1 
ATOM   182  C CA    . MET A 1 43  ? -11.046 15.013  -1.352  1.00 27.84 ? 38  MET A CA    1 
ATOM   183  C C     . MET A 1 43  ? -12.287 14.979  -2.239  1.00 28.79 ? 38  MET A C     1 
ATOM   184  O O     . MET A 1 43  ? -12.325 14.235  -3.204  1.00 27.60 ? 38  MET A O     1 
ATOM   185  C CB    . MET A 1 43  ? -9.867  15.755  -2.022  1.00 28.88 ? 38  MET A CB    1 
ATOM   186  C CG    . MET A 1 43  ? -8.985  16.486  -0.986  1.00 32.85 ? 38  MET A CG    1 
ATOM   187  S SD    . MET A 1 43  ? -7.464  17.211  -1.636  1.00 36.93 ? 38  MET A SD    1 
ATOM   188  C CE    . MET A 1 43  ? -8.141  18.337  -2.866  1.00 42.41 ? 38  MET A CE    1 
ATOM   189  N N     . ASN A 1 44  ? -13.311 15.752  -1.846  1.00 33.49 ? 39  ASN A N     1 
ATOM   190  C CA    . ASN A 1 44  ? -14.603 15.858  -2.578  1.00 36.63 ? 39  ASN A CA    1 
ATOM   191  C C     . ASN A 1 44  ? -15.406 14.571  -2.585  1.00 37.46 ? 39  ASN A C     1 
ATOM   192  O O     . ASN A 1 44  ? -16.255 14.384  -3.463  1.00 40.19 ? 39  ASN A O     1 
ATOM   193  C CB    . ASN A 1 44  ? -14.400 16.333  -4.027  1.00 41.59 ? 39  ASN A CB    1 
ATOM   194  C CG    . ASN A 1 44  ? -13.591 17.604  -4.112  1.00 44.86 ? 39  ASN A CG    1 
ATOM   195  O OD1   . ASN A 1 44  ? -12.441 17.597  -4.574  1.00 49.42 ? 39  ASN A OD1   1 
ATOM   196  N ND2   . ASN A 1 44  ? -14.166 18.701  -3.634  1.00 47.20 ? 39  ASN A ND2   1 
ATOM   197  N N     . GLU A 1 45  ? -15.134 13.688  -1.620  1.00 34.92 ? 40  GLU A N     1 
ATOM   198  C CA    . GLU A 1 45  ? -15.832 12.403  -1.492  1.00 36.13 ? 40  GLU A CA    1 
ATOM   199  C C     . GLU A 1 45  ? -16.367 12.253  -0.091  1.00 34.25 ? 40  GLU A C     1 
ATOM   200  O O     . GLU A 1 45  ? -16.001 12.997  0.816   1.00 35.64 ? 40  GLU A O     1 
ATOM   201  C CB    . GLU A 1 45  ? -14.891 11.215  -1.765  1.00 38.14 ? 40  GLU A CB    1 
ATOM   202  C CG    . GLU A 1 45  ? -14.109 11.270  -3.065  1.00 41.81 ? 40  GLU A CG    1 
ATOM   203  C CD    . GLU A 1 45  ? -14.987 11.323  -4.320  1.00 47.31 ? 40  GLU A CD    1 
ATOM   204  O OE1   . GLU A 1 45  ? -16.191 10.964  -4.259  1.00 48.42 ? 40  GLU A OE1   1 
ATOM   205  O OE2   . GLU A 1 45  ? -14.446 11.707  -5.383  1.00 50.34 ? 40  GLU A OE2   1 
ATOM   206  N N     . VAL A 1 46  ? -17.235 11.267  0.102   1.00 34.24 ? 41  VAL A N     1 
ATOM   207  C CA    . VAL A 1 46  ? -17.785 11.016  1.419   1.00 33.40 ? 41  VAL A CA    1 
ATOM   208  C C     . VAL A 1 46  ? -16.763 10.166  2.170   1.00 33.63 ? 41  VAL A C     1 
ATOM   209  O O     . VAL A 1 46  ? -16.281 9.159   1.649   1.00 35.21 ? 41  VAL A O     1 
ATOM   210  C CB    . VAL A 1 46  ? -19.157 10.313  1.364   1.00 35.90 ? 41  VAL A CB    1 
ATOM   211  C CG1   . VAL A 1 46  ? -19.819 10.373  2.734   1.00 38.01 ? 41  VAL A CG1   1 
ATOM   212  C CG2   . VAL A 1 46  ? -20.063 10.954  0.289   1.00 37.43 ? 41  VAL A CG2   1 
ATOM   213  N N     . VAL A 1 47  ? -16.406 10.580  3.375   1.00 33.75 ? 42  VAL A N     1 
ATOM   214  C CA    . VAL A 1 47  ? -15.391 9.855   4.129   1.00 31.27 ? 42  VAL A CA    1 
ATOM   215  C C     . VAL A 1 47  ? -15.731 9.776   5.601   1.00 34.27 ? 42  VAL A C     1 
ATOM   216  O O     . VAL A 1 47  ? -16.182 10.752  6.186   1.00 35.01 ? 42  VAL A O     1 
ATOM   217  C CB    . VAL A 1 47  ? -13.963 10.470  3.905   1.00 31.50 ? 42  VAL A CB    1 
ATOM   218  C CG1   . VAL A 1 47  ? -13.930 11.954  4.268   1.00 33.16 ? 42  VAL A CG1   1 
ATOM   219  C CG2   . VAL A 1 47  ? -12.910 9.698   4.673   1.00 30.25 ? 42  VAL A CG2   1 
ATOM   220  N N     . HIS A 1 48  ? -15.544 8.599   6.197   1.00 31.10 ? 43  HIS A N     1 
ATOM   221  C CA    . HIS A 1 48  ? -15.618 8.474   7.646   1.00 34.56 ? 43  HIS A CA    1 
ATOM   222  C C     . HIS A 1 48  ? -14.718 7.351   8.133   1.00 33.38 ? 43  HIS A C     1 
ATOM   223  O O     . HIS A 1 48  ? -14.396 6.420   7.385   1.00 34.35 ? 43  HIS A O     1 
ATOM   224  C CB    . HIS A 1 48  ? -17.061 8.219   8.092   1.00 34.58 ? 43  HIS A CB    1 
ATOM   225  C CG    . HIS A 1 48  ? -17.555 6.840   7.795   1.00 36.22 ? 43  HIS A CG    1 
ATOM   226  N ND1   . HIS A 1 48  ? -17.514 5.822   8.726   1.00 37.09 ? 43  HIS A ND1   1 
ATOM   227  C CD2   . HIS A 1 48  ? -18.093 6.303   6.676   1.00 37.29 ? 43  HIS A CD2   1 
ATOM   228  C CE1   . HIS A 1 48  ? -18.012 4.719   8.196   1.00 38.08 ? 43  HIS A CE1   1 
ATOM   229  N NE2   . HIS A 1 48  ? -18.365 4.981   6.952   1.00 38.26 ? 43  HIS A NE2   1 
ATOM   230  N N     . THR A 1 49  ? -14.288 7.462   9.387   1.00 33.78 ? 44  THR A N     1 
ATOM   231  C CA    . THR A 1 49  ? -13.569 6.396   10.053  1.00 33.65 ? 44  THR A CA    1 
ATOM   232  C C     . THR A 1 49  ? -14.580 5.319   10.475  1.00 35.74 ? 44  THR A C     1 
ATOM   233  O O     . THR A 1 49  ? -15.555 5.595   11.195  1.00 33.32 ? 44  THR A O     1 
ATOM   234  C CB    . THR A 1 49  ? -12.794 6.923   11.286  1.00 35.56 ? 44  THR A CB    1 
ATOM   235  O OG1   . THR A 1 49  ? -11.919 7.989   10.888  1.00 33.13 ? 44  THR A OG1   1 
ATOM   236  C CG2   . THR A 1 49  ? -11.969 5.804   11.957  1.00 31.30 ? 44  THR A CG2   1 
ATOM   237  N N     . SER A 1 50  ? -14.364 4.092   10.010  1.00 30.61 ? 45  SER A N     1 
ATOM   238  C CA    . SER A 1 50  ? -15.186 2.968   10.439  1.00 31.08 ? 45  SER A CA    1 
ATOM   239  C C     . SER A 1 50  ? -14.516 2.345   11.671  1.00 26.35 ? 45  SER A C     1 
ATOM   240  O O     . SER A 1 50  ? -13.319 2.090   11.652  1.00 27.28 ? 45  SER A O     1 
ATOM   241  C CB    . SER A 1 50  ? -15.333 1.949   9.324   1.00 32.29 ? 45  SER A CB    1 
ATOM   242  O OG    . SER A 1 50  ? -16.257 0.933   9.688   1.00 35.68 ? 45  SER A OG    1 
ATOM   243  N N     . PRO A 1 51  ? -15.273 2.163   12.780  1.00 25.83 ? 46  PRO A N     1 
ATOM   244  C CA    . PRO A 1 51  ? -14.655 1.644   14.004  1.00 23.91 ? 46  PRO A CA    1 
ATOM   245  C C     . PRO A 1 51  ? -14.098 0.256   13.841  1.00 25.72 ? 46  PRO A C     1 
ATOM   246  O O     . PRO A 1 51  ? -14.758 -0.599  13.224  1.00 24.68 ? 46  PRO A O     1 
ATOM   247  C CB    . PRO A 1 51  ? -15.823 1.644   15.019  1.00 25.86 ? 46  PRO A CB    1 
ATOM   248  C CG    . PRO A 1 51  ? -16.810 2.614   14.453  1.00 26.67 ? 46  PRO A CG    1 
ATOM   249  C CD    . PRO A 1 51  ? -16.705 2.456   12.972  1.00 24.88 ? 46  PRO A CD    1 
ATOM   250  N N     . THR A 1 52  ? -12.875 0.060   14.349  1.00 24.90 ? 47  THR A N     1 
ATOM   251  C CA    . THR A 1 52  ? -12.252 -1.243  14.421  1.00 27.79 ? 47  THR A CA    1 
ATOM   252  C C     . THR A 1 52  ? -11.986 -1.629  15.876  1.00 27.36 ? 47  THR A C     1 
ATOM   253  O O     . THR A 1 52  ? -11.595 -0.798  16.660  1.00 24.03 ? 47  THR A O     1 
ATOM   254  C CB    . THR A 1 52  ? -10.931 -1.240  13.689  1.00 29.21 ? 47  THR A CB    1 
ATOM   255  O OG1   . THR A 1 52  ? -10.105 -0.203  14.219  1.00 27.35 ? 47  THR A OG1   1 
ATOM   256  C CG2   . THR A 1 52  ? -11.161 -0.998  12.192  1.00 29.52 ? 47  THR A CG2   1 
ATOM   257  N N     . ILE A 1 53  ? -12.167 -2.907  16.214  1.00 29.17 ? 48  ILE A N     1 
ATOM   258  C CA    . ILE A 1 53  ? -11.943 -3.362  17.589  1.00 31.84 ? 48  ILE A CA    1 
ATOM   259  C C     . ILE A 1 53  ? -10.523 -3.056  18.112  1.00 32.06 ? 48  ILE A C     1 
ATOM   260  O O     . ILE A 1 53  ? -10.372 -2.562  19.240  1.00 31.67 ? 48  ILE A O     1 
ATOM   261  C CB    . ILE A 1 53  ? -12.279 -4.869  17.751  1.00 32.65 ? 48  ILE A CB    1 
ATOM   262  C CG1   . ILE A 1 53  ? -12.557 -5.219  19.209  1.00 32.87 ? 48  ILE A CG1   1 
ATOM   263  C CG2   . ILE A 1 53  ? -11.170 -5.774  17.156  1.00 35.65 ? 48  ILE A CG2   1 
ATOM   264  C CD1   . ILE A 1 53  ? -13.144 -6.629  19.326  1.00 33.75 ? 48  ILE A CD1   1 
ATOM   265  N N     . GLY A 1 54  ? -9.498  -3.294  17.295  1.00 32.09 ? 49  GLY A N     1 
ATOM   266  C CA    . GLY A 1 54  ? -8.105  -3.140  17.787  1.00 32.72 ? 49  GLY A CA    1 
ATOM   267  C C     . GLY A 1 54  ? -7.563  -1.724  17.655  1.00 30.02 ? 49  GLY A C     1 
ATOM   268  O O     . GLY A 1 54  ? -8.296  -0.811  17.286  1.00 31.49 ? 49  GLY A O     1 
ATOM   269  N N     . SER A 1 55  ? -6.286  -1.550  17.989  1.00 28.60 ? 50  SER A N     1 
ATOM   270  C CA    A SER A 1 55  ? -5.583  -0.277  17.784  0.50 30.69 ? 50  SER A CA    1 
ATOM   271  C CA    B SER A 1 55  ? -5.577  -0.276  17.789  0.50 28.61 ? 50  SER A CA    1 
ATOM   272  C C     . SER A 1 55  ? -4.541  -0.417  16.662  1.00 32.63 ? 50  SER A C     1 
ATOM   273  O O     . SER A 1 55  ? -3.850  0.547   16.306  1.00 35.75 ? 50  SER A O     1 
ATOM   274  C CB    A SER A 1 55  ? -4.919  0.171   19.091  0.50 31.03 ? 50  SER A CB    1 
ATOM   275  C CB    B SER A 1 55  ? -4.880  0.161   19.084  0.50 26.89 ? 50  SER A CB    1 
ATOM   276  O OG    A SER A 1 55  ? -4.425  -0.940  19.821  0.50 30.93 ? 50  SER A OG    1 
ATOM   277  O OG    B SER A 1 55  ? -5.809  0.375   20.138  0.50 21.67 ? 50  SER A OG    1 
ATOM   278  N N     . ASN A 1 56  ? -4.454  -1.619  16.105  1.00 32.36 ? 51  ASN A N     1 
ATOM   279  C CA    . ASN A 1 56  ? -3.477  -1.976  15.078  1.00 35.18 ? 51  ASN A CA    1 
ATOM   280  C C     . ASN A 1 56  ? -3.878  -1.424  13.713  1.00 34.50 ? 51  ASN A C     1 
ATOM   281  O O     . ASN A 1 56  ? -3.114  -0.704  13.053  1.00 39.88 ? 51  ASN A O     1 
ATOM   282  C CB    . ASN A 1 56  ? -3.312  -3.516  15.026  1.00 37.01 ? 51  ASN A CB    1 
ATOM   283  C CG    . ASN A 1 56  ? -4.672  -4.289  15.005  1.00 42.99 ? 51  ASN A CG    1 
ATOM   284  O OD1   . ASN A 1 56  ? -5.687  -3.816  15.554  1.00 43.68 ? 51  ASN A OD1   1 
ATOM   285  N ND2   . ASN A 1 56  ? -4.678  -5.482  14.378  1.00 45.16 ? 51  ASN A ND2   1 
ATOM   286  N N     . VAL A 1 57  ? -5.097  -1.738  13.308  1.00 31.21 ? 52  VAL A N     1 
ATOM   287  C CA    . VAL A 1 57  ? -5.609  -1.317  12.007  1.00 27.84 ? 52  VAL A CA    1 
ATOM   288  C C     . VAL A 1 57  ? -6.556  -0.104  12.125  1.00 31.87 ? 52  VAL A C     1 
ATOM   289  O O     . VAL A 1 57  ? -7.299  0.037   13.110  1.00 27.67 ? 52  VAL A O     1 
ATOM   290  C CB    . VAL A 1 57  ? -6.290  -2.492  11.323  1.00 30.36 ? 52  VAL A CB    1 
ATOM   291  C CG1   . VAL A 1 57  ? -6.858  -2.085  9.996   1.00 29.14 ? 52  VAL A CG1   1 
ATOM   292  C CG2   . VAL A 1 57  ? -5.269  -3.680  11.168  1.00 30.53 ? 52  VAL A CG2   1 
ATOM   293  N N     . GLU A 1 58  ? -6.497  0.785   11.131  1.00 23.28 ? 53  GLU A N     1 
ATOM   294  C CA    . GLU A 1 58  ? -7.455  1.881   10.988  1.00 25.42 ? 53  GLU A CA    1 
ATOM   295  C C     . GLU A 1 58  ? -8.262  1.632   9.719   1.00 27.47 ? 53  GLU A C     1 
ATOM   296  O O     . GLU A 1 58  ? -7.705  1.326   8.670   1.00 26.50 ? 53  GLU A O     1 
ATOM   297  C CB    . GLU A 1 58  ? -6.722  3.207   10.917  1.00 31.42 ? 53  GLU A CB    1 
ATOM   298  C CG    . GLU A 1 58  ? -7.582  4.423   11.181  1.00 37.80 ? 53  GLU A CG    1 
ATOM   299  C CD    . GLU A 1 58  ? -6.779  5.641   11.655  1.00 40.65 ? 53  GLU A CD    1 
ATOM   300  O OE1   . GLU A 1 58  ? -5.624  5.483   12.136  1.00 45.54 ? 53  GLU A OE1   1 
ATOM   301  O OE2   . GLU A 1 58  ? -7.324  6.764   11.554  1.00 46.22 ? 53  GLU A OE2   1 
ATOM   302  N N     . GLU A 1 59  ? -9.582  1.727   9.824   1.00 22.36 ? 54  GLU A N     1 
ATOM   303  C CA    . GLU A 1 59  ? -10.464 1.499   8.673   1.00 21.18 ? 54  GLU A CA    1 
ATOM   304  C C     . GLU A 1 59  ? -11.050 2.830   8.235   1.00 24.46 ? 54  GLU A C     1 
ATOM   305  O O     . GLU A 1 59  ? -11.708 3.512   9.024   1.00 24.44 ? 54  GLU A O     1 
ATOM   306  C CB    . GLU A 1 59  ? -11.560 0.509   9.052   1.00 21.53 ? 54  GLU A CB    1 
ATOM   307  C CG    . GLU A 1 59  ? -12.472 0.052   7.907   1.00 30.07 ? 54  GLU A CG    1 
ATOM   308  C CD    . GLU A 1 59  ? -13.365 -1.119  8.352   1.00 33.63 ? 54  GLU A CD    1 
ATOM   309  O OE1   . GLU A 1 59  ? -14.609 -1.053  8.180   1.00 43.43 ? 54  GLU A OE1   1 
ATOM   310  O OE2   . GLU A 1 59  ? -12.806 -2.085  8.907   1.00 40.80 ? 54  GLU A OE2   1 
ATOM   311  N N     . ILE A 1 60  ? -10.774 3.211   6.991   1.00 19.69 ? 55  ILE A N     1 
ATOM   312  C CA    . ILE A 1 60  ? -11.216 4.459   6.416   1.00 22.64 ? 55  ILE A CA    1 
ATOM   313  C C     . ILE A 1 60  ? -12.098 4.124   5.228   1.00 25.89 ? 55  ILE A C     1 
ATOM   314  O O     . ILE A 1 60  ? -11.655 3.466   4.257   1.00 22.50 ? 55  ILE A O     1 
ATOM   315  C CB    . ILE A 1 60  ? -10.007 5.326   5.930   1.00 24.11 ? 55  ILE A CB    1 
ATOM   316  C CG1   . ILE A 1 60  ? -8.990  5.501   7.070   1.00 25.87 ? 55  ILE A CG1   1 
ATOM   317  C CG2   . ILE A 1 60  ? -10.470 6.646   5.411   1.00 24.58 ? 55  ILE A CG2   1 
ATOM   318  C CD1   . ILE A 1 60  ? -9.552  6.162   8.298   1.00 29.44 ? 55  ILE A CD1   1 
ATOM   319  N N     . VAL A 1 61  ? -13.358 4.519   5.307   1.00 23.32 ? 56  VAL A N     1 
ATOM   320  C CA    . VAL A 1 61  ? -14.281 4.291   4.213   1.00 19.86 ? 56  VAL A CA    1 
ATOM   321  C C     . VAL A 1 61  ? -14.394 5.568   3.391   1.00 24.01 ? 56  VAL A C     1 
ATOM   322  O O     . VAL A 1 61  ? -14.724 6.634   3.924   1.00 23.63 ? 56  VAL A O     1 
ATOM   323  C CB    . VAL A 1 61  ? -15.673 3.817   4.722   1.00 25.73 ? 56  VAL A CB    1 
ATOM   324  C CG1   . VAL A 1 61  ? -16.636 3.589   3.564   1.00 27.45 ? 56  VAL A CG1   1 
ATOM   325  C CG2   . VAL A 1 61  ? -15.524 2.537   5.529   1.00 20.89 ? 56  VAL A CG2   1 
ATOM   326  N N     . ILE A 1 62  ? -14.115 5.440   2.089   1.00 19.49 ? 57  ILE A N     1 
ATOM   327  C CA    . ILE A 1 62  ? -14.233 6.541   1.152   1.00 21.81 ? 57  ILE A CA    1 
ATOM   328  C C     . ILE A 1 62  ? -15.190 6.104   0.075   1.00 23.90 ? 57  ILE A C     1 
ATOM   329  O O     . ILE A 1 62  ? -14.893 5.191   -0.680  1.00 23.72 ? 57  ILE A O     1 
ATOM   330  C CB    . ILE A 1 62  ? -12.867 6.909   0.517   1.00 22.81 ? 57  ILE A CB    1 
ATOM   331  C CG1   . ILE A 1 62  ? -11.897 7.284   1.607   1.00 22.66 ? 57  ILE A CG1   1 
ATOM   332  C CG2   . ILE A 1 62  ? -13.015 8.077   -0.471  1.00 25.35 ? 57  ILE A CG2   1 
ATOM   333  C CD1   . ILE A 1 62  ? -10.476 7.629   1.096   1.00 23.70 ? 57  ILE A CD1   1 
ATOM   334  N N     . ASN A 1 63  ? -16.355 6.740   0.037   1.00 27.98 ? 58  ASN A N     1 
ATOM   335  C CA    . ASN A 1 63  ? -17.468 6.247   -0.781  1.00 30.84 ? 58  ASN A CA    1 
ATOM   336  C C     . ASN A 1 63  ? -17.818 4.765   -0.475  1.00 30.10 ? 58  ASN A C     1 
ATOM   337  O O     . ASN A 1 63  ? -18.179 4.443   0.667   1.00 33.00 ? 58  ASN A O     1 
ATOM   338  C CB    . ASN A 1 63  ? -17.170 6.518   -2.255  1.00 32.95 ? 58  ASN A CB    1 
ATOM   339  C CG    . ASN A 1 63  ? -17.051 8.013   -2.557  1.00 37.21 ? 58  ASN A CG    1 
ATOM   340  O OD1   . ASN A 1 63  ? -17.553 8.863   -1.801  1.00 38.14 ? 58  ASN A OD1   1 
ATOM   341  N ND2   . ASN A 1 63  ? -16.394 8.341   -3.665  1.00 40.74 ? 58  ASN A ND2   1 
ATOM   342  N N     . ASN A 1 64  ? -17.693 3.873   -1.455  1.00 28.08 ? 59  ASN A N     1 
ATOM   343  C CA    . ASN A 1 64  ? -17.980 2.458   -1.241  1.00 32.67 ? 59  ASN A CA    1 
ATOM   344  C C     . ASN A 1 64  ? -16.714 1.586   -1.112  1.00 31.77 ? 59  ASN A C     1 
ATOM   345  O O     . ASN A 1 64  ? -16.794 0.365   -1.229  1.00 31.91 ? 59  ASN A O     1 
ATOM   346  C CB    . ASN A 1 64  ? -18.885 1.905   -2.357  1.00 41.22 ? 59  ASN A CB    1 
ATOM   347  C CG    . ASN A 1 64  ? -20.265 2.531   -2.341  1.00 46.24 ? 59  ASN A CG    1 
ATOM   348  O OD1   . ASN A 1 64  ? -21.237 1.921   -1.875  1.00 50.65 ? 59  ASN A OD1   1 
ATOM   349  N ND2   . ASN A 1 64  ? -20.357 3.760   -2.841  1.00 49.36 ? 59  ASN A ND2   1 
ATOM   350  N N     . THR A 1 65  ? -15.567 2.212   -0.848  1.00 26.86 ? 60  THR A N     1 
ATOM   351  C CA    . THR A 1 65  ? -14.314 1.462   -0.646  1.00 23.67 ? 60  THR A CA    1 
ATOM   352  C C     . THR A 1 65  ? -13.854 1.546   0.813   1.00 22.24 ? 60  THR A C     1 
ATOM   353  O O     . THR A 1 65  ? -13.716 2.642   1.356   1.00 20.66 ? 60  THR A O     1 
ATOM   354  C CB    . THR A 1 65  ? -13.188 1.967   -1.556  1.00 23.33 ? 60  THR A CB    1 
ATOM   355  O OG1   . THR A 1 65  ? -13.614 1.946   -2.933  1.00 26.24 ? 60  THR A OG1   1 
ATOM   356  C CG2   . THR A 1 65  ? -11.942 1.113   -1.409  1.00 21.50 ? 60  THR A CG2   1 
ATOM   357  N N     . ARG A 1 66  ? -13.640 0.388   1.420   1.00 19.06 ? 61  ARG A N     1 
ATOM   358  C CA    . ARG A 1 66  ? -13.067 0.295   2.741   1.00 19.35 ? 61  ARG A CA    1 
ATOM   359  C C     . ARG A 1 66  ? -11.559 0.101   2.619   1.00 20.55 ? 61  ARG A C     1 
ATOM   360  O O     . ARG A 1 66  ? -11.099 -0.886  2.064   1.00 21.18 ? 61  ARG A O     1 
ATOM   361  C CB    . ARG A 1 66  ? -13.599 -0.895  3.515   1.00 21.68 ? 61  ARG A CB    1 
ATOM   362  C CG    . ARG A 1 66  ? -15.066 -1.088  3.531   1.00 32.25 ? 61  ARG A CG    1 
ATOM   363  C CD    . ARG A 1 66  ? -15.355 -2.525  3.993   1.00 35.26 ? 61  ARG A CD    1 
ATOM   364  N NE    . ARG A 1 66  ? -14.620 -2.848  5.227   1.00 37.72 ? 61  ARG A NE    1 
ATOM   365  C CZ    . ARG A 1 66  ? -14.350 -4.089  5.654   1.00 41.46 ? 61  ARG A CZ    1 
ATOM   366  N NH1   . ARG A 1 66  ? -14.747 -5.153  4.956   1.00 43.41 ? 61  ARG A NH1   1 
ATOM   367  N NH2   . ARG A 1 66  ? -13.672 -4.272  6.792   1.00 41.63 ? 61  ARG A NH2   1 
ATOM   368  N N     . PHE A 1 67  ? -10.810 1.049   3.147   1.00 16.71 ? 62  PHE A N     1 
ATOM   369  C CA    . PHE A 1 67  ? -9.335  0.974   3.213   1.00 16.52 ? 62  PHE A CA    1 
ATOM   370  C C     . PHE A 1 67  ? -8.925  0.593   4.601   1.00 20.55 ? 62  PHE A C     1 
ATOM   371  O O     . PHE A 1 67  ? -9.289  1.303   5.585   1.00 24.04 ? 62  PHE A O     1 
ATOM   372  C CB    . PHE A 1 67  ? -8.749  2.325   2.930   1.00 15.81 ? 62  PHE A CB    1 
ATOM   373  C CG    . PHE A 1 67  ? -8.898  2.775   1.490   1.00 17.16 ? 62  PHE A CG    1 
ATOM   374  C CD1   . PHE A 1 67  ? -7.940  2.447   0.554   1.00 17.10 ? 62  PHE A CD1   1 
ATOM   375  C CD2   . PHE A 1 67  ? -9.969  3.538   1.088   1.00 16.54 ? 62  PHE A CD2   1 
ATOM   376  C CE1   . PHE A 1 67  ? -8.044  2.830   -0.723  1.00 18.39 ? 62  PHE A CE1   1 
ATOM   377  C CE2   . PHE A 1 67  ? -10.065 3.971   -0.204  1.00 19.87 ? 62  PHE A CE2   1 
ATOM   378  C CZ    . PHE A 1 67  ? -9.078  3.600   -1.130  1.00 18.83 ? 62  PHE A CZ    1 
ATOM   379  N N     . LEU A 1 68  ? -8.171  -0.482  4.702   1.00 15.86 ? 63  LEU A N     1 
ATOM   380  C CA    A LEU A 1 68  ? -7.622  -0.934  5.966   0.50 15.66 ? 63  LEU A CA    1 
ATOM   381  C CA    B LEU A 1 68  ? -7.620  -0.937  5.968   0.50 16.82 ? 63  LEU A CA    1 
ATOM   382  C C     . LEU A 1 68  ? -6.140  -0.576  5.995   1.00 17.77 ? 63  LEU A C     1 
ATOM   383  O O     . LEU A 1 68  ? -5.382  -1.042  5.147   1.00 18.36 ? 63  LEU A O     1 
ATOM   384  C CB    A LEU A 1 68  ? -7.800  -2.434  6.123   0.50 19.66 ? 63  LEU A CB    1 
ATOM   385  C CB    B LEU A 1 68  ? -7.777  -2.441  6.134   0.50 20.42 ? 63  LEU A CB    1 
ATOM   386  C CG    A LEU A 1 68  ? -9.262  -2.857  6.182   0.50 20.88 ? 63  LEU A CG    1 
ATOM   387  C CG    B LEU A 1 68  ? -9.123  -2.974  6.610   0.50 21.66 ? 63  LEU A CG    1 
ATOM   388  C CD1   A LEU A 1 68  ? -9.414  -4.315  5.757   0.50 24.20 ? 63  LEU A CD1   1 
ATOM   389  C CD1   B LEU A 1 68  ? -10.262 -2.690  5.616   0.50 24.44 ? 63  LEU A CD1   1 
ATOM   390  C CD2   A LEU A 1 68  ? -9.816  -2.602  7.582   0.50 19.79 ? 63  LEU A CD2   1 
ATOM   391  C CD2   B LEU A 1 68  ? -8.944  -4.442  6.837   0.50 22.06 ? 63  LEU A CD2   1 
ATOM   392  N N     . MET A 1 69  ? -5.756  0.241   6.973   1.00 16.26 ? 64  MET A N     1 
ATOM   393  C CA    . MET A 1 69  ? -4.423  0.855   7.009   1.00 15.40 ? 64  MET A CA    1 
ATOM   394  C C     . MET A 1 69  ? -3.651  0.462   8.222   1.00 17.66 ? 64  MET A C     1 
ATOM   395  O O     . MET A 1 69  ? -4.155  0.570   9.370   1.00 18.87 ? 64  MET A O     1 
ATOM   396  C CB    . MET A 1 69  ? -4.508  2.394   6.989   1.00 18.00 ? 64  MET A CB    1 
ATOM   397  C CG    . MET A 1 69  ? -3.145  3.119   7.102   1.00 19.37 ? 64  MET A CG    1 
ATOM   398  S SD    . MET A 1 69  ? -3.314  4.859   6.744   1.00 22.14 ? 64  MET A SD    1 
ATOM   399  C CE    . MET A 1 69  ? -4.489  5.422   8.024   1.00 23.14 ? 64  MET A CE    1 
ATOM   400  N N     . TRP A 1 70  ? -2.403  0.064   8.015   1.00 15.34 ? 65  TRP A N     1 
ATOM   401  C CA    . TRP A 1 70  ? -1.494  -0.122  9.117   1.00 15.95 ? 65  TRP A CA    1 
ATOM   402  C C     . TRP A 1 70  ? -0.055  0.036   8.733   1.00 15.38 ? 65  TRP A C     1 
ATOM   403  O O     . TRP A 1 70  ? 0.284   -0.082  7.541   1.00 12.61 ? 65  TRP A O     1 
ATOM   404  C CB    . TRP A 1 70  ? -1.662  -1.497  9.747   1.00 17.21 ? 65  TRP A CB    1 
ATOM   405  C CG    . TRP A 1 70  ? -1.390  -2.683  8.900   1.00 17.00 ? 65  TRP A CG    1 
ATOM   406  C CD1   . TRP A 1 70  ? -0.212  -3.316  8.761   1.00 18.62 ? 65  TRP A CD1   1 
ATOM   407  C CD2   . TRP A 1 70  ? -2.355  -3.472  8.222   1.00 16.54 ? 65  TRP A CD2   1 
ATOM   408  N NE1   . TRP A 1 70  ? -0.348  -4.432  7.969   1.00 18.47 ? 65  TRP A NE1   1 
ATOM   409  C CE2   . TRP A 1 70  ? -1.663  -4.551  7.621   1.00 18.28 ? 65  TRP A CE2   1 
ATOM   410  C CE3   . TRP A 1 70  ? -3.743  -3.369  8.058   1.00 17.65 ? 65  TRP A CE3   1 
ATOM   411  C CZ2   . TRP A 1 70  ? -2.315  -5.534  6.860   1.00 17.48 ? 65  TRP A CZ2   1 
ATOM   412  C CZ3   . TRP A 1 70  ? -4.400  -4.346  7.283   1.00 19.11 ? 65  TRP A CZ3   1 
ATOM   413  C CH2   . TRP A 1 70  ? -3.670  -5.407  6.709   1.00 16.83 ? 65  TRP A CH2   1 
ATOM   414  N N     . ASP A 1 71  ? 0.758   0.301   9.741   1.00 14.84 ? 66  ASP A N     1 
ATOM   415  C CA    . ASP A 1 71  ? 2.219   0.452   9.594   1.00 14.11 ? 66  ASP A CA    1 
ATOM   416  C C     . ASP A 1 71  ? 2.867   -0.922  9.684   1.00 19.26 ? 66  ASP A C     1 
ATOM   417  O O     . ASP A 1 71  ? 2.508   -1.752  10.574  1.00 19.62 ? 66  ASP A O     1 
ATOM   418  C CB    . ASP A 1 71  ? 2.829   1.325   10.687  1.00 18.71 ? 66  ASP A CB    1 
ATOM   419  C CG    . ASP A 1 71  ? 2.241   2.712   10.745  1.00 24.66 ? 66  ASP A CG    1 
ATOM   420  O OD1   . ASP A 1 71  ? 2.154   3.382   9.720   1.00 19.83 ? 66  ASP A OD1   1 
ATOM   421  O OD2   . ASP A 1 71  ? 1.842   3.149   11.850  1.00 33.53 ? 66  ASP A OD2   1 
ATOM   422  N N     . ILE A 1 72  ? 3.861   -1.158  8.835   1.00 17.17 ? 67  ILE A N     1 
ATOM   423  C CA    . ILE A 1 72  ? 4.604   -2.418  8.901   1.00 21.04 ? 67  ILE A CA    1 
ATOM   424  C C     . ILE A 1 72  ? 5.910   -2.224  9.640   1.00 21.62 ? 67  ILE A C     1 
ATOM   425  O O     . ILE A 1 72  ? 6.337   -1.104  9.875   1.00 21.28 ? 67  ILE A O     1 
ATOM   426  C CB    . ILE A 1 72  ? 4.865   -3.077  7.512   1.00 27.56 ? 67  ILE A CB    1 
ATOM   427  C CG1   . ILE A 1 72  ? 5.812   -2.230  6.663   1.00 28.75 ? 67  ILE A CG1   1 
ATOM   428  C CG2   . ILE A 1 72  ? 3.562   -3.374  6.789   1.00 26.92 ? 67  ILE A CG2   1 
ATOM   429  C CD1   . ILE A 1 72  ? 5.938   -2.708  5.192   1.00 29.58 ? 67  ILE A CD1   1 
ATOM   430  N N     . GLY A 1 73  ? 6.513   -3.347  10.030  1.00 26.74 ? 68  GLY A N     1 
ATOM   431  C CA    . GLY A 1 73  ? 7.840   -3.347  10.615  1.00 30.71 ? 68  GLY A CA    1 
ATOM   432  C C     . GLY A 1 73  ? 7.945   -3.171  12.113  1.00 34.71 ? 68  GLY A C     1 
ATOM   433  O O     . GLY A 1 73  ? 9.054   -2.946  12.635  1.00 40.77 ? 68  GLY A O     1 
ATOM   434  N N     . GLY A 1 74  ? 6.834   -3.296  12.823  1.00 32.16 ? 69  GLY A N     1 
ATOM   435  C CA    . GLY A 1 74  ? 6.886   -3.110  14.275  1.00 35.84 ? 69  GLY A CA    1 
ATOM   436  C C     . GLY A 1 74  ? 6.741   -4.432  14.997  1.00 34.25 ? 69  GLY A C     1 
ATOM   437  O O     . GLY A 1 74  ? 6.963   -5.504  14.432  1.00 31.10 ? 69  GLY A O     1 
ATOM   438  N N     . GLN A 1 75  ? 6.361   -4.332  16.262  1.00 34.01 ? 70  GLN A N     1 
ATOM   439  C CA    . GLN A 1 75  ? 5.933   -5.473  17.063  1.00 31.31 ? 70  GLN A CA    1 
ATOM   440  C C     . GLN A 1 75  ? 4.874   -6.300  16.363  1.00 29.97 ? 70  GLN A C     1 
ATOM   441  O O     . GLN A 1 75  ? 4.916   -7.518  16.358  1.00 26.89 ? 70  GLN A O     1 
ATOM   442  C CB    . GLN A 1 75  ? 5.321   -4.944  18.368  1.00 33.39 ? 70  GLN A CB    1 
ATOM   443  C CG    . GLN A 1 75  ? 5.153   -5.978  19.429  1.00 34.74 ? 70  GLN A CG    1 
ATOM   444  C CD    . GLN A 1 75  ? 4.424   -5.442  20.637  1.00 33.55 ? 70  GLN A CD    1 
ATOM   445  O OE1   . GLN A 1 75  ? 4.892   -5.575  21.743  1.00 36.17 ? 70  GLN A OE1   1 
ATOM   446  N NE2   . GLN A 1 75  ? 3.263   -4.836  20.414  1.00 37.52 ? 70  GLN A NE2   1 
ATOM   447  N N     . GLU A 1 76  ? 3.882   -5.626  15.800  1.00 29.11 ? 71  GLU A N     1 
ATOM   448  C CA    . GLU A 1 76  ? 2.780   -6.320  15.163  1.00 29.00 ? 71  GLU A CA    1 
ATOM   449  C C     . GLU A 1 76  ? 3.232   -7.152  13.950  1.00 27.70 ? 71  GLU A C     1 
ATOM   450  O O     . GLU A 1 76  ? 2.663   -8.202  13.689  1.00 28.45 ? 71  GLU A O     1 
ATOM   451  C CB    . GLU A 1 76  ? 1.660   -5.340  14.796  1.00 30.04 ? 71  GLU A CB    1 
ATOM   452  N N     . SER A 1 77  ? 4.284   -6.722  13.261  1.00 26.87 ? 72  SER A N     1 
ATOM   453  C CA    . SER A 1 77  ? 4.867   -7.553  12.190  1.00 30.70 ? 72  SER A CA    1 
ATOM   454  C C     . SER A 1 77  ? 5.450   -8.883  12.705  1.00 27.58 ? 72  SER A C     1 
ATOM   455  O O     . SER A 1 77  ? 5.628   -9.809  11.930  1.00 29.66 ? 72  SER A O     1 
ATOM   456  C CB    . SER A 1 77  ? 5.932   -6.783  11.421  1.00 33.91 ? 72  SER A CB    1 
ATOM   457  O OG    . SER A 1 77  ? 5.306   -5.794  10.620  1.00 35.77 ? 72  SER A OG    1 
ATOM   458  N N     . LEU A 1 78  ? 5.771   -8.961  13.999  1.00 24.22 ? 73  LEU A N     1 
ATOM   459  C CA    . LEU A 1 78  ? 6.207   -10.242 14.625  1.00 26.96 ? 73  LEU A CA    1 
ATOM   460  C C     . LEU A 1 78  ? 5.098   -11.260 14.765  1.00 33.53 ? 73  LEU A C     1 
ATOM   461  O O     . LEU A 1 78  ? 5.349   -12.424 15.039  1.00 40.30 ? 73  LEU A O     1 
ATOM   462  C CB    . LEU A 1 78  ? 6.788   -10.001 16.022  1.00 26.27 ? 73  LEU A CB    1 
ATOM   463  C CG    . LEU A 1 78  ? 8.157   -9.358  15.997  1.00 26.64 ? 73  LEU A CG    1 
ATOM   464  C CD1   . LEU A 1 78  ? 8.599   -8.998  17.404  1.00 21.27 ? 73  LEU A CD1   1 
ATOM   465  C CD2   . LEU A 1 78  ? 9.118   -10.330 15.305  1.00 26.28 ? 73  LEU A CD2   1 
ATOM   466  N N     . ARG A 1 79  ? 3.880   -10.802 14.591  1.00 33.14 ? 74  ARG A N     1 
ATOM   467  C CA    . ARG A 1 79  ? 2.698   -11.605 14.778  1.00 39.17 ? 74  ARG A CA    1 
ATOM   468  C C     . ARG A 1 79  ? 1.758   -11.581 13.552  1.00 41.83 ? 74  ARG A C     1 
ATOM   469  O O     . ARG A 1 79  ? 1.172   -12.605 13.186  1.00 44.14 ? 74  ARG A O     1 
ATOM   470  C CB    . ARG A 1 79  ? 1.962   -11.048 15.990  1.00 35.80 ? 74  ARG A CB    1 
ATOM   471  C CG    . ARG A 1 79  ? 0.834   -11.894 16.409  1.00 36.53 ? 74  ARG A CG    1 
ATOM   472  C CD    . ARG A 1 79  ? 0.465   -11.599 17.824  1.00 33.44 ? 74  ARG A CD    1 
ATOM   473  N NE    . ARG A 1 79  ? -0.239  -10.325 17.983  1.00 31.36 ? 74  ARG A NE    1 
ATOM   474  C CZ    . ARG A 1 79  ? -0.978  -10.043 19.056  1.00 31.68 ? 74  ARG A CZ    1 
ATOM   475  N NH1   . ARG A 1 79  ? -1.084  -10.949 20.035  1.00 32.19 ? 74  ARG A NH1   1 
ATOM   476  N NH2   . ARG A 1 79  ? -1.611  -8.883  19.151  1.00 34.30 ? 74  ARG A NH2   1 
ATOM   477  N N     . SER A 1 80  ? 1.583   -10.404 12.958  1.00 43.70 ? 75  SER A N     1 
ATOM   478  C CA    . SER A 1 80  ? 0.661   -10.221 11.827  1.00 43.12 ? 75  SER A CA    1 
ATOM   479  C C     . SER A 1 80  ? -0.765  -10.679 12.146  1.00 41.64 ? 75  SER A C     1 
ATOM   480  O O     . SER A 1 80  ? -1.385  -11.402 11.363  1.00 43.27 ? 75  SER A O     1 
ATOM   481  C CB    . SER A 1 80  ? 1.186   -10.912 10.557  1.00 44.30 ? 75  SER A CB    1 
ATOM   482  O OG    . SER A 1 80  ? 2.391   -10.301 10.129  1.00 45.52 ? 75  SER A OG    1 
ATOM   483  N N     . SER A 1 81  ? -1.280  -10.238 13.293  1.00 39.88 ? 76  SER A N     1 
ATOM   484  C CA    . SER A 1 81  ? -2.681  -10.462 13.655  1.00 39.56 ? 76  SER A CA    1 
ATOM   485  C C     . SER A 1 81  ? -3.617  -9.901  12.581  1.00 38.42 ? 76  SER A C     1 
ATOM   486  O O     . SER A 1 81  ? -4.726  -10.398 12.388  1.00 40.34 ? 76  SER A O     1 
ATOM   487  C CB    . SER A 1 81  ? -3.003  -9.825  15.016  1.00 40.82 ? 76  SER A CB    1 
ATOM   488  O OG    . SER A 1 81  ? -2.737  -8.427  15.017  1.00 40.72 ? 76  SER A OG    1 
ATOM   489  N N     . TRP A 1 82  ? -3.161  -8.873  11.875  1.00 37.76 ? 77  TRP A N     1 
ATOM   490  C CA    . TRP A 1 82  ? -3.949  -8.277  10.766  1.00 37.10 ? 77  TRP A CA    1 
ATOM   491  C C     . TRP A 1 82  ? -4.187  -9.207  9.565   1.00 35.10 ? 77  TRP A C     1 
ATOM   492  O O     . TRP A 1 82  ? -4.925  -8.837  8.644   1.00 33.01 ? 77  TRP A O     1 
ATOM   493  C CB    . TRP A 1 82  ? -3.284  -6.999  10.263  1.00 37.84 ? 77  TRP A CB    1 
ATOM   494  C CG    . TRP A 1 82  ? -1.836  -7.178  10.005  1.00 36.77 ? 77  TRP A CG    1 
ATOM   495  C CD1   . TRP A 1 82  ? -1.239  -8.107  9.191   1.00 37.85 ? 77  TRP A CD1   1 
ATOM   496  C CD2   . TRP A 1 82  ? -0.788  -6.418  10.586  1.00 35.06 ? 77  TRP A CD2   1 
ATOM   497  N NE1   . TRP A 1 82  ? 0.129   -7.954  9.225   1.00 38.52 ? 77  TRP A NE1   1 
ATOM   498  C CE2   . TRP A 1 82  ? 0.429   -6.919  10.072  1.00 36.66 ? 77  TRP A CE2   1 
ATOM   499  C CE3   . TRP A 1 82  ? -0.760  -5.338  11.468  1.00 36.91 ? 77  TRP A CE3   1 
ATOM   500  C CZ2   . TRP A 1 82  ? 1.665   -6.377  10.422  1.00 38.15 ? 77  TRP A CZ2   1 
ATOM   501  C CZ3   . TRP A 1 82  ? 0.462   -4.805  11.824  1.00 38.89 ? 77  TRP A CZ3   1 
ATOM   502  C CH2   . TRP A 1 82  ? 1.661   -5.330  11.298  1.00 37.94 ? 77  TRP A CH2   1 
ATOM   503  N N     . ASN A 1 83  ? -3.594  -10.403 9.551   1.00 34.30 ? 78  ASN A N     1 
ATOM   504  C CA    . ASN A 1 83  ? -3.926  -11.340 8.457   1.00 32.88 ? 78  ASN A CA    1 
ATOM   505  C C     . ASN A 1 83  ? -5.380  -11.797 8.488   1.00 31.17 ? 78  ASN A C     1 
ATOM   506  O O     . ASN A 1 83  ? -5.872  -12.239 7.474   1.00 25.79 ? 78  ASN A O     1 
ATOM   507  C CB    . ASN A 1 83  ? -2.966  -12.513 8.328   1.00 35.66 ? 78  ASN A CB    1 
ATOM   508  C CG    . ASN A 1 83  ? -2.877  -13.341 9.564   1.00 37.22 ? 78  ASN A CG    1 
ATOM   509  O OD1   . ASN A 1 83  ? -3.704  -13.230 10.473  1.00 39.37 ? 78  ASN A OD1   1 
ATOM   510  N ND2   . ASN A 1 83  ? -1.854  -14.184 9.619   1.00 37.45 ? 78  ASN A ND2   1 
ATOM   511  N N     . THR A 1 84  ? -6.077  -11.648 9.622   1.00 35.18 ? 79  THR A N     1 
ATOM   512  C CA    . THR A 1 84  ? -7.534  -11.880 9.642   1.00 34.88 ? 79  THR A CA    1 
ATOM   513  C C     . THR A 1 84  ? -8.242  -10.893 8.717   1.00 34.70 ? 79  THR A C     1 
ATOM   514  O O     . THR A 1 84  ? -9.350  -11.174 8.219   1.00 31.34 ? 79  THR A O     1 
ATOM   515  C CB    . THR A 1 84  ? -8.146  -11.762 11.057  1.00 37.93 ? 79  THR A CB    1 
ATOM   516  O OG1   . THR A 1 84  ? -8.088  -10.398 11.508  1.00 39.94 ? 79  THR A OG1   1 
ATOM   517  C CG2   . THR A 1 84  ? -7.404  -12.668 12.036  1.00 39.12 ? 79  THR A CG2   1 
ATOM   518  N N     . TYR A 1 85  ? -7.604  -9.734  8.501   1.00 30.99 ? 80  TYR A N     1 
ATOM   519  C CA    . TYR A 1 85  ? -8.136  -8.720  7.620   1.00 31.53 ? 80  TYR A CA    1 
ATOM   520  C C     . TYR A 1 85  ? -7.892  -8.977  6.135   1.00 29.24 ? 80  TYR A C     1 
ATOM   521  O O     . TYR A 1 85  ? -8.389  -8.204  5.324   1.00 31.60 ? 80  TYR A O     1 
ATOM   522  C CB    . TYR A 1 85  ? -7.581  -7.336  8.004   1.00 38.42 ? 80  TYR A CB    1 
ATOM   523  C CG    . TYR A 1 85  ? -8.207  -6.722  9.254   1.00 40.31 ? 80  TYR A CG    1 
ATOM   524  C CD1   . TYR A 1 85  ? -9.501  -6.196  9.223   1.00 41.43 ? 80  TYR A CD1   1 
ATOM   525  C CD2   . TYR A 1 85  ? -7.507  -6.656  10.450  1.00 40.60 ? 80  TYR A CD2   1 
ATOM   526  C CE1   . TYR A 1 85  ? -10.071 -5.614  10.343  1.00 42.57 ? 80  TYR A CE1   1 
ATOM   527  C CE2   . TYR A 1 85  ? -8.079  -6.076  11.594  1.00 40.04 ? 80  TYR A CE2   1 
ATOM   528  C CZ    . TYR A 1 85  ? -9.360  -5.554  11.524  1.00 42.07 ? 80  TYR A CZ    1 
ATOM   529  O OH    . TYR A 1 85  ? -9.947  -4.966  12.629  1.00 44.74 ? 80  TYR A OH    1 
ATOM   530  N N     . TYR A 1 86  ? -7.153  -10.042 5.748   1.00 23.99 ? 81  TYR A N     1 
ATOM   531  C CA    . TYR A 1 86  ? -6.866  -10.278 4.334   1.00 23.40 ? 81  TYR A CA    1 
ATOM   532  C C     . TYR A 1 86  ? -8.047  -10.785 3.563   1.00 24.41 ? 81  TYR A C     1 
ATOM   533  O O     . TYR A 1 86  ? -8.131  -10.571 2.352   1.00 22.60 ? 81  TYR A O     1 
ATOM   534  C CB    . TYR A 1 86  ? -5.744  -11.287 4.136   1.00 20.60 ? 81  TYR A CB    1 
ATOM   535  C CG    . TYR A 1 86  ? -4.396  -10.861 4.632   1.00 16.65 ? 81  TYR A CG    1 
ATOM   536  C CD1   . TYR A 1 86  ? -4.124  -9.521  4.933   1.00 24.06 ? 81  TYR A CD1   1 
ATOM   537  C CD2   . TYR A 1 86  ? -3.377  -11.786 4.784   1.00 21.09 ? 81  TYR A CD2   1 
ATOM   538  C CE1   . TYR A 1 86  ? -2.885  -9.132  5.376   1.00 21.63 ? 81  TYR A CE1   1 
ATOM   539  C CE2   . TYR A 1 86  ? -2.112  -11.397 5.250   1.00 19.95 ? 81  TYR A CE2   1 
ATOM   540  C CZ    . TYR A 1 86  ? -1.887  -10.069 5.526   1.00 20.32 ? 81  TYR A CZ    1 
ATOM   541  O OH    . TYR A 1 86  ? -0.667  -9.641  5.982   1.00 22.31 ? 81  TYR A OH    1 
ATOM   542  N N     . THR A 1 87  ? -8.930  -11.521 4.248   1.00 25.65 ? 82  THR A N     1 
ATOM   543  C CA    . THR A 1 87  ? -10.076 -12.119 3.606   1.00 25.47 ? 82  THR A CA    1 
ATOM   544  C C     . THR A 1 87  ? -10.783 -11.124 2.693   1.00 16.19 ? 82  THR A C     1 
ATOM   545  O O     . THR A 1 87  ? -11.175 -10.055 3.154   1.00 24.36 ? 82  THR A O     1 
ATOM   546  C CB    . THR A 1 87  ? -11.127 -12.602 4.678   1.00 27.37 ? 82  THR A CB    1 
ATOM   547  O OG1   . THR A 1 87  ? -10.452 -13.174 5.816   1.00 35.75 ? 82  THR A OG1   1 
ATOM   548  C CG2   . THR A 1 87  ? -12.072 -13.611 4.059   1.00 34.49 ? 82  THR A CG2   1 
ATOM   549  N N     . ASN A 1 88  ? -10.982 -11.498 1.415   1.00 18.93 ? 83  ASN A N     1 
ATOM   550  C CA    . ASN A 1 88  ? -11.771 -10.713 0.430   1.00 21.09 ? 83  ASN A CA    1 
ATOM   551  C C     . ASN A 1 88  ? -11.164 -9.360  -0.018  1.00 21.02 ? 83  ASN A C     1 
ATOM   552  O O     . ASN A 1 88  ? -11.833 -8.561  -0.675  1.00 21.31 ? 83  ASN A O     1 
ATOM   553  C CB    . ASN A 1 88  ? -13.235 -10.493 0.870   1.00 21.60 ? 83  ASN A CB    1 
ATOM   554  C CG    . ASN A 1 88  ? -13.994 -11.794 1.027   1.00 24.30 ? 83  ASN A CG    1 
ATOM   555  O OD1   . ASN A 1 88  ? -13.909 -12.678 0.187   1.00 28.01 ? 83  ASN A OD1   1 
ATOM   556  N ND2   . ASN A 1 88  ? -14.673 -11.930 2.128   1.00 22.86 ? 83  ASN A ND2   1 
ATOM   557  N N     . THR A 1 89  ? -9.881  -9.156  0.297   1.00 14.46 ? 84  THR A N     1 
ATOM   558  C CA    . THR A 1 89  ? -9.164  -7.983  -0.165  1.00 15.55 ? 84  THR A CA    1 
ATOM   559  C C     . THR A 1 89  ? -8.956  -8.019  -1.663  1.00 16.37 ? 84  THR A C     1 
ATOM   560  O O     . THR A 1 89  ? -8.442  -9.012  -2.209  1.00 21.55 ? 84  THR A O     1 
ATOM   561  C CB    . THR A 1 89  ? -7.842  -7.863  0.581   1.00 16.54 ? 84  THR A CB    1 
ATOM   562  O OG1   . THR A 1 89  ? -8.114  -7.563  1.970   1.00 20.40 ? 84  THR A OG1   1 
ATOM   563  C CG2   . THR A 1 89  ? -6.966  -6.747  -0.071  1.00 16.41 ? 84  THR A CG2   1 
ATOM   564  N N     . GLU A 1 90  ? -9.358  -6.925  -2.324  1.00 17.36 ? 85  GLU A N     1 
ATOM   565  C CA    . GLU A 1 90  ? -9.292  -6.820  -3.787  1.00 18.92 ? 85  GLU A CA    1 
ATOM   566  C C     . GLU A 1 90  ? -7.920  -6.303  -4.247  1.00 18.72 ? 85  GLU A C     1 
ATOM   567  O O     . GLU A 1 90  ? -7.385  -6.752  -5.269  1.00 14.60 ? 85  GLU A O     1 
ATOM   568  C CB    . GLU A 1 90  ? -10.437 -5.940  -4.309  1.00 22.99 ? 85  GLU A CB    1 
ATOM   569  C CG    . GLU A 1 90  ? -11.779 -6.672  -4.235  1.00 29.25 ? 85  GLU A CG    1 
ATOM   570  C CD    . GLU A 1 90  ? -12.984 -5.772  -4.331  1.00 34.55 ? 85  GLU A CD    1 
ATOM   571  O OE1   . GLU A 1 90  ? -13.300 -5.305  -5.454  1.00 38.54 ? 85  GLU A OE1   1 
ATOM   572  O OE2   . GLU A 1 90  ? -13.631 -5.560  -3.275  1.00 42.04 ? 85  GLU A OE2   1 
ATOM   573  N N     . PHE A 1 91  ? -7.335  -5.373  -3.477  1.00 14.37 ? 86  PHE A N     1 
ATOM   574  C CA    . PHE A 1 91  ? -6.044  -4.792  -3.784  1.00 14.15 ? 86  PHE A CA    1 
ATOM   575  C C     . PHE A 1 91  ? -5.248  -4.581  -2.527  1.00 14.36 ? 86  PHE A C     1 
ATOM   576  O O     . PHE A 1 91  ? -5.840  -4.207  -1.468  1.00 14.00 ? 86  PHE A O     1 
ATOM   577  C CB    . PHE A 1 91  ? -6.164  -3.443  -4.526  1.00 18.11 ? 86  PHE A CB    1 
ATOM   578  C CG    . PHE A 1 91  ? -6.773  -3.565  -5.882  1.00 17.99 ? 86  PHE A CG    1 
ATOM   579  C CD1   . PHE A 1 91  ? -6.020  -3.973  -6.959  1.00 21.76 ? 86  PHE A CD1   1 
ATOM   580  C CD2   . PHE A 1 91  ? -8.127  -3.342  -6.048  1.00 23.68 ? 86  PHE A CD2   1 
ATOM   581  C CE1   . PHE A 1 91  ? -6.621  -4.125  -8.227  1.00 21.31 ? 86  PHE A CE1   1 
ATOM   582  C CE2   . PHE A 1 91  ? -8.729  -3.468  -7.304  1.00 25.44 ? 86  PHE A CE2   1 
ATOM   583  C CZ    . PHE A 1 91  ? -7.963  -3.862  -8.386  1.00 24.77 ? 86  PHE A CZ    1 
ATOM   584  N N     . VAL A 1 92  ? -3.925  -4.739  -2.660  1.00 11.80 ? 87  VAL A N     1 
ATOM   585  C CA    . VAL A 1 92  ? -2.974  -4.321  -1.632  1.00 10.33 ? 87  VAL A CA    1 
ATOM   586  C C     . VAL A 1 92  ? -2.216  -3.142  -2.199  1.00 13.24 ? 87  VAL A C     1 
ATOM   587  O O     . VAL A 1 92  ? -1.586  -3.269  -3.245  1.00 13.11 ? 87  VAL A O     1 
ATOM   588  C CB    . VAL A 1 92  ? -1.990  -5.401  -1.200  1.00 11.78 ? 87  VAL A CB    1 
ATOM   589  C CG1   . VAL A 1 92  ? -0.976  -4.904  -0.171  1.00 15.83 ? 87  VAL A CG1   1 
ATOM   590  C CG2   . VAL A 1 92  ? -2.806  -6.654  -0.644  1.00 14.18 ? 87  VAL A CG2   1 
ATOM   591  N N     . ILE A 1 93  ? -2.283  -2.010  -1.501  1.00 11.51 ? 88  ILE A N     1 
ATOM   592  C CA    . ILE A 1 93  ? -1.457  -0.826  -1.856  1.00 9.89  ? 88  ILE A CA    1 
ATOM   593  C C     . ILE A 1 93  ? -0.277  -0.789  -0.886  1.00 13.18 ? 88  ILE A C     1 
ATOM   594  O O     . ILE A 1 93  ? -0.474  -0.727  0.320   1.00 15.00 ? 88  ILE A O     1 
ATOM   595  C CB    . ILE A 1 93  ? -2.230  0.475   -1.731  1.00 11.10 ? 88  ILE A CB    1 
ATOM   596  C CG1   . ILE A 1 93  ? -3.466  0.458   -2.627  1.00 11.99 ? 88  ILE A CG1   1 
ATOM   597  C CG2   . ILE A 1 93  ? -1.315  1.695   -2.064  1.00 13.46 ? 88  ILE A CG2   1 
ATOM   598  C CD1   . ILE A 1 93  ? -4.335  1.680   -2.499  1.00 12.93 ? 88  ILE A CD1   1 
ATOM   599  N N     . VAL A 1 94  ? 0.950   -0.832  -1.411  1.00 8.80  ? 89  VAL A N     1 
ATOM   600  C CA    . VAL A 1 94  ? 2.144   -0.717  -0.617  1.00 9.98  ? 89  VAL A CA    1 
ATOM   601  C C     . VAL A 1 94  ? 2.758   0.642   -0.917  1.00 10.97 ? 89  VAL A C     1 
ATOM   602  O O     . VAL A 1 94  ? 3.006   0.952   -2.103  1.00 13.31 ? 89  VAL A O     1 
ATOM   603  C CB    . VAL A 1 94  ? 3.170   -1.830  -0.894  1.00 12.80 ? 89  VAL A CB    1 
ATOM   604  C CG1   . VAL A 1 94  ? 4.466   -1.568  -0.073  1.00 12.88 ? 89  VAL A CG1   1 
ATOM   605  C CG2   . VAL A 1 94  ? 2.555   -3.218  -0.643  1.00 14.70 ? 89  VAL A CG2   1 
ATOM   606  N N     . VAL A 1 95  ? 2.857   1.482   0.107   1.00 9.93  ? 90  VAL A N     1 
ATOM   607  C CA    . VAL A 1 95  ? 3.429   2.814   -0.045  1.00 13.08 ? 90  VAL A CA    1 
ATOM   608  C C     . VAL A 1 95  ? 4.893   2.759   0.376   1.00 11.83 ? 90  VAL A C     1 
ATOM   609  O O     . VAL A 1 95  ? 5.242   2.352   1.516   1.00 10.42 ? 90  VAL A O     1 
ATOM   610  C CB    . VAL A 1 95  ? 2.644   3.897   0.778   1.00 13.04 ? 90  VAL A CB    1 
ATOM   611  C CG1   . VAL A 1 95  ? 3.236   5.328   0.542   1.00 12.95 ? 90  VAL A CG1   1 
ATOM   612  C CG2   . VAL A 1 95  ? 1.135   3.792   0.478   1.00 11.57 ? 90  VAL A CG2   1 
ATOM   613  N N     . VAL A 1 96  ? 5.763   3.237   -0.533  1.00 13.35 ? 91  VAL A N     1 
ATOM   614  C CA    . VAL A 1 96  ? 7.175   3.254   -0.338  1.00 10.85 ? 91  VAL A CA    1 
ATOM   615  C C     . VAL A 1 96  ? 7.633   4.721   -0.318  1.00 13.39 ? 91  VAL A C     1 
ATOM   616  O O     . VAL A 1 96  ? 7.295   5.473   -1.196  1.00 14.25 ? 91  VAL A O     1 
ATOM   617  C CB    . VAL A 1 96  ? 7.912   2.526   -1.483  1.00 13.35 ? 91  VAL A CB    1 
ATOM   618  C CG1   . VAL A 1 96  ? 9.433   2.643   -1.318  1.00 18.70 ? 91  VAL A CG1   1 
ATOM   619  C CG2   . VAL A 1 96  ? 7.475   1.024   -1.571  1.00 14.99 ? 91  VAL A CG2   1 
ATOM   620  N N     . ASP A 1 97  ? 8.373   5.094   0.698   1.00 11.54 ? 92  ASP A N     1 
ATOM   621  C CA    . ASP A 1 97  ? 9.033   6.422   0.765   1.00 11.11 ? 92  ASP A CA    1 
ATOM   622  C C     . ASP A 1 97  ? 10.258  6.259   -0.111  1.00 13.18 ? 92  ASP A C     1 
ATOM   623  O O     . ASP A 1 97  ? 11.218  5.570   0.308   1.00 13.56 ? 92  ASP A O     1 
ATOM   624  C CB    . ASP A 1 97  ? 9.467   6.780   2.182   1.00 14.66 ? 92  ASP A CB    1 
ATOM   625  C CG    . ASP A 1 97  ? 10.177  8.088   2.285   1.00 16.44 ? 92  ASP A CG    1 
ATOM   626  O OD1   . ASP A 1 97  ? 10.676  8.608   1.256   1.00 16.83 ? 92  ASP A OD1   1 
ATOM   627  O OD2   . ASP A 1 97  ? 10.329  8.621   3.427   1.00 19.37 ? 92  ASP A OD2   1 
ATOM   628  N N     . SER A 1 98  ? 10.245  6.880   -1.287  1.00 10.16 ? 93  SER A N     1 
ATOM   629  C CA    . SER A 1 98  ? 11.371  6.718   -2.248  1.00 11.25 ? 93  SER A CA    1 
ATOM   630  C C     . SER A 1 98  ? 12.723  7.295   -1.745  1.00 14.08 ? 93  SER A C     1 
ATOM   631  O O     . SER A 1 98  ? 13.785  6.993   -2.281  1.00 13.70 ? 93  SER A O     1 
ATOM   632  C CB    . SER A 1 98  ? 11.026  7.376   -3.584  1.00 12.69 ? 93  SER A CB    1 
ATOM   633  O OG    . SER A 1 98  ? 9.844   6.877   -4.114  1.00 12.72 ? 93  SER A OG    1 
ATOM   634  N N     . THR A 1 99  ? 12.671  8.115   -0.701  1.00 13.46 ? 94  THR A N     1 
ATOM   635  C CA    . THR A 1 99  ? 13.880  8.663   -0.096  1.00 17.20 ? 94  THR A CA    1 
ATOM   636  C C     . THR A 1 99  ? 14.507  7.731   0.972   1.00 17.56 ? 94  THR A C     1 
ATOM   637  O O     . THR A 1 99  ? 15.675  7.922   1.364   1.00 20.11 ? 94  THR A O     1 
ATOM   638  C CB    . THR A 1 99  ? 13.593  10.017  0.560   1.00 17.42 ? 94  THR A CB    1 
ATOM   639  O OG1   . THR A 1 99  ? 12.890  9.830   1.782   1.00 17.40 ? 94  THR A OG1   1 
ATOM   640  C CG2   . THR A 1 99  ? 12.825  10.920  -0.405  1.00 19.07 ? 94  THR A CG2   1 
ATOM   641  N N     . ASP A 1 100 ? 13.722  6.778   1.477   1.00 15.17 ? 95  ASP A N     1 
ATOM   642  C CA    . ASP A 1 100 ? 14.120  5.944   2.640   1.00 18.29 ? 95  ASP A CA    1 
ATOM   643  C C     . ASP A 1 100 ? 14.842  4.679   2.197   1.00 14.82 ? 95  ASP A C     1 
ATOM   644  O O     . ASP A 1 100 ? 14.334  3.574   2.292   1.00 16.15 ? 95  ASP A O     1 
ATOM   645  C CB    . ASP A 1 100 ? 12.929  5.594   3.558   1.00 20.17 ? 95  ASP A CB    1 
ATOM   646  C CG    . ASP A 1 100 ? 13.394  5.142   4.925   1.00 26.00 ? 95  ASP A CG    1 
ATOM   647  O OD1   . ASP A 1 100 ? 14.629  4.877   5.088   1.00 18.88 ? 95  ASP A OD1   1 
ATOM   648  O OD2   . ASP A 1 100 ? 12.561  5.132   5.849   1.00 28.67 ? 95  ASP A OD2   1 
ATOM   649  N N     . ARG A 1 101 ? 16.048  4.870   1.702   1.00 12.28 ? 96  ARG A N     1 
ATOM   650  C CA    . ARG A 1 101 ? 16.870  3.743   1.258   1.00 15.76 ? 96  ARG A CA    1 
ATOM   651  C C     . ARG A 1 101 ? 17.245  2.831   2.417   1.00 15.80 ? 96  ARG A C     1 
ATOM   652  O O     . ARG A 1 101 ? 17.452  1.628   2.207   1.00 15.34 ? 96  ARG A O     1 
ATOM   653  C CB    . ARG A 1 101 ? 18.128  4.265   0.614   1.00 13.26 ? 96  ARG A CB    1 
ATOM   654  C CG    . ARG A 1 101 ? 17.908  4.927   -0.692  1.00 16.65 ? 96  ARG A CG    1 
ATOM   655  C CD    . ARG A 1 101 ? 19.224  5.497   -1.232  1.00 19.97 ? 96  ARG A CD    1 
ATOM   656  N NE    . ARG A 1 101 ? 19.130  5.815   -2.659  1.00 21.81 ? 96  ARG A NE    1 
ATOM   657  C CZ    . ARG A 1 101 ? 18.705  6.973   -3.152  1.00 22.71 ? 96  ARG A CZ    1 
ATOM   658  N NH1   . ARG A 1 101 ? 18.310  7.922   -2.334  1.00 23.30 ? 96  ARG A NH1   1 
ATOM   659  N NH2   . ARG A 1 101 ? 18.661  7.174   -4.471  1.00 19.58 ? 96  ARG A NH2   1 
ATOM   660  N N     . GLU A 1 102 ? 17.390  3.406   3.606   1.00 16.50 ? 97  GLU A N     1 
ATOM   661  C CA    . GLU A 1 102 ? 17.815  2.639   4.793   1.00 20.60 ? 97  GLU A CA    1 
ATOM   662  C C     . GLU A 1 102 ? 16.857  1.533   5.133   1.00 18.36 ? 97  GLU A C     1 
ATOM   663  O O     . GLU A 1 102 ? 17.276  0.449   5.597   1.00 20.13 ? 97  GLU A O     1 
ATOM   664  C CB    . GLU A 1 102 ? 17.960  3.535   6.016   1.00 22.47 ? 97  GLU A CB    1 
ATOM   665  C CG    . GLU A 1 102 ? 19.189  4.400   6.015   1.00 31.21 ? 97  GLU A CG    1 
ATOM   666  C CD    . GLU A 1 102 ? 19.457  5.086   7.374   1.00 34.45 ? 97  GLU A CD    1 
ATOM   667  O OE1   . GLU A 1 102 ? 18.812  4.724   8.383   1.00 43.49 ? 97  GLU A OE1   1 
ATOM   668  O OE2   . GLU A 1 102 ? 20.322  5.993   7.427   1.00 43.71 ? 97  GLU A OE2   1 
ATOM   669  N N     . ARG A 1 103 ? 15.561  1.791   4.971   1.00 14.61 ? 98  ARG A N     1 
ATOM   670  C CA    . ARG A 1 103 ? 14.549  0.896   5.493   1.00 14.81 ? 98  ARG A CA    1 
ATOM   671  C C     . ARG A 1 103 ? 13.768  0.123   4.425   1.00 14.36 ? 98  ARG A C     1 
ATOM   672  O O     . ARG A 1 103 ? 12.951  -0.718  4.781   1.00 15.32 ? 98  ARG A O     1 
ATOM   673  C CB    . ARG A 1 103 ? 13.590  1.663   6.414   1.00 16.61 ? 98  ARG A CB    1 
ATOM   674  C CG    . ARG A 1 103 ? 14.273  2.236   7.677   1.00 18.05 ? 98  ARG A CG    1 
ATOM   675  C CD    . ARG A 1 103 ? 13.244  2.651   8.731   1.00 21.55 ? 98  ARG A CD    1 
ATOM   676  N NE    . ARG A 1 103 ? 12.253  3.576   8.162   1.00 20.19 ? 98  ARG A NE    1 
ATOM   677  C CZ    . ARG A 1 103 ? 11.054  3.835   8.697   1.00 23.03 ? 98  ARG A CZ    1 
ATOM   678  N NH1   . ARG A 1 103 ? 10.234  4.669   8.089   1.00 21.29 ? 98  ARG A NH1   1 
ATOM   679  N NH2   . ARG A 1 103 ? 10.666  3.254   9.820   1.00 22.85 ? 98  ARG A NH2   1 
ATOM   680  N N     . ILE A 1 104 ? 13.992  0.402   3.128   1.00 11.03 ? 99  ILE A N     1 
ATOM   681  C CA    . ILE A 1 104 ? 13.199  -0.241  2.074   1.00 12.18 ? 99  ILE A CA    1 
ATOM   682  C C     . ILE A 1 104 ? 13.313  -1.774  2.125   1.00 12.50 ? 99  ILE A C     1 
ATOM   683  O O     . ILE A 1 104 ? 12.346  -2.511  1.829   1.00 13.36 ? 99  ILE A O     1 
ATOM   684  C CB    . ILE A 1 104 ? 13.485  0.335   0.676   1.00 11.72 ? 99  ILE A CB    1 
ATOM   685  C CG1   . ILE A 1 104 ? 12.530  -0.258  -0.358  1.00 15.50 ? 99  ILE A CG1   1 
ATOM   686  C CG2   . ILE A 1 104 ? 15.013  0.155   0.284   1.00 13.02 ? 99  ILE A CG2   1 
ATOM   687  C CD1   . ILE A 1 104 ? 12.535  0.440   -1.708  1.00 16.76 ? 99  ILE A CD1   1 
ATOM   688  N N     . SER A 1 105 ? 14.453  -2.271  2.600   1.00 12.63 ? 100 SER A N     1 
ATOM   689  C CA    . SER A 1 105 ? 14.581  -3.762  2.779   1.00 14.64 ? 100 SER A CA    1 
ATOM   690  C C     . SER A 1 105 ? 13.496  -4.346  3.702   1.00 11.91 ? 100 SER A C     1 
ATOM   691  O O     . SER A 1 105 ? 13.028  -5.481  3.531   1.00 14.79 ? 100 SER A O     1 
ATOM   692  C CB    . SER A 1 105 ? 15.986  -4.135  3.269   1.00 14.40 ? 100 SER A CB    1 
ATOM   693  O OG    . SER A 1 105 ? 16.233  -3.698  4.591   1.00 17.16 ? 100 SER A OG    1 
ATOM   694  N N     . VAL A 1 106 ? 13.057  -3.556  4.653   1.00 13.01 ? 101 VAL A N     1 
ATOM   695  C CA    . VAL A 1 106 ? 11.970  -3.967  5.560   1.00 12.85 ? 101 VAL A CA    1 
ATOM   696  C C     . VAL A 1 106 ? 10.644  -4.118  4.803   1.00 14.06 ? 101 VAL A C     1 
ATOM   697  O O     . VAL A 1 106 ? 9.934   -5.120  4.923   1.00 14.33 ? 101 VAL A O     1 
ATOM   698  C CB    . VAL A 1 106 ? 11.842  -3.024  6.790   1.00 15.77 ? 101 VAL A CB    1 
ATOM   699  C CG1   . VAL A 1 106 ? 10.639  -3.460  7.657   1.00 13.74 ? 101 VAL A CG1   1 
ATOM   700  C CG2   . VAL A 1 106 ? 13.168  -3.003  7.626   1.00 16.23 ? 101 VAL A CG2   1 
ATOM   701  N N     . THR A 1 107 ? 10.328  -3.143  3.958   1.00 12.63 ? 102 THR A N     1 
ATOM   702  C CA    . THR A 1 107 ? 9.162   -3.213  3.137   1.00 12.79 ? 102 THR A CA    1 
ATOM   703  C C     . THR A 1 107 ? 9.180   -4.422  2.213   1.00 13.85 ? 102 THR A C     1 
ATOM   704  O O     . THR A 1 107 ? 8.156   -5.084  2.001   1.00 12.97 ? 102 THR A O     1 
ATOM   705  C CB    . THR A 1 107 ? 8.996   -1.894  2.357   1.00 15.63 ? 102 THR A CB    1 
ATOM   706  O OG1   . THR A 1 107 ? 8.936   -0.809  3.303   1.00 18.86 ? 102 THR A OG1   1 
ATOM   707  C CG2   . THR A 1 107 ? 7.743   -1.917  1.568   1.00 15.32 ? 102 THR A CG2   1 
ATOM   708  N N     . ARG A 1 108 ? 10.334  -4.699  1.606   1.00 12.40 ? 103 ARG A N     1 
ATOM   709  C CA    . ARG A 1 108 ? 10.513  -5.837  0.735   1.00 12.87 ? 103 ARG A CA    1 
ATOM   710  C C     . ARG A 1 108 ? 10.140  -7.178  1.443   1.00 12.12 ? 103 ARG A C     1 
ATOM   711  O O     . ARG A 1 108 ? 9.340   -7.953  0.949   1.00 15.44 ? 103 ARG A O     1 
ATOM   712  C CB    . ARG A 1 108 ? 11.940  -5.928  0.244   1.00 13.48 ? 103 ARG A CB    1 
ATOM   713  C CG    . ARG A 1 108 ? 12.145  -7.019  -0.835  1.00 17.00 ? 103 ARG A CG    1 
ATOM   714  C CD    . ARG A 1 108 ? 13.633  -7.139  -1.269  1.00 18.41 ? 103 ARG A CD    1 
ATOM   715  N NE    . ARG A 1 108 ? 14.467  -7.538  -0.122  1.00 19.75 ? 103 ARG A NE    1 
ATOM   716  C CZ    . ARG A 1 108 ? 15.785  -7.328  -0.003  1.00 29.42 ? 103 ARG A CZ    1 
ATOM   717  N NH1   . ARG A 1 108 ? 16.446  -6.690  -0.949  1.00 32.62 ? 103 ARG A NH1   1 
ATOM   718  N NH2   . ARG A 1 108 ? 16.437  -7.741  1.084   1.00 29.18 ? 103 ARG A NH2   1 
ATOM   719  N N     . GLU A 1 109 ? 10.694  -7.386  2.625   1.00 15.11 ? 104 GLU A N     1 
ATOM   720  C CA    A GLU A 1 109 ? 10.441  -8.605  3.430   0.50 14.97 ? 104 GLU A CA    1 
ATOM   721  C CA    B GLU A 1 109 ? 10.427  -8.635  3.335   0.50 16.81 ? 104 GLU A CA    1 
ATOM   722  C C     . GLU A 1 109 ? 8.950   -8.747  3.689   1.00 14.47 ? 104 GLU A C     1 
ATOM   723  O O     . GLU A 1 109 ? 8.351   -9.822  3.508   1.00 16.51 ? 104 GLU A O     1 
ATOM   724  C CB    A GLU A 1 109 ? 11.200  -8.525  4.771   0.50 15.96 ? 104 GLU A CB    1 
ATOM   725  C CB    B GLU A 1 109 ? 11.353  -8.775  4.539   0.50 18.93 ? 104 GLU A CB    1 
ATOM   726  C CG    A GLU A 1 109 ? 11.216  -9.843  5.596   0.50 15.49 ? 104 GLU A CG    1 
ATOM   727  C CG    B GLU A 1 109 ? 12.805  -8.960  4.110   0.50 22.67 ? 104 GLU A CG    1 
ATOM   728  C CD    A GLU A 1 109 ? 12.100  -10.930 4.961   0.50 24.59 ? 104 GLU A CD    1 
ATOM   729  C CD    B GLU A 1 109 ? 12.985  -10.042 3.018   0.50 24.90 ? 104 GLU A CD    1 
ATOM   730  O OE1   A GLU A 1 109 ? 11.725  -12.125 5.063   0.50 28.83 ? 104 GLU A OE1   1 
ATOM   731  O OE1   B GLU A 1 109 ? 12.621  -11.209 3.287   0.50 29.67 ? 104 GLU A OE1   1 
ATOM   732  O OE2   A GLU A 1 109 ? 13.162  -10.599 4.358   0.50 25.08 ? 104 GLU A OE2   1 
ATOM   733  O OE2   B GLU A 1 109 ? 13.463  -9.727  1.894   0.50 18.63 ? 104 GLU A OE2   1 
ATOM   734  N N     . GLU A 1 110 ? 8.333   -7.650  4.111   1.00 14.89 ? 105 GLU A N     1 
ATOM   735  C CA    A GLU A 1 110 ? 6.923   -7.685  4.480   0.50 14.41 ? 105 GLU A CA    1 
ATOM   736  C CA    B GLU A 1 110 ? 6.911   -7.685  4.465   0.50 15.61 ? 105 GLU A CA    1 
ATOM   737  C C     . GLU A 1 110 ? 6.038   -7.914  3.239   1.00 15.02 ? 105 GLU A C     1 
ATOM   738  O O     . GLU A 1 110 ? 5.047   -8.652  3.321   1.00 16.94 ? 105 GLU A O     1 
ATOM   739  C CB    A GLU A 1 110 ? 6.556   -6.434  5.281   0.50 15.93 ? 105 GLU A CB    1 
ATOM   740  C CB    B GLU A 1 110 ? 6.475   -6.429  5.212   0.50 18.89 ? 105 GLU A CB    1 
ATOM   741  C CG    A GLU A 1 110 ? 7.407   -6.248  6.575   0.50 17.28 ? 105 GLU A CG    1 
ATOM   742  C CG    B GLU A 1 110 ? 5.032   -6.507  5.748   0.50 22.78 ? 105 GLU A CG    1 
ATOM   743  C CD    A GLU A 1 110 ? 7.297   -7.423  7.564   0.50 23.75 ? 105 GLU A CD    1 
ATOM   744  C CD    B GLU A 1 110 ? 4.737   -7.819  6.479   0.50 26.64 ? 105 GLU A CD    1 
ATOM   745  O OE1   A GLU A 1 110 ? 6.179   -7.716  8.015   0.50 28.82 ? 105 GLU A OE1   1 
ATOM   746  O OE1   B GLU A 1 110 ? 5.614   -8.306  7.244   0.50 29.86 ? 105 GLU A OE1   1 
ATOM   747  O OE2   A GLU A 1 110 ? 8.327   -8.053  7.886   0.50 25.92 ? 105 GLU A OE2   1 
ATOM   748  O OE2   B GLU A 1 110 ? 3.639   -8.378  6.279   0.50 27.79 ? 105 GLU A OE2   1 
ATOM   749  N N     . LEU A 1 111 ? 6.394   -7.305  2.101   1.00 13.87 ? 106 LEU A N     1 
ATOM   750  C CA    . LEU A 1 111 ? 5.661   -7.495  0.804   1.00 14.18 ? 106 LEU A CA    1 
ATOM   751  C C     . LEU A 1 111 ? 5.557   -8.990  0.505   1.00 14.81 ? 106 LEU A C     1 
ATOM   752  O O     . LEU A 1 111 ? 4.482   -9.539  0.248   1.00 16.94 ? 106 LEU A O     1 
ATOM   753  C CB    . LEU A 1 111 ? 6.352   -6.782  -0.367  1.00 18.06 ? 106 LEU A CB    1 
ATOM   754  C CG    . LEU A 1 111 ? 5.840   -7.078  -1.773  1.00 17.78 ? 106 LEU A CG    1 
ATOM   755  C CD1   . LEU A 1 111 ? 4.377   -6.667  -1.894  1.00 19.51 ? 106 LEU A CD1   1 
ATOM   756  C CD2   . LEU A 1 111 ? 6.688   -6.416  -2.866  1.00 19.92 ? 106 LEU A CD2   1 
ATOM   757  N N     . TYR A 1 112 ? 6.688   -9.664  0.558   1.00 14.34 ? 107 TYR A N     1 
ATOM   758  C CA    . TYR A 1 112 ? 6.715   -11.074 0.154   1.00 19.33 ? 107 TYR A CA    1 
ATOM   759  C C     . TYR A 1 112 ? 6.045   -12.000 1.146   1.00 18.42 ? 107 TYR A C     1 
ATOM   760  O O     . TYR A 1 112 ? 5.476   -13.015 0.727   1.00 20.14 ? 107 TYR A O     1 
ATOM   761  C CB    . TYR A 1 112 ? 8.114   -11.509 -0.247  1.00 18.68 ? 107 TYR A CB    1 
ATOM   762  C CG    . TYR A 1 112 ? 8.428   -10.968 -1.625  1.00 18.73 ? 107 TYR A CG    1 
ATOM   763  C CD1   . TYR A 1 112 ? 7.934   -11.599 -2.772  1.00 19.42 ? 107 TYR A CD1   1 
ATOM   764  C CD2   . TYR A 1 112 ? 9.148   -9.798  -1.803  1.00 18.73 ? 107 TYR A CD2   1 
ATOM   765  C CE1   . TYR A 1 112 ? 8.185   -11.109 -4.043  1.00 22.11 ? 107 TYR A CE1   1 
ATOM   766  C CE2   . TYR A 1 112 ? 9.406   -9.298  -3.094  1.00 16.34 ? 107 TYR A CE2   1 
ATOM   767  C CZ    . TYR A 1 112 ? 8.933   -9.955  -4.201  1.00 20.48 ? 107 TYR A CZ    1 
ATOM   768  O OH    . TYR A 1 112 ? 9.143   -9.480  -5.480  1.00 20.04 ? 107 TYR A OH    1 
ATOM   769  N N     . LYS A 1 113 ? 6.081   -11.661 2.424   1.00 18.17 ? 108 LYS A N     1 
ATOM   770  C CA    . LYS A 1 113 ? 5.274   -12.404 3.413   1.00 20.69 ? 108 LYS A CA    1 
ATOM   771  C C     . LYS A 1 113 ? 3.780   -12.282 3.079   1.00 20.58 ? 108 LYS A C     1 
ATOM   772  O O     . LYS A 1 113 ? 3.045   -13.282 3.127   1.00 21.61 ? 108 LYS A O     1 
ATOM   773  C CB    . LYS A 1 113 ? 5.509   -11.882 4.811   1.00 26.28 ? 108 LYS A CB    1 
ATOM   774  C CG    . LYS A 1 113 ? 6.853   -12.247 5.362   1.00 30.95 ? 108 LYS A CG    1 
ATOM   775  C CD    . LYS A 1 113 ? 7.089   -11.579 6.711   1.00 32.21 ? 108 LYS A CD    1 
ATOM   776  C CE    . LYS A 1 113 ? 8.188   -12.272 7.542   1.00 37.04 ? 108 LYS A CE    1 
ATOM   777  N NZ    . LYS A 1 113 ? 9.502   -12.350 6.819   1.00 42.18 ? 108 LYS A NZ    1 
ATOM   778  N N     . MET A 1 114 ? 3.323   -11.066 2.742   1.00 18.24 ? 109 MET A N     1 
ATOM   779  C CA    . MET A 1 114 ? 1.906   -10.846 2.353   1.00 17.65 ? 109 MET A CA    1 
ATOM   780  C C     . MET A 1 114 ? 1.542   -11.628 1.107   1.00 18.66 ? 109 MET A C     1 
ATOM   781  O O     . MET A 1 114 ? 0.541   -12.349 1.095   1.00 21.67 ? 109 MET A O     1 
ATOM   782  C CB    . MET A 1 114 ? 1.556   -9.349  2.191   1.00 17.93 ? 109 MET A CB    1 
ATOM   783  C CG    . MET A 1 114 ? 1.699   -8.578  3.481   1.00 16.78 ? 109 MET A CG    1 
ATOM   784  S SD    . MET A 1 114 ? 1.269   -6.826  3.215   1.00 19.92 ? 109 MET A SD    1 
ATOM   785  C CE    . MET A 1 114 ? -0.489  -6.893  2.998   1.00 22.03 ? 109 MET A CE    1 
ATOM   786  N N     . LEU A 1 115 ? 2.385   -11.564 0.080   1.00 16.06 ? 110 LEU A N     1 
ATOM   787  C CA    . LEU A 1 115 ? 2.119   -12.241 -1.174  1.00 19.80 ? 110 LEU A CA    1 
ATOM   788  C C     . LEU A 1 115 ? 2.041   -13.771 -1.010  1.00 20.82 ? 110 LEU A C     1 
ATOM   789  O O     . LEU A 1 115 ? 1.431   -14.435 -1.834  1.00 22.84 ? 110 LEU A O     1 
ATOM   790  C CB    . LEU A 1 115 ? 3.171   -11.883 -2.229  1.00 19.79 ? 110 LEU A CB    1 
ATOM   791  C CG    . LEU A 1 115 ? 3.085   -10.416 -2.730  1.00 19.51 ? 110 LEU A CG    1 
ATOM   792  C CD1   . LEU A 1 115 ? 4.176   -10.088 -3.736  1.00 20.49 ? 110 LEU A CD1   1 
ATOM   793  C CD2   . LEU A 1 115 ? 1.707   -10.067 -3.330  1.00 22.14 ? 110 LEU A CD2   1 
ATOM   794  N N     . ALA A 1 116 ? 2.673   -14.283 0.034   1.00 19.13 ? 111 ALA A N     1 
ATOM   795  C CA    . ALA A 1 116 ? 2.675   -15.738 0.348   1.00 22.23 ? 111 ALA A CA    1 
ATOM   796  C C     . ALA A 1 116 ? 1.372   -16.172 0.987   1.00 26.06 ? 111 ALA A C     1 
ATOM   797  O O     . ALA A 1 116 ? 1.096   -17.371 1.044   1.00 24.29 ? 111 ALA A O     1 
ATOM   798  C CB    . ALA A 1 116 ? 3.807   -16.083 1.284   1.00 23.94 ? 111 ALA A CB    1 
ATOM   799  N N     . HIS A 1 117 ? 0.595   -15.235 1.530   1.00 23.62 ? 112 HIS A N     1 
ATOM   800  C CA    . HIS A 1 117 ? -0.603  -15.600 2.291   1.00 22.21 ? 112 HIS A CA    1 
ATOM   801  C C     . HIS A 1 117 ? -1.754  -16.003 1.396   1.00 22.31 ? 112 HIS A C     1 
ATOM   802  O O     . HIS A 1 117 ? -2.154  -15.300 0.477   1.00 21.15 ? 112 HIS A O     1 
ATOM   803  C CB    . HIS A 1 117 ? -1.028  -14.486 3.232   1.00 24.88 ? 112 HIS A CB    1 
ATOM   804  C CG    . HIS A 1 117 ? -1.934  -14.954 4.326   1.00 24.97 ? 112 HIS A CG    1 
ATOM   805  N ND1   . HIS A 1 117 ? -3.268  -15.226 4.116   1.00 28.93 ? 112 HIS A ND1   1 
ATOM   806  C CD2   . HIS A 1 117 ? -1.710  -15.177 5.643   1.00 28.72 ? 112 HIS A CD2   1 
ATOM   807  C CE1   . HIS A 1 117 ? -3.826  -15.607 5.254   1.00 30.03 ? 112 HIS A CE1   1 
ATOM   808  N NE2   . HIS A 1 117 ? -2.901  -15.583 6.196   1.00 30.66 ? 112 HIS A NE2   1 
ATOM   809  N N     . GLU A 1 118 ? -2.285  -17.194 1.645   1.00 22.32 ? 113 GLU A N     1 
ATOM   810  C CA    . GLU A 1 118 ? -3.344  -17.724 0.800   1.00 23.63 ? 113 GLU A CA    1 
ATOM   811  C C     . GLU A 1 118 ? -4.587  -16.825 0.682   1.00 21.19 ? 113 GLU A C     1 
ATOM   812  O O     . GLU A 1 118 ? -5.282  -16.837 -0.337  1.00 23.03 ? 113 GLU A O     1 
ATOM   813  C CB    . GLU A 1 118 ? -3.705  -19.147 1.272   1.00 27.82 ? 113 GLU A CB    1 
ATOM   814  C CG    . GLU A 1 118 ? -4.311  -19.237 2.654   1.00 32.69 ? 113 GLU A CG    1 
ATOM   815  C CD    . GLU A 1 118 ? -3.288  -19.373 3.789   1.00 37.79 ? 113 GLU A CD    1 
ATOM   816  O OE1   . GLU A 1 118 ? -2.067  -19.148 3.587   1.00 35.50 ? 113 GLU A OE1   1 
ATOM   817  O OE2   . GLU A 1 118 ? -3.738  -19.703 4.912   1.00 38.81 ? 113 GLU A OE2   1 
ATOM   818  N N     . ASP A 1 119 ? -4.881  -16.004 1.684   1.00 18.47 ? 114 ASP A N     1 
ATOM   819  C CA    . ASP A 1 119 ? -6.039  -15.162 1.616   1.00 19.92 ? 114 ASP A CA    1 
ATOM   820  C C     . ASP A 1 119 ? -5.853  -13.957 0.702   1.00 20.27 ? 114 ASP A C     1 
ATOM   821  O O     . ASP A 1 119 ? -6.813  -13.298 0.384   1.00 18.71 ? 114 ASP A O     1 
ATOM   822  C CB    . ASP A 1 119 ? -6.497  -14.731 2.999   1.00 25.69 ? 114 ASP A CB    1 
ATOM   823  C CG    . ASP A 1 119 ? -7.066  -15.908 3.812   1.00 31.27 ? 114 ASP A CG    1 
ATOM   824  O OD1   . ASP A 1 119 ? -7.412  -16.958 3.221   1.00 30.70 ? 114 ASP A OD1   1 
ATOM   825  O OD2   . ASP A 1 119 ? -7.156  -15.775 5.036   1.00 31.18 ? 114 ASP A OD2   1 
ATOM   826  N N     . LEU A 1 120 ? -4.624  -13.710 0.252   1.00 15.88 ? 115 LEU A N     1 
ATOM   827  C CA    . LEU A 1 120 ? -4.342  -12.585 -0.709  1.00 17.23 ? 115 LEU A CA    1 
ATOM   828  C C     . LEU A 1 120 ? -4.065  -13.092 -2.126  1.00 17.93 ? 115 LEU A C     1 
ATOM   829  O O     . LEU A 1 120 ? -3.595  -12.334 -3.001  1.00 16.90 ? 115 LEU A O     1 
ATOM   830  C CB    . LEU A 1 120 ? -3.134  -11.761 -0.227  1.00 17.60 ? 115 LEU A CB    1 
ATOM   831  C CG    . LEU A 1 120 ? -3.307  -10.970 1.056   1.00 18.09 ? 115 LEU A CG    1 
ATOM   832  C CD1   . LEU A 1 120 ? -2.023  -10.198 1.472   1.00 17.24 ? 115 LEU A CD1   1 
ATOM   833  C CD2   . LEU A 1 120 ? -4.543  -10.017 0.930   1.00 14.10 ? 115 LEU A CD2   1 
ATOM   834  N N     . ARG A 1 121 ? -4.446  -14.342 -2.397  1.00 18.83 ? 116 ARG A N     1 
ATOM   835  C CA    . ARG A 1 121 ? -4.207  -14.946 -3.700  1.00 20.72 ? 116 ARG A CA    1 
ATOM   836  C C     . ARG A 1 121 ? -4.817  -14.162 -4.840  1.00 18.41 ? 116 ARG A C     1 
ATOM   837  O O     . ARG A 1 121 ? -4.212  -14.073 -5.931  1.00 22.20 ? 116 ARG A O     1 
ATOM   838  C CB    . ARG A 1 121 ? -4.791  -16.375 -3.757  1.00 23.50 ? 116 ARG A CB    1 
ATOM   839  C CG    . ARG A 1 121 ? -4.373  -17.145 -4.988  1.00 29.46 ? 116 ARG A CG    1 
ATOM   840  C CD    . ARG A 1 121 ? -4.844  -18.600 -4.916  1.00 32.20 ? 116 ARG A CD    1 
ATOM   841  N NE    . ARG A 1 121 ? -6.298  -18.684 -4.979  1.00 38.91 ? 116 ARG A NE    1 
ATOM   842  C CZ    . ARG A 1 121 ? -7.024  -18.527 -6.091  1.00 36.34 ? 116 ARG A CZ    1 
ATOM   843  N NH1   . ARG A 1 121 ? -6.444  -18.277 -7.269  1.00 43.81 ? 116 ARG A NH1   1 
ATOM   844  N NH2   . ARG A 1 121 ? -8.338  -18.598 -6.026  1.00 35.63 ? 116 ARG A NH2   1 
ATOM   845  N N     . LYS A 1 122 ? -6.014  -13.622 -4.598  1.00 15.01 ? 117 LYS A N     1 
ATOM   846  C CA    . LYS A 1 122 ? -6.806  -12.854 -5.595  1.00 23.01 ? 117 LYS A CA    1 
ATOM   847  C C     . LYS A 1 122 ? -6.548  -11.378 -5.698  1.00 18.78 ? 117 LYS A C     1 
ATOM   848  O O     . LYS A 1 122 ? -7.046  -10.751 -6.609  1.00 21.64 ? 117 LYS A O     1 
ATOM   849  C CB    . LYS A 1 122 ? -8.294  -13.116 -5.372  1.00 22.03 ? 117 LYS A CB    1 
ATOM   850  C CG    . LYS A 1 122 ? -8.633  -14.629 -5.479  1.00 22.00 ? 117 LYS A CG    1 
ATOM   851  C CD    . LYS A 1 122 ? -10.152 -14.861 -5.470  1.00 27.47 ? 117 LYS A CD    1 
ATOM   852  C CE    . LYS A 1 122 ? -10.528 -16.183 -4.867  1.00 28.71 ? 117 LYS A CE    1 
ATOM   853  N NZ    . LYS A 1 122 ? -12.004 -16.467 -5.139  1.00 26.98 ? 117 LYS A NZ    1 
ATOM   854  N N     . ALA A 1 123 ? -5.723  -10.863 -4.816  1.00 15.18 ? 118 ALA A N     1 
ATOM   855  C CA    . ALA A 1 123 ? -5.509  -9.411  -4.718  1.00 13.10 ? 118 ALA A CA    1 
ATOM   856  C C     . ALA A 1 123 ? -4.592  -8.912  -5.836  1.00 16.46 ? 118 ALA A C     1 
ATOM   857  O O     . ALA A 1 123 ? -3.655  -9.606  -6.234  1.00 20.01 ? 118 ALA A O     1 
ATOM   858  C CB    . ALA A 1 123 ? -4.905  -9.105  -3.364  1.00 13.58 ? 118 ALA A CB    1 
ATOM   859  N N     . GLY A 1 124 ? -4.848  -7.708  -6.332  1.00 16.02 ? 119 GLY A N     1 
ATOM   860  C CA    . GLY A 1 124 ? -3.830  -7.016  -7.154  1.00 12.84 ? 119 GLY A CA    1 
ATOM   861  C C     . GLY A 1 124 ? -2.922  -6.192  -6.272  1.00 17.31 ? 119 GLY A C     1 
ATOM   862  O O     . GLY A 1 124 ? -3.251  -5.925  -5.114  1.00 15.53 ? 119 GLY A O     1 
ATOM   863  N N     . LEU A 1 125 ? -1.762  -5.818  -6.787  1.00 13.47 ? 120 LEU A N     1 
ATOM   864  C CA    . LEU A 1 125 ? -0.734  -5.132  -5.991  1.00 12.07 ? 120 LEU A CA    1 
ATOM   865  C C     . LEU A 1 125 ? -0.390  -3.830  -6.663  1.00 12.59 ? 120 LEU A C     1 
ATOM   866  O O     . LEU A 1 125 ? 0.051   -3.833  -7.824  1.00 12.44 ? 120 LEU A O     1 
ATOM   867  C CB    . LEU A 1 125 ? 0.537   -5.968  -5.912  1.00 13.60 ? 120 LEU A CB    1 
ATOM   868  C CG    . LEU A 1 125 ? 1.744   -5.387  -5.232  1.00 12.60 ? 120 LEU A CG    1 
ATOM   869  C CD1   . LEU A 1 125 ? 1.471   -5.117  -3.710  1.00 14.74 ? 120 LEU A CD1   1 
ATOM   870  C CD2   . LEU A 1 125 ? 2.962   -6.313  -5.448  1.00 13.36 ? 120 LEU A CD2   1 
ATOM   871  N N     . LEU A 1 126 ? -0.597  -2.740  -5.941  1.00 12.92 ? 121 LEU A N     1 
ATOM   872  C CA    . LEU A 1 126 ? -0.259  -1.390  -6.421  1.00 10.43 ? 121 LEU A CA    1 
ATOM   873  C C     . LEU A 1 126 ? 0.844   -0.895  -5.511  1.00 13.14 ? 121 LEU A C     1 
ATOM   874  O O     . LEU A 1 126 ? 0.655   -0.778  -4.289  1.00 12.82 ? 121 LEU A O     1 
ATOM   875  C CB    . LEU A 1 126 ? -1.438  -0.447  -6.319  1.00 11.50 ? 121 LEU A CB    1 
ATOM   876  C CG    . LEU A 1 126 ? -1.214  1.025   -6.690  1.00 12.32 ? 121 LEU A CG    1 
ATOM   877  C CD1   . LEU A 1 126 ? -0.667  1.244   -8.106  1.00 12.15 ? 121 LEU A CD1   1 
ATOM   878  C CD2   . LEU A 1 126 ? -2.510  1.783   -6.545  1.00 14.88 ? 121 LEU A CD2   1 
ATOM   879  N N     . ILE A 1 127 ? 1.997   -0.619  -6.088  1.00 11.32 ? 122 ILE A N     1 
ATOM   880  C CA    . ILE A 1 127 ? 3.111   0.006   -5.351  1.00 11.72 ? 122 ILE A CA    1 
ATOM   881  C C     . ILE A 1 127 ? 3.143   1.500   -5.656  1.00 11.59 ? 122 ILE A C     1 
ATOM   882  O O     . ILE A 1 127 ? 3.305   1.900   -6.816  1.00 11.50 ? 122 ILE A O     1 
ATOM   883  C CB    . ILE A 1 127 ? 4.495   -0.583  -5.689  1.00 16.16 ? 122 ILE A CB    1 
ATOM   884  C CG1   . ILE A 1 127 ? 4.510   -2.122  -5.572  1.00 18.50 ? 122 ILE A CG1   1 
ATOM   885  C CG2   . ILE A 1 127 ? 5.561   0.055   -4.838  1.00 15.05 ? 122 ILE A CG2   1 
ATOM   886  C CD1   . ILE A 1 127 ? 4.283   -2.617  -4.214  1.00 24.32 ? 122 ILE A CD1   1 
ATOM   887  N N     . PHE A 1 128 ? 2.966   2.319   -4.633  1.00 9.72  ? 123 PHE A N     1 
ATOM   888  C CA    . PHE A 1 128 ? 3.175   3.782   -4.777  1.00 12.42 ? 123 PHE A CA    1 
ATOM   889  C C     . PHE A 1 128 ? 4.596   4.107   -4.347  1.00 8.92  ? 123 PHE A C     1 
ATOM   890  O O     . PHE A 1 128 ? 4.937   3.998   -3.184  1.00 12.64 ? 123 PHE A O     1 
ATOM   891  C CB    . PHE A 1 128 ? 2.196   4.616   -3.947  1.00 12.65 ? 123 PHE A CB    1 
ATOM   892  C CG    . PHE A 1 128 ? 0.847   4.870   -4.623  1.00 11.62 ? 123 PHE A CG    1 
ATOM   893  C CD1   . PHE A 1 128 ? 0.789   5.457   -5.867  1.00 11.74 ? 123 PHE A CD1   1 
ATOM   894  C CD2   . PHE A 1 128 ? -0.324  4.589   -3.983  1.00 12.93 ? 123 PHE A CD2   1 
ATOM   895  C CE1   . PHE A 1 128 ? -0.449  5.716   -6.486  1.00 12.69 ? 123 PHE A CE1   1 
ATOM   896  C CE2   . PHE A 1 128 ? -1.542  4.836   -4.591  1.00 14.29 ? 123 PHE A CE2   1 
ATOM   897  C CZ    . PHE A 1 128 ? -1.590  5.412   -5.846  1.00 15.65 ? 123 PHE A CZ    1 
ATOM   898  N N     . ALA A 1 129 ? 5.409   4.577   -5.305  1.00 8.39  ? 124 ALA A N     1 
ATOM   899  C CA    . ALA A 1 129 ? 6.721   5.054   -5.065  1.00 10.06 ? 124 ALA A CA    1 
ATOM   900  C C     . ALA A 1 129 ? 6.566   6.557   -4.734  1.00 12.72 ? 124 ALA A C     1 
ATOM   901  O O     . ALA A 1 129 ? 6.540   7.425   -5.628  1.00 12.69 ? 124 ALA A O     1 
ATOM   902  C CB    . ALA A 1 129 ? 7.669   4.817   -6.299  1.00 9.92  ? 124 ALA A CB    1 
ATOM   903  N N     . ASN A 1 130 ? 6.373   6.826   -3.459  1.00 9.67  ? 125 ASN A N     1 
ATOM   904  C CA    . ASN A 1 130 ? 5.971   8.145   -3.001  1.00 10.76 ? 125 ASN A CA    1 
ATOM   905  C C     . ASN A 1 130 ? 7.180   9.016   -2.711  1.00 11.94 ? 125 ASN A C     1 
ATOM   906  O O     . ASN A 1 130 ? 8.342   8.545   -2.611  1.00 12.04 ? 125 ASN A O     1 
ATOM   907  C CB    . ASN A 1 130 ? 5.073   8.011   -1.738  1.00 10.94 ? 125 ASN A CB    1 
ATOM   908  C CG    . ASN A 1 130 ? 4.382   9.304   -1.357  1.00 11.92 ? 125 ASN A CG    1 
ATOM   909  O OD1   . ASN A 1 130 ? 3.939   10.072  -2.227  1.00 12.07 ? 125 ASN A OD1   1 
ATOM   910  N ND2   . ASN A 1 130 ? 4.327   9.565   -0.080  1.00 11.59 ? 125 ASN A ND2   1 
ATOM   911  N N     . LYS A 1 131 ? 6.937   10.312  -2.567  1.00 11.71 ? 126 LYS A N     1 
ATOM   912  C CA    . LYS A 1 131 ? 7.997   11.304  -2.317  1.00 12.84 ? 126 LYS A CA    1 
ATOM   913  C C     . LYS A 1 131 ? 8.960   11.449  -3.478  1.00 13.50 ? 126 LYS A C     1 
ATOM   914  O O     . LYS A 1 131 ? 10.128  11.777  -3.288  1.00 13.28 ? 126 LYS A O     1 
ATOM   915  C CB    . LYS A 1 131 ? 8.743   11.066  -0.993  1.00 12.74 ? 126 LYS A CB    1 
ATOM   916  C CG    . LYS A 1 131 ? 7.839   10.676  0.175   1.00 13.66 ? 126 LYS A CG    1 
ATOM   917  C CD    . LYS A 1 131 ? 8.430   11.047  1.530   1.00 13.53 ? 126 LYS A CD    1 
ATOM   918  C CE    . LYS A 1 131 ? 7.534   10.582  2.705   1.00 15.83 ? 126 LYS A CE    1 
ATOM   919  N NZ    . LYS A 1 131 ? 8.142   10.788  4.044   1.00 15.10 ? 126 LYS A NZ    1 
ATOM   920  N N     . GLN A 1 132 ? 8.439   11.243  -4.671  1.00 13.07 ? 127 GLN A N     1 
ATOM   921  C CA    . GLN A 1 132 ? 9.242   11.434  -5.919  1.00 12.96 ? 127 GLN A CA    1 
ATOM   922  C C     . GLN A 1 132 ? 9.486   12.932  -6.215  1.00 16.20 ? 127 GLN A C     1 
ATOM   923  O O     . GLN A 1 132 ? 10.238  13.256  -7.152  1.00 16.99 ? 127 GLN A O     1 
ATOM   924  C CB    . GLN A 1 132 ? 8.590   10.785  -7.078  1.00 13.95 ? 127 GLN A CB    1 
ATOM   925  C CG    . GLN A 1 132 ? 8.626   9.252   -7.077  1.00 14.85 ? 127 GLN A CG    1 
ATOM   926  C CD    . GLN A 1 132 ? 9.979   8.728   -7.493  1.00 18.96 ? 127 GLN A CD    1 
ATOM   927  O OE1   . GLN A 1 132 ? 10.534  9.162   -8.530  1.00 18.60 ? 127 GLN A OE1   1 
ATOM   928  N NE2   . GLN A 1 132 ? 10.531  7.774   -6.721  1.00 17.34 ? 127 GLN A NE2   1 
ATOM   929  N N     . ASP A 1 133 ? 8.894   13.824  -5.411  1.00 14.38 ? 128 ASP A N     1 
ATOM   930  C CA    . ASP A 1 133 ? 9.253   15.256  -5.441  1.00 16.62 ? 128 ASP A CA    1 
ATOM   931  C C     . ASP A 1 133 ? 10.678  15.512  -4.926  1.00 16.78 ? 128 ASP A C     1 
ATOM   932  O O     . ASP A 1 133 ? 11.266  16.568  -5.174  1.00 19.50 ? 128 ASP A O     1 
ATOM   933  C CB    . ASP A 1 133 ? 8.270   16.123  -4.609  1.00 18.17 ? 128 ASP A CB    1 
ATOM   934  C CG    . ASP A 1 133 ? 8.199   15.722  -3.139  1.00 22.04 ? 128 ASP A CG    1 
ATOM   935  O OD1   . ASP A 1 133 ? 7.809   14.543  -2.889  1.00 18.00 ? 128 ASP A OD1   1 
ATOM   936  O OD2   . ASP A 1 133 ? 8.514   16.547  -2.243  1.00 20.79 ? 128 ASP A OD2   1 
ATOM   937  N N     . VAL A 1 134 ? 11.223  14.578  -4.157  1.00 14.22 ? 129 VAL A N     1 
ATOM   938  C CA    . VAL A 1 134 ? 12.404  14.826  -3.387  1.00 18.19 ? 129 VAL A CA    1 
ATOM   939  C C     . VAL A 1 134 ? 13.645  14.492  -4.204  1.00 19.39 ? 129 VAL A C     1 
ATOM   940  O O     . VAL A 1 134 ? 13.742  13.432  -4.800  1.00 17.54 ? 129 VAL A O     1 
ATOM   941  C CB    . VAL A 1 134 ? 12.387  14.024  -2.066  1.00 14.99 ? 129 VAL A CB    1 
ATOM   942  C CG1   . VAL A 1 134 ? 13.699  14.276  -1.251  1.00 18.50 ? 129 VAL A CG1   1 
ATOM   943  C CG2   . VAL A 1 134 ? 11.135  14.377  -1.242  1.00 17.09 ? 129 VAL A CG2   1 
ATOM   944  N N     . LYS A 1 135 ? 14.587  15.441  -4.256  1.00 19.51 ? 130 LYS A N     1 
ATOM   945  C CA    . LYS A 1 135 ? 15.816  15.250  -4.981  1.00 23.01 ? 130 LYS A CA    1 
ATOM   946  C C     . LYS A 1 135 ? 16.571  14.021  -4.478  1.00 17.35 ? 130 LYS A C     1 
ATOM   947  O O     . LYS A 1 135 ? 16.673  13.778  -3.281  1.00 18.41 ? 130 LYS A O     1 
ATOM   948  C CB    . LYS A 1 135 ? 16.741  16.458  -4.819  1.00 24.84 ? 130 LYS A CB    1 
ATOM   949  C CG    . LYS A 1 135 ? 16.390  17.664  -5.610  1.00 29.88 ? 130 LYS A CG    1 
ATOM   950  C CD    . LYS A 1 135 ? 17.493  18.702  -5.307  1.00 33.23 ? 130 LYS A CD    1 
ATOM   951  C CE    . LYS A 1 135 ? 17.346  20.017  -6.033  1.00 37.30 ? 130 LYS A CE    1 
ATOM   952  N NZ    . LYS A 1 135 ? 18.147  21.035  -5.273  1.00 38.02 ? 130 LYS A NZ    1 
ATOM   953  N N     . GLU A 1 136 ? 17.092  13.278  -5.425  1.00 16.98 ? 131 GLU A N     1 
ATOM   954  C CA    . GLU A 1 136 ? 18.019  12.170  -5.155  1.00 19.41 ? 131 GLU A CA    1 
ATOM   955  C C     . GLU A 1 136 ? 17.252  10.966  -4.606  1.00 19.78 ? 131 GLU A C     1 
ATOM   956  O O     . GLU A 1 136 ? 17.873  10.038  -4.117  1.00 20.75 ? 131 GLU A O     1 
ATOM   957  C CB    . GLU A 1 136 ? 19.163  12.585  -4.203  1.00 25.26 ? 131 GLU A CB    1 
ATOM   958  C CG    . GLU A 1 136 ? 20.058  13.733  -4.732  1.00 27.27 ? 131 GLU A CG    1 
ATOM   959  C CD    . GLU A 1 136 ? 21.180  14.175  -3.756  1.00 31.40 ? 131 GLU A CD    1 
ATOM   960  O OE1   . GLU A 1 136 ? 20.995  14.133  -2.505  1.00 36.83 ? 131 GLU A OE1   1 
ATOM   961  O OE2   . GLU A 1 136 ? 22.246  14.620  -4.253  1.00 34.86 ? 131 GLU A OE2   1 
ATOM   962  N N     . CYS A 1 137 ? 15.920  10.971  -4.710  1.00 16.90 ? 132 CYS A N     1 
ATOM   963  C CA    . CYS A 1 137 ? 15.135  9.811   -4.263  1.00 16.59 ? 132 CYS A CA    1 
ATOM   964  C C     . CYS A 1 137 ? 15.447  8.623   -5.190  1.00 15.49 ? 132 CYS A C     1 
ATOM   965  O O     . CYS A 1 137 ? 15.958  8.812   -6.312  1.00 17.30 ? 132 CYS A O     1 
ATOM   966  C CB    . CYS A 1 137 ? 13.662  10.166  -4.284  1.00 18.00 ? 132 CYS A CB    1 
ATOM   967  S SG    . CYS A 1 137 ? 12.991  10.420  -5.870  1.00 20.10 ? 132 CYS A SG    1 
ATOM   968  N N     . MET A 1 138 ? 15.173  7.381   -4.738  1.00 15.28 ? 133 MET A N     1 
ATOM   969  C CA    . MET A 1 138 ? 15.278  6.245   -5.603  1.00 14.00 ? 133 MET A CA    1 
ATOM   970  C C     . MET A 1 138 ? 14.312  6.399   -6.781  1.00 14.02 ? 133 MET A C     1 
ATOM   971  O O     . MET A 1 138 ? 13.197  6.857   -6.608  1.00 15.71 ? 133 MET A O     1 
ATOM   972  C CB    . MET A 1 138 ? 14.954  4.935   -4.860  1.00 15.15 ? 133 MET A CB    1 
ATOM   973  C CG    . MET A 1 138 ? 15.856  4.628   -3.729  1.00 15.25 ? 133 MET A CG    1 
ATOM   974  S SD    . MET A 1 138 ? 15.430  3.016   -2.899  1.00 18.86 ? 133 MET A SD    1 
ATOM   975  C CE    . MET A 1 138 ? 15.772  1.838   -4.234  1.00 24.93 ? 133 MET A CE    1 
ATOM   976  N N     . THR A 1 139 ? 14.726  5.973   -7.980  1.00 13.98 ? 134 THR A N     1 
ATOM   977  C CA    . THR A 1 139 ? 13.833  6.029   -9.131  1.00 15.42 ? 134 THR A CA    1 
ATOM   978  C C     . THR A 1 139 ? 12.855  4.857   -9.068  1.00 13.81 ? 134 THR A C     1 
ATOM   979  O O     . THR A 1 139 ? 13.095  3.879   -8.334  1.00 14.80 ? 134 THR A O     1 
ATOM   980  C CB    . THR A 1 139 ? 14.605  5.972   -10.454 1.00 15.32 ? 134 THR A CB    1 
ATOM   981  O OG1   . THR A 1 139 ? 15.178  4.680   -10.620 1.00 15.22 ? 134 THR A OG1   1 
ATOM   982  C CG2   . THR A 1 139 ? 15.723  7.077   -10.470 1.00 18.97 ? 134 THR A CG2   1 
ATOM   983  N N     . VAL A 1 140 ? 11.791  4.958   -9.843  1.00 12.26 ? 135 VAL A N     1 
ATOM   984  C CA    . VAL A 1 140 ? 10.798  3.887   -9.961  1.00 13.83 ? 135 VAL A CA    1 
ATOM   985  C C     . VAL A 1 140 ? 11.481  2.611   -10.463 1.00 13.23 ? 135 VAL A C     1 
ATOM   986  O O     . VAL A 1 140 ? 11.247  1.515   -9.948  1.00 14.92 ? 135 VAL A O     1 
ATOM   987  C CB    . VAL A 1 140 ? 9.663   4.281   -10.882 1.00 16.67 ? 135 VAL A CB    1 
ATOM   988  C CG1   . VAL A 1 140 ? 8.753   3.076   -11.180 1.00 18.26 ? 135 VAL A CG1   1 
ATOM   989  C CG2   . VAL A 1 140 ? 8.890   5.439   -10.242 1.00 20.11 ? 135 VAL A CG2   1 
ATOM   990  N N     . ALA A 1 141 ? 12.374  2.769   -11.427 1.00 13.66 ? 136 ALA A N     1 
ATOM   991  C CA    . ALA A 1 141 ? 13.108  1.597   -11.960 1.00 17.11 ? 136 ALA A CA    1 
ATOM   992  C C     . ALA A 1 141 ? 13.922  0.929   -10.877 1.00 15.20 ? 136 ALA A C     1 
ATOM   993  O O     . ALA A 1 141 ? 13.951  -0.324  -10.808 1.00 16.53 ? 136 ALA A O     1 
ATOM   994  C CB    . ALA A 1 141 ? 14.016  2.002   -13.145 1.00 19.43 ? 136 ALA A CB    1 
ATOM   995  N N     . GLU A 1 142 ? 14.572  1.711   -10.030 1.00 13.34 ? 137 GLU A N     1 
ATOM   996  C CA    . GLU A 1 142 ? 15.404  1.173   -8.955  1.00 14.27 ? 137 GLU A CA    1 
ATOM   997  C C     . GLU A 1 142 ? 14.564  0.476   -7.893  1.00 13.72 ? 137 GLU A C     1 
ATOM   998  O O     . GLU A 1 142 ? 14.910  -0.600  -7.388  1.00 14.41 ? 137 GLU A O     1 
ATOM   999  C CB    . GLU A 1 142 ? 16.265  2.237   -8.330  1.00 18.43 ? 137 GLU A CB    1 
ATOM   1000 C CG    . GLU A 1 142 ? 17.363  2.710   -9.326  1.00 18.16 ? 137 GLU A CG    1 
ATOM   1001 C CD    . GLU A 1 142 ? 18.099  3.920   -8.858  1.00 25.00 ? 137 GLU A CD    1 
ATOM   1002 O OE1   . GLU A 1 142 ? 17.572  4.735   -8.009  1.00 20.21 ? 137 GLU A OE1   1 
ATOM   1003 O OE2   . GLU A 1 142 ? 19.230  4.067   -9.368  1.00 31.69 ? 137 GLU A OE2   1 
ATOM   1004 N N     . ILE A 1 143 ? 13.428  1.065   -7.575  1.00 12.31 ? 138 ILE A N     1 
ATOM   1005 C CA    . ILE A 1 143 ? 12.502  0.455   -6.571  1.00 12.69 ? 138 ILE A CA    1 
ATOM   1006 C C     . ILE A 1 143 ? 11.991  -0.850  -7.113  1.00 12.37 ? 138 ILE A C     1 
ATOM   1007 O O     . ILE A 1 143 ? 11.949  -1.872  -6.378  1.00 13.54 ? 138 ILE A O     1 
ATOM   1008 C CB    . ILE A 1 143 ? 11.357  1.426   -6.195  1.00 12.08 ? 138 ILE A CB    1 
ATOM   1009 C CG1   . ILE A 1 143 ? 11.956  2.603   -5.391  1.00 9.69  ? 138 ILE A CG1   1 
ATOM   1010 C CG2   . ILE A 1 143 ? 10.260  0.720   -5.352  1.00 13.82 ? 138 ILE A CG2   1 
ATOM   1011 C CD1   . ILE A 1 143 ? 11.032  3.845   -5.256  1.00 11.76 ? 138 ILE A CD1   1 
ATOM   1012 N N     . SER A 1 144 ? 11.597  -0.852  -8.378  1.00 13.65 ? 139 SER A N     1 
ATOM   1013 C CA    . SER A 1 144 ? 11.092  -2.083  -9.002  1.00 13.98 ? 139 SER A CA    1 
ATOM   1014 C C     . SER A 1 144 ? 12.145  -3.190  -8.955  1.00 14.43 ? 139 SER A C     1 
ATOM   1015 O O     . SER A 1 144 ? 11.828  -4.342  -8.643  1.00 15.71 ? 139 SER A O     1 
ATOM   1016 C CB    A SER A 1 144 ? 10.593  -1.809  -10.429 0.65 14.32 ? 139 SER A CB    1 
ATOM   1017 C CB    B SER A 1 144 ? 10.728  -1.842  -10.468 0.35 14.81 ? 139 SER A CB    1 
ATOM   1018 O OG    A SER A 1 144 ? 9.976   -2.976  -10.988 0.65 15.23 ? 139 SER A OG    1 
ATOM   1019 O OG    B SER A 1 144 ? 9.835   -0.774  -10.632 0.35 15.41 ? 139 SER A OG    1 
ATOM   1020 N N     . GLN A 1 145 ? 13.376  -2.849  -9.339  1.00 13.71 ? 140 GLN A N     1 
ATOM   1021 C CA    . GLN A 1 145 ? 14.491  -3.771  -9.228  1.00 18.93 ? 140 GLN A CA    1 
ATOM   1022 C C     . GLN A 1 145 ? 14.712  -4.243  -7.812  1.00 15.25 ? 140 GLN A C     1 
ATOM   1023 O O     . GLN A 1 145 ? 14.822  -5.426  -7.568  1.00 18.96 ? 140 GLN A O     1 
ATOM   1024 C CB    . GLN A 1 145 ? 15.766  -3.107  -9.699  1.00 18.91 ? 140 GLN A CB    1 
ATOM   1025 C CG    . GLN A 1 145 ? 15.837  -2.884  -11.179 1.00 18.04 ? 140 GLN A CG    1 
ATOM   1026 C CD    . GLN A 1 145 ? 17.171  -2.263  -11.605 1.00 21.69 ? 140 GLN A CD    1 
ATOM   1027 O OE1   . GLN A 1 145 ? 17.401  -1.082  -11.432 1.00 21.02 ? 140 GLN A OE1   1 
ATOM   1028 N NE2   . GLN A 1 145 ? 18.034  -3.068  -12.177 1.00 23.74 ? 140 GLN A NE2   1 
ATOM   1029 N N     . PHE A 1 146 ? 14.841  -3.341  -6.883  1.00 13.85 ? 141 PHE A N     1 
ATOM   1030 C CA    . PHE A 1 146 ? 15.065  -3.735  -5.501  1.00 14.58 ? 141 PHE A CA    1 
ATOM   1031 C C     . PHE A 1 146 ? 14.018  -4.715  -4.980  1.00 14.16 ? 141 PHE A C     1 
ATOM   1032 O O     . PHE A 1 146 ? 14.339  -5.704  -4.310  1.00 13.76 ? 141 PHE A O     1 
ATOM   1033 C CB    . PHE A 1 146 ? 15.102  -2.524  -4.565  1.00 13.32 ? 141 PHE A CB    1 
ATOM   1034 C CG    . PHE A 1 146 ? 15.478  -2.881  -3.179  1.00 14.35 ? 141 PHE A CG    1 
ATOM   1035 C CD1   . PHE A 1 146 ? 16.790  -3.157  -2.833  1.00 16.61 ? 141 PHE A CD1   1 
ATOM   1036 C CD2   . PHE A 1 146 ? 14.529  -2.993  -2.201  1.00 14.84 ? 141 PHE A CD2   1 
ATOM   1037 C CE1   . PHE A 1 146 ? 17.123  -3.524  -1.537  1.00 16.85 ? 141 PHE A CE1   1 
ATOM   1038 C CE2   . PHE A 1 146 ? 14.874  -3.342  -0.903  1.00 17.80 ? 141 PHE A CE2   1 
ATOM   1039 C CZ    . PHE A 1 146 ? 16.156  -3.643  -0.576  1.00 18.78 ? 141 PHE A CZ    1 
ATOM   1040 N N     . LEU A 1 147 ? 12.762  -4.397  -5.226  1.00 13.53 ? 142 LEU A N     1 
ATOM   1041 C CA    . LEU A 1 147 ? 11.633  -5.229  -4.805  1.00 12.07 ? 142 LEU A CA    1 
ATOM   1042 C C     . LEU A 1 147 ? 11.397  -6.482  -5.658  1.00 14.60 ? 142 LEU A C     1 
ATOM   1043 O O     . LEU A 1 147 ? 10.478  -7.282  -5.366  1.00 18.76 ? 142 LEU A O     1 
ATOM   1044 C CB    . LEU A 1 147 ? 10.359  -4.394  -4.765  1.00 13.37 ? 142 LEU A CB    1 
ATOM   1045 C CG    . LEU A 1 147 ? 10.322  -3.206  -3.804  1.00 15.36 ? 142 LEU A CG    1 
ATOM   1046 C CD1   . LEU A 1 147 ? 8.984   -2.438  -3.961  1.00 14.51 ? 142 LEU A CD1   1 
ATOM   1047 C CD2   . LEU A 1 147 ? 10.483  -3.693  -2.323  1.00 15.46 ? 142 LEU A CD2   1 
ATOM   1048 N N     . LYS A 1 148 ? 12.176  -6.658  -6.717  1.00 13.06 ? 143 LYS A N     1 
ATOM   1049 C CA    . LYS A 1 148 ? 12.057  -7.811  -7.614  1.00 18.03 ? 143 LYS A CA    1 
ATOM   1050 C C     . LYS A 1 148 ? 10.644  -7.968  -8.188  1.00 15.88 ? 143 LYS A C     1 
ATOM   1051 O O     . LYS A 1 148 ? 10.142  -9.090  -8.328  1.00 16.61 ? 143 LYS A O     1 
ATOM   1052 C CB    . LYS A 1 148 ? 12.478  -9.101  -6.891  1.00 20.08 ? 143 LYS A CB    1 
ATOM   1053 C CG    . LYS A 1 148 ? 13.814  -9.049  -6.219  1.00 26.82 ? 143 LYS A CG    1 
ATOM   1054 C CD    . LYS A 1 148 ? 14.919  -8.867  -7.198  1.00 27.90 ? 143 LYS A CD    1 
ATOM   1055 C CE    . LYS A 1 148 ? 16.274  -8.753  -6.467  1.00 33.61 ? 143 LYS A CE    1 
ATOM   1056 N NZ    . LYS A 1 148 ? 16.482  -7.405  -5.853  1.00 32.55 ? 143 LYS A NZ    1 
ATOM   1057 N N     . LEU A 1 149 ? 10.027  -6.857  -8.602  1.00 13.79 ? 144 LEU A N     1 
ATOM   1058 C CA    . LEU A 1 149 ? 8.636   -6.916  -8.975  1.00 13.89 ? 144 LEU A CA    1 
ATOM   1059 C C     . LEU A 1 149 ? 8.429   -7.813  -10.218 1.00 16.09 ? 144 LEU A C     1 
ATOM   1060 O O     . LEU A 1 149 ? 7.367   -8.450  -10.366 1.00 15.33 ? 144 LEU A O     1 
ATOM   1061 C CB    . LEU A 1 149 ? 8.094   -5.507  -9.206  1.00 15.48 ? 144 LEU A CB    1 
ATOM   1062 C CG    . LEU A 1 149 ? 8.083   -4.577  -7.985  1.00 13.66 ? 144 LEU A CG    1 
ATOM   1063 C CD1   . LEU A 1 149 ? 7.501   -3.194  -8.436  1.00 14.43 ? 144 LEU A CD1   1 
ATOM   1064 C CD2   . LEU A 1 149 ? 7.251   -5.185  -6.880  1.00 14.22 ? 144 LEU A CD2   1 
ATOM   1065 N N     . THR A 1 150 ? 9.409   -7.856  -11.120 1.00 16.39 ? 145 THR A N     1 
ATOM   1066 C CA    A THR A 1 150 ? 9.321   -8.691  -12.323 0.50 21.85 ? 145 THR A CA    1 
ATOM   1067 C CA    B THR A 1 150 ? 9.222   -8.696  -12.320 0.50 19.80 ? 145 THR A CA    1 
ATOM   1068 C C     . THR A 1 150 ? 9.227   -10.185 -11.968 1.00 19.17 ? 145 THR A C     1 
ATOM   1069 O O     . THR A 1 150 ? 8.816   -11.019 -12.802 1.00 26.10 ? 145 THR A O     1 
ATOM   1070 C CB    A THR A 1 150 ? 10.541  -8.426  -13.272 0.50 24.36 ? 145 THR A CB    1 
ATOM   1071 C CB    B THR A 1 150 ? 10.262  -8.417  -13.418 0.50 17.93 ? 145 THR A CB    1 
ATOM   1072 O OG1   A THR A 1 150 ? 10.522  -9.351  -14.358 0.50 31.45 ? 145 THR A OG1   1 
ATOM   1073 O OG1   B THR A 1 150 ? 11.561  -8.741  -12.921 0.50 18.49 ? 145 THR A OG1   1 
ATOM   1074 C CG2   A THR A 1 150 ? 11.874  -8.572  -12.526 0.50 26.27 ? 145 THR A CG2   1 
ATOM   1075 C CG2   B THR A 1 150 ? 10.210  -6.983  -13.835 0.50 16.08 ? 145 THR A CG2   1 
ATOM   1076 N N     . SER A 1 151 ? 9.604   -10.535 -10.729 1.00 18.46 ? 146 SER A N     1 
ATOM   1077 C CA    A SER A 1 151 ? 9.498   -11.915 -10.194 0.50 19.37 ? 146 SER A CA    1 
ATOM   1078 C CA    B SER A 1 151 ? 9.487   -11.932 -10.283 0.50 21.80 ? 146 SER A CA    1 
ATOM   1079 C C     . SER A 1 151 ? 8.064   -12.293 -9.846  1.00 21.19 ? 146 SER A C     1 
ATOM   1080 O O     . SER A 1 151 ? 7.750   -13.478 -9.639  1.00 23.22 ? 146 SER A O     1 
ATOM   1081 C CB    A SER A 1 151 ? 10.367  -12.096 -8.928  0.50 18.17 ? 146 SER A CB    1 
ATOM   1082 C CB    B SER A 1 151 ? 10.468  -12.225 -9.167  0.50 23.62 ? 146 SER A CB    1 
ATOM   1083 O OG    A SER A 1 151 ? 9.704   -11.720 -7.716  0.50 13.20 ? 146 SER A OG    1 
ATOM   1084 O OG    B SER A 1 151 ? 11.785  -12.163 -9.670  0.50 25.34 ? 146 SER A OG    1 
ATOM   1085 N N     . ILE A 1 152 ? 7.198   -11.289 -9.728  1.00 17.51 ? 147 ILE A N     1 
ATOM   1086 C CA    . ILE A 1 152 ? 5.834   -11.512 -9.282  1.00 19.16 ? 147 ILE A CA    1 
ATOM   1087 C C     . ILE A 1 152 ? 4.992   -11.882 -10.488 1.00 20.50 ? 147 ILE A C     1 
ATOM   1088 O O     . ILE A 1 152 ? 4.656   -11.033 -11.323 1.00 21.64 ? 147 ILE A O     1 
ATOM   1089 C CB    . ILE A 1 152 ? 5.261   -10.294 -8.534  1.00 17.23 ? 147 ILE A CB    1 
ATOM   1090 C CG1   . ILE A 1 152 ? 6.093   -9.977  -7.302  1.00 18.74 ? 147 ILE A CG1   1 
ATOM   1091 C CG2   . ILE A 1 152 ? 3.795   -10.538 -8.128  1.00 18.49 ? 147 ILE A CG2   1 
ATOM   1092 C CD1   . ILE A 1 152 ? 5.863   -8.524  -6.740  1.00 19.23 ? 147 ILE A CD1   1 
ATOM   1093 N N     . LYS A 1 153 ? 4.655   -13.164 -10.570 1.00 18.73 ? 148 LYS A N     1 
ATOM   1094 C CA    . LYS A 1 153 ? 3.910   -13.701 -11.725 1.00 19.69 ? 148 LYS A CA    1 
ATOM   1095 C C     . LYS A 1 153 ? 2.484   -14.077 -11.424 1.00 21.50 ? 148 LYS A C     1 
ATOM   1096 O O     . LYS A 1 153 ? 1.662   -14.070 -12.309 1.00 18.96 ? 148 LYS A O     1 
ATOM   1097 C CB    . LYS A 1 153 ? 4.647   -14.937 -12.261 1.00 25.09 ? 148 LYS A CB    1 
ATOM   1098 C CG    . LYS A 1 153 ? 6.040   -14.663 -12.752 1.00 27.91 ? 148 LYS A CG    1 
ATOM   1099 C CD    . LYS A 1 153 ? 6.018   -13.796 -13.965 1.00 31.69 ? 148 LYS A CD    1 
ATOM   1100 C CE    . LYS A 1 153 ? 7.365   -13.703 -14.637 1.00 37.18 ? 148 LYS A CE    1 
ATOM   1101 N NZ    . LYS A 1 153 ? 7.232   -12.832 -15.840 1.00 39.17 ? 148 LYS A NZ    1 
ATOM   1102 N N     . ASP A 1 154 ? 2.181   -14.380 -10.159 1.00 20.13 ? 149 ASP A N     1 
ATOM   1103 C CA    . ASP A 1 154 ? 0.882   -14.883 -9.791  1.00 20.80 ? 149 ASP A CA    1 
ATOM   1104 C C     . ASP A 1 154 ? -0.094  -13.816 -9.311  1.00 21.25 ? 149 ASP A C     1 
ATOM   1105 O O     . ASP A 1 154 ? -1.264  -14.128 -9.039  1.00 21.12 ? 149 ASP A O     1 
ATOM   1106 C CB    . ASP A 1 154 ? 1.057   -15.945 -8.699  1.00 25.08 ? 149 ASP A CB    1 
ATOM   1107 C CG    . ASP A 1 154 ? 1.789   -17.206 -9.199  1.00 32.36 ? 149 ASP A CG    1 
ATOM   1108 O OD1   . ASP A 1 154 ? 1.703   -17.553 -10.406 1.00 36.30 ? 149 ASP A OD1   1 
ATOM   1109 O OD2   . ASP A 1 154 ? 2.466   -17.846 -8.371  1.00 39.71 ? 149 ASP A OD2   1 
ATOM   1110 N N     . HIS A 1 155 ? 0.390   -12.570 -9.171  1.00 16.59 ? 150 HIS A N     1 
ATOM   1111 C CA    . HIS A 1 155 ? -0.429  -11.411 -8.907  1.00 15.81 ? 150 HIS A CA    1 
ATOM   1112 C C     . HIS A 1 155 ? -0.167  -10.354 -9.972  1.00 17.19 ? 150 HIS A C     1 
ATOM   1113 O O     . HIS A 1 155 ? 0.982   -10.198 -10.410 1.00 19.61 ? 150 HIS A O     1 
ATOM   1114 C CB    . HIS A 1 155 ? -0.055  -10.779 -7.560  1.00 18.25 ? 150 HIS A CB    1 
ATOM   1115 C CG    . HIS A 1 155 ? -0.304  -11.648 -6.372  1.00 17.16 ? 150 HIS A CG    1 
ATOM   1116 N ND1   . HIS A 1 155 ? 0.580   -12.616 -5.954  1.00 17.69 ? 150 HIS A ND1   1 
ATOM   1117 C CD2   . HIS A 1 155 ? -1.318  -11.650 -5.474  1.00 16.49 ? 150 HIS A CD2   1 
ATOM   1118 C CE1   . HIS A 1 155 ? 0.110   -13.192 -4.857  1.00 17.93 ? 150 HIS A CE1   1 
ATOM   1119 N NE2   . HIS A 1 155 ? -1.048  -12.632 -4.556  1.00 16.85 ? 150 HIS A NE2   1 
ATOM   1120 N N     . GLN A 1 156 ? -1.219  -9.640  -10.369 1.00 16.23 ? 151 GLN A N     1 
ATOM   1121 C CA    . GLN A 1 156 ? -1.095  -8.485  -11.243 1.00 18.14 ? 151 GLN A CA    1 
ATOM   1122 C C     . GLN A 1 156 ? -0.638  -7.304  -10.396 1.00 17.44 ? 151 GLN A C     1 
ATOM   1123 O O     . GLN A 1 156 ? -1.090  -7.146  -9.259  1.00 16.26 ? 151 GLN A O     1 
ATOM   1124 C CB    . GLN A 1 156 ? -2.394  -8.193  -11.945 1.00 23.70 ? 151 GLN A CB    1 
ATOM   1125 C CG    . GLN A 1 156 ? -2.749  -9.301  -12.963 1.00 32.57 ? 151 GLN A CG    1 
ATOM   1126 C CD    . GLN A 1 156 ? -1.606  -9.599  -13.937 1.00 37.23 ? 151 GLN A CD    1 
ATOM   1127 O OE1   . GLN A 1 156 ? -1.386  -8.850  -14.910 1.00 40.05 ? 151 GLN A OE1   1 
ATOM   1128 N NE2   . GLN A 1 156 ? -0.856  -10.701 -13.675 1.00 41.48 ? 151 GLN A NE2   1 
ATOM   1129 N N     . TRP A 1 157 ? 0.295   -6.544  -10.952 1.00 14.93 ? 152 TRP A N     1 
ATOM   1130 C CA    . TRP A 1 157 ? 0.928   -5.429  -10.210 1.00 12.47 ? 152 TRP A CA    1 
ATOM   1131 C C     . TRP A 1 157 ? 1.272   -4.246  -11.071 1.00 13.52 ? 152 TRP A C     1 
ATOM   1132 O O     . TRP A 1 157 ? 1.473   -4.352  -12.292 1.00 13.30 ? 152 TRP A O     1 
ATOM   1133 C CB    . TRP A 1 157 ? 2.183   -5.933  -9.477  1.00 12.69 ? 152 TRP A CB    1 
ATOM   1134 C CG    . TRP A 1 157 ? 3.257   -6.413  -10.329 1.00 13.17 ? 152 TRP A CG    1 
ATOM   1135 C CD1   . TRP A 1 157 ? 3.464   -7.716  -10.723 1.00 16.62 ? 152 TRP A CD1   1 
ATOM   1136 C CD2   . TRP A 1 157 ? 4.278   -5.632  -10.974 1.00 15.38 ? 152 TRP A CD2   1 
ATOM   1137 N NE1   . TRP A 1 157 ? 4.553   -7.789  -11.541 1.00 19.04 ? 152 TRP A NE1   1 
ATOM   1138 C CE2   . TRP A 1 157 ? 5.085   -6.530  -11.700 1.00 17.57 ? 152 TRP A CE2   1 
ATOM   1139 C CE3   . TRP A 1 157 ? 4.637   -4.279  -10.953 1.00 14.98 ? 152 TRP A CE3   1 
ATOM   1140 C CZ2   . TRP A 1 157 ? 6.197   -6.105  -12.437 1.00 15.87 ? 152 TRP A CZ2   1 
ATOM   1141 C CZ3   . TRP A 1 157 ? 5.759   -3.869  -11.703 1.00 16.66 ? 152 TRP A CZ3   1 
ATOM   1142 C CH2   . TRP A 1 157 ? 6.497   -4.781  -12.437 1.00 16.43 ? 152 TRP A CH2   1 
ATOM   1143 N N     . HIS A 1 158 ? 1.374   -3.094  -10.420 1.00 12.91 ? 153 HIS A N     1 
ATOM   1144 C CA    . HIS A 1 158 ? 1.753   -1.852  -11.090 1.00 10.88 ? 153 HIS A CA    1 
ATOM   1145 C C     . HIS A 1 158 ? 2.508   -1.048  -10.074 1.00 13.36 ? 153 HIS A C     1 
ATOM   1146 O O     . HIS A 1 158 ? 2.185   -1.094  -8.895  1.00 12.21 ? 153 HIS A O     1 
ATOM   1147 C CB    . HIS A 1 158 ? 0.502   -1.066  -11.520 1.00 12.34 ? 153 HIS A CB    1 
ATOM   1148 C CG    . HIS A 1 158 ? 0.787   0.281   -12.093 1.00 15.70 ? 153 HIS A CG    1 
ATOM   1149 N ND1   . HIS A 1 158 ? 1.518   0.466   -13.245 1.00 18.47 ? 153 HIS A ND1   1 
ATOM   1150 C CD2   . HIS A 1 158 ? 0.376   1.507   -11.703 1.00 17.37 ? 153 HIS A CD2   1 
ATOM   1151 C CE1   . HIS A 1 158 ? 1.574   1.757   -13.520 1.00 20.02 ? 153 HIS A CE1   1 
ATOM   1152 N NE2   . HIS A 1 158 ? 0.898   2.411   -12.593 1.00 18.73 ? 153 HIS A NE2   1 
ATOM   1153 N N     . ILE A 1 159 ? 3.559   -0.381  -10.519 1.00 11.72 ? 154 ILE A N     1 
ATOM   1154 C CA    . ILE A 1 159 ? 4.262   0.577   -9.689  1.00 11.41 ? 154 ILE A CA    1 
ATOM   1155 C C     . ILE A 1 159 ? 4.116   1.970   -10.273 1.00 16.68 ? 154 ILE A C     1 
ATOM   1156 O O     . ILE A 1 159 ? 4.192   2.163   -11.493 1.00 14.35 ? 154 ILE A O     1 
ATOM   1157 C CB    . ILE A 1 159 ? 5.749   0.210   -9.512  1.00 12.80 ? 154 ILE A CB    1 
ATOM   1158 C CG1   . ILE A 1 159 ? 6.441   1.241   -8.588  1.00 10.66 ? 154 ILE A CG1   1 
ATOM   1159 C CG2   . ILE A 1 159 ? 6.457   0.155   -10.853 1.00 11.93 ? 154 ILE A CG2   1 
ATOM   1160 C CD1   . ILE A 1 159 ? 7.824   0.766   -8.087  1.00 10.96 ? 154 ILE A CD1   1 
ATOM   1161 N N     . GLN A 1 160 ? 3.888   2.936   -9.390  1.00 13.18 ? 155 GLN A N     1 
ATOM   1162 C CA    . GLN A 1 160 ? 3.475   4.268   -9.797  1.00 11.94 ? 155 GLN A CA    1 
ATOM   1163 C C     . GLN A 1 160 ? 4.204   5.331   -8.995  1.00 14.06 ? 155 GLN A C     1 
ATOM   1164 O O     . GLN A 1 160 ? 4.135   5.337   -7.770  1.00 11.76 ? 155 GLN A O     1 
ATOM   1165 C CB    . GLN A 1 160 ? 1.956   4.418   -9.656  1.00 11.94 ? 155 GLN A CB    1 
ATOM   1166 C CG    . GLN A 1 160 ? 1.466   5.805   -9.970  1.00 14.96 ? 155 GLN A CG    1 
ATOM   1167 C CD    . GLN A 1 160 ? 1.660   6.117   -11.420 1.00 17.99 ? 155 GLN A CD    1 
ATOM   1168 O OE1   . GLN A 1 160 ? 1.263   5.319   -12.281 1.00 19.40 ? 155 GLN A OE1   1 
ATOM   1169 N NE2   . GLN A 1 160 ? 2.256   7.255   -11.712 1.00 17.51 ? 155 GLN A NE2   1 
ATOM   1170 N N     . ALA A 1 161 ? 4.928   6.229   -9.693  1.00 13.59 ? 156 ALA A N     1 
ATOM   1171 C CA    . ALA A 1 161 ? 5.576   7.373   -9.037  1.00 13.25 ? 156 ALA A CA    1 
ATOM   1172 C C     . ALA A 1 161 ? 4.486   8.329   -8.572  1.00 13.96 ? 156 ALA A C     1 
ATOM   1173 O O     . ALA A 1 161 ? 3.523   8.575   -9.305  1.00 14.40 ? 156 ALA A O     1 
ATOM   1174 C CB    . ALA A 1 161 ? 6.512   8.131   -10.048 1.00 14.13 ? 156 ALA A CB    1 
ATOM   1175 N N     . CYS A 1 162 ? 4.635   8.855   -7.366  1.00 14.19 ? 157 CYS A N     1 
ATOM   1176 C CA    . CYS A 1 162 ? 3.712   9.889   -6.877  1.00 13.94 ? 157 CYS A CA    1 
ATOM   1177 C C     . CYS A 1 162 ? 4.331   10.839  -5.915  1.00 15.07 ? 157 CYS A C     1 
ATOM   1178 O O     . CYS A 1 162 ? 5.404   10.600  -5.368  1.00 13.83 ? 157 CYS A O     1 
ATOM   1179 C CB    . CYS A 1 162 ? 2.482   9.303   -6.254  1.00 15.21 ? 157 CYS A CB    1 
ATOM   1180 S SG    . CYS A 1 162 ? 2.811   8.201   -4.814  1.00 16.84 ? 157 CYS A SG    1 
ATOM   1181 N N     . CYS A 1 163 ? 3.621   11.949  -5.740  1.00 13.16 ? 158 CYS A N     1 
ATOM   1182 C CA    . CYS A 1 163 ? 3.889   12.919  -4.672  1.00 13.36 ? 158 CYS A CA    1 
ATOM   1183 C C     . CYS A 1 163 ? 2.548   13.125  -3.977  1.00 13.57 ? 158 CYS A C     1 
ATOM   1184 O O     . CYS A 1 163 ? 1.622   13.733  -4.564  1.00 15.58 ? 158 CYS A O     1 
ATOM   1185 C CB    . CYS A 1 163 ? 4.389   14.244  -5.233  1.00 14.65 ? 158 CYS A CB    1 
ATOM   1186 S SG    . CYS A 1 163 ? 4.501   15.522  -3.955  1.00 17.60 ? 158 CYS A SG    1 
ATOM   1187 N N     . ALA A 1 164 ? 2.410   12.559  -2.789  1.00 14.24 ? 159 ALA A N     1 
ATOM   1188 C CA    . ALA A 1 164 ? 1.156   12.562  -2.068  1.00 14.58 ? 159 ALA A CA    1 
ATOM   1189 C C     . ALA A 1 164 ? 0.792   13.976  -1.609  1.00 14.13 ? 159 ALA A C     1 
ATOM   1190 O O     . ALA A 1 164 ? -0.391  14.231  -1.411  1.00 16.77 ? 159 ALA A O     1 
ATOM   1191 C CB    . ALA A 1 164 ? 1.200   11.607  -0.845  1.00 14.63 ? 159 ALA A CB    1 
ATOM   1192 N N     . LEU A 1 165 ? 1.784   14.853  -1.367  1.00 15.17 ? 160 LEU A N     1 
ATOM   1193 C CA    . LEU A 1 165 ? 1.454   16.250  -0.946  1.00 15.20 ? 160 LEU A CA    1 
ATOM   1194 C C     . LEU A 1 165 ? 0.624   16.973  -2.019  1.00 18.97 ? 160 LEU A C     1 
ATOM   1195 O O     . LEU A 1 165 ? -0.321  17.694  -1.697  1.00 22.73 ? 160 LEU A O     1 
ATOM   1196 C CB    . LEU A 1 165 ? 2.704   17.076  -0.597  1.00 15.95 ? 160 LEU A CB    1 
ATOM   1197 C CG    . LEU A 1 165 ? 3.599   16.625  0.558   1.00 17.24 ? 160 LEU A CG    1 
ATOM   1198 C CD1   . LEU A 1 165 ? 4.900   17.395  0.632   1.00 17.31 ? 160 LEU A CD1   1 
ATOM   1199 C CD2   . LEU A 1 165 ? 2.914   16.636  1.892   1.00 21.27 ? 160 LEU A CD2   1 
ATOM   1200 N N     . THR A 1 166 ? 0.989   16.797  -3.276  1.00 15.02 ? 161 THR A N     1 
ATOM   1201 C CA    . THR A 1 166 ? 0.288   17.428  -4.417  1.00 17.68 ? 161 THR A CA    1 
ATOM   1202 C C     . THR A 1 166 ? -0.751  16.525  -5.080  1.00 17.87 ? 161 THR A C     1 
ATOM   1203 O O     . THR A 1 166 ? -1.608  17.002  -5.864  1.00 18.81 ? 161 THR A O     1 
ATOM   1204 C CB    . THR A 1 166 ? 1.277   17.858  -5.489  1.00 19.70 ? 161 THR A CB    1 
ATOM   1205 O OG1   . THR A 1 166 ? 1.990   16.703  -6.034  1.00 17.39 ? 161 THR A OG1   1 
ATOM   1206 C CG2   . THR A 1 166 ? 2.241   18.948  -4.936  1.00 21.75 ? 161 THR A CG2   1 
ATOM   1207 N N     . GLY A 1 167 ? -0.643  15.203  -4.860  1.00 16.38 ? 162 GLY A N     1 
ATOM   1208 C CA    . GLY A 1 167 ? -1.509  14.239  -5.513  1.00 17.57 ? 162 GLY A CA    1 
ATOM   1209 C C     . GLY A 1 167 ? -1.058  13.728  -6.866  1.00 16.09 ? 162 GLY A C     1 
ATOM   1210 O O     . GLY A 1 167 ? -1.687  12.873  -7.460  1.00 16.51 ? 162 GLY A O     1 
ATOM   1211 N N     . GLU A 1 168 ? 0.068   14.238  -7.357  1.00 15.97 ? 163 GLU A N     1 
ATOM   1212 C CA    . GLU A 1 168 ? 0.564   13.869  -8.657  1.00 19.99 ? 163 GLU A CA    1 
ATOM   1213 C C     . GLU A 1 168 ? 0.855   12.367  -8.661  1.00 18.37 ? 163 GLU A C     1 
ATOM   1214 O O     . GLU A 1 168 ? 1.490   11.865  -7.737  1.00 17.34 ? 163 GLU A O     1 
ATOM   1215 C CB    . GLU A 1 168 ? 1.807   14.668  -8.975  1.00 23.98 ? 163 GLU A CB    1 
ATOM   1216 C CG    . GLU A 1 168 ? 2.425   14.308  -10.310 1.00 28.90 ? 163 GLU A CG    1 
ATOM   1217 C CD    . GLU A 1 168 ? 3.247   15.412  -10.904 1.00 36.78 ? 163 GLU A CD    1 
ATOM   1218 O OE1   . GLU A 1 168 ? 3.688   16.306  -10.145 1.00 40.44 ? 163 GLU A OE1   1 
ATOM   1219 O OE2   . GLU A 1 168 ? 3.468   15.374  -12.150 1.00 43.77 ? 163 GLU A OE2   1 
ATOM   1220 N N     . GLY A 1 169 ? 0.341   11.669  -9.667  1.00 18.09 ? 164 GLY A N     1 
ATOM   1221 C CA    . GLY A 1 169 ? 0.523   10.207  -9.790  1.00 19.22 ? 164 GLY A CA    1 
ATOM   1222 C C     . GLY A 1 169 ? -0.561  9.365   -9.131  1.00 16.81 ? 164 GLY A C     1 
ATOM   1223 O O     . GLY A 1 169 ? -0.741  8.195   -9.467  1.00 17.54 ? 164 GLY A O     1 
ATOM   1224 N N     . LEU A 1 170 ? -1.334  9.940   -8.212  1.00 16.04 ? 165 LEU A N     1 
ATOM   1225 C CA    . LEU A 1 170 ? -2.326  9.163   -7.482  1.00 15.20 ? 165 LEU A CA    1 
ATOM   1226 C C     . LEU A 1 170 ? -3.486  8.735   -8.368  1.00 18.73 ? 165 LEU A C     1 
ATOM   1227 O O     . LEU A 1 170 ? -3.968  7.601   -8.253  1.00 18.29 ? 165 LEU A O     1 
ATOM   1228 C CB    . LEU A 1 170 ? -2.814  9.893   -6.204  1.00 14.29 ? 165 LEU A CB    1 
ATOM   1229 C CG    . LEU A 1 170 ? -1.742  10.248  -5.169  1.00 15.48 ? 165 LEU A CG    1 
ATOM   1230 C CD1   . LEU A 1 170 ? -2.394  10.902  -3.924  1.00 15.89 ? 165 LEU A CD1   1 
ATOM   1231 C CD2   . LEU A 1 170 ? -0.904  9.019   -4.741  1.00 16.01 ? 165 LEU A CD2   1 
ATOM   1232 N N     . CYS A 1 171 ? -3.899  9.610   -9.289  1.00 21.87 ? 166 CYS A N     1 
ATOM   1233 C CA    A CYS A 1 171 ? -4.998  9.273   -10.196 0.50 23.19 ? 166 CYS A CA    1 
ATOM   1234 C CA    B CYS A 1 171 ? -4.980  9.303   -10.235 0.50 23.90 ? 166 CYS A CA    1 
ATOM   1235 C C     . CYS A 1 171 ? -4.616  8.117   -11.119 1.00 19.77 ? 166 CYS A C     1 
ATOM   1236 O O     . CYS A 1 171 ? -5.444  7.274   -11.413 1.00 22.07 ? 166 CYS A O     1 
ATOM   1237 C CB    A CYS A 1 171 ? -5.435  10.494  -10.994 0.50 26.64 ? 166 CYS A CB    1 
ATOM   1238 C CB    B CYS A 1 171 ? -5.262  10.518  -11.113 0.50 28.18 ? 166 CYS A CB    1 
ATOM   1239 S SG    A CYS A 1 171 ? -6.230  11.757  -9.969  0.50 31.29 ? 166 CYS A SG    1 
ATOM   1240 S SG    B CYS A 1 171 ? -6.514  10.238  -12.377 0.50 34.75 ? 166 CYS A SG    1 
ATOM   1241 N N     . GLN A 1 172 ? -3.364  8.060   -11.544 1.00 19.72 ? 167 GLN A N     1 
ATOM   1242 C CA    . GLN A 1 172 ? -2.897  6.943   -12.353 1.00 19.99 ? 167 GLN A CA    1 
ATOM   1243 C C     . GLN A 1 172 ? -2.991  5.619   -11.605 1.00 21.49 ? 167 GLN A C     1 
ATOM   1244 O O     . GLN A 1 172 ? -3.383  4.601   -12.188 1.00 19.42 ? 167 GLN A O     1 
ATOM   1245 C CB    . GLN A 1 172 ? -1.476  7.175   -12.874 1.00 21.71 ? 167 GLN A CB    1 
ATOM   1246 C CG    . GLN A 1 172 ? -1.345  8.296   -13.903 1.00 27.08 ? 167 GLN A CG    1 
ATOM   1247 C CD    . GLN A 1 172 ? -1.061  9.680   -13.269 1.00 32.20 ? 167 GLN A CD    1 
ATOM   1248 O OE1   . GLN A 1 172 ? -1.666  10.075  -12.254 1.00 33.68 ? 167 GLN A OE1   1 
ATOM   1249 N NE2   . GLN A 1 172 ? -0.119  10.418  -13.876 1.00 40.57 ? 167 GLN A NE2   1 
ATOM   1250 N N     . GLY A 1 173 ? -2.595  5.611   -10.335 1.00 16.10 ? 168 GLY A N     1 
ATOM   1251 C CA    . GLY A 1 173 ? -2.713  4.416   -9.520  1.00 16.71 ? 168 GLY A CA    1 
ATOM   1252 C C     . GLY A 1 173 ? -4.167  4.011   -9.343  1.00 18.08 ? 168 GLY A C     1 
ATOM   1253 O O     . GLY A 1 173 ? -4.519  2.829   -9.440  1.00 19.13 ? 168 GLY A O     1 
ATOM   1254 N N     . LEU A 1 174 ? -5.024  4.982   -9.048  1.00 19.08 ? 169 LEU A N     1 
ATOM   1255 C CA    . LEU A 1 174 ? -6.486  4.717   -8.944  1.00 20.74 ? 169 LEU A CA    1 
ATOM   1256 C C     . LEU A 1 174 ? -7.067  4.107   -10.216 1.00 21.25 ? 169 LEU A C     1 
ATOM   1257 O O     . LEU A 1 174 ? -7.871  3.167   -10.143 1.00 22.27 ? 169 LEU A O     1 
ATOM   1258 C CB    . LEU A 1 174 ? -7.245  6.015   -8.624  1.00 24.49 ? 169 LEU A CB    1 
ATOM   1259 C CG    . LEU A 1 174 ? -7.177  6.449   -7.173  1.00 27.46 ? 169 LEU A CG    1 
ATOM   1260 C CD1   . LEU A 1 174 ? -7.678  7.905   -7.014  1.00 32.70 ? 169 LEU A CD1   1 
ATOM   1261 C CD2   . LEU A 1 174 ? -7.991  5.443   -6.310  1.00 29.54 ? 169 LEU A CD2   1 
ATOM   1262 N N     . GLU A 1 175 ? -6.687  4.664   -11.376 1.00 18.80 ? 170 GLU A N     1 
ATOM   1263 C CA    . GLU A 1 175 ? -7.150  4.145   -12.684 1.00 20.82 ? 170 GLU A CA    1 
ATOM   1264 C C     . GLU A 1 175 ? -6.736  2.693   -12.907 1.00 19.94 ? 170 GLU A C     1 
ATOM   1265 O O     . GLU A 1 175 ? -7.515  1.881   -13.426 1.00 20.56 ? 170 GLU A O     1 
ATOM   1266 C CB    . GLU A 1 175 ? -6.597  5.005   -13.838 1.00 21.49 ? 170 GLU A CB    1 
ATOM   1267 C CG    . GLU A 1 175 ? -6.900  4.454   -15.253 1.00 26.28 ? 170 GLU A CG    1 
ATOM   1268 N N     . TRP A 1 176 ? -5.493  2.366   -12.546 1.00 17.72 ? 171 TRP A N     1 
ATOM   1269 C CA    . TRP A 1 176 ? -5.013  0.994   -12.651 1.00 15.70 ? 171 TRP A CA    1 
ATOM   1270 C C     . TRP A 1 176 ? -5.932  0.096   -11.840 1.00 17.25 ? 171 TRP A C     1 
ATOM   1271 O O     . TRP A 1 176 ? -6.317  -0.982  -12.311 1.00 19.95 ? 171 TRP A O     1 
ATOM   1272 C CB    . TRP A 1 176 ? -3.550  0.840   -12.155 1.00 16.66 ? 171 TRP A CB    1 
ATOM   1273 C CG    . TRP A 1 176 ? -3.073  -0.569  -12.303 1.00 16.59 ? 171 TRP A CG    1 
ATOM   1274 C CD1   . TRP A 1 176 ? -2.615  -1.168  -13.455 1.00 18.73 ? 171 TRP A CD1   1 
ATOM   1275 C CD2   . TRP A 1 176 ? -3.072  -1.589  -11.301 1.00 16.97 ? 171 TRP A CD2   1 
ATOM   1276 N NE1   . TRP A 1 176 ? -2.298  -2.486  -13.216 1.00 20.27 ? 171 TRP A NE1   1 
ATOM   1277 C CE2   . TRP A 1 176 ? -2.584  -2.773  -11.907 1.00 17.90 ? 171 TRP A CE2   1 
ATOM   1278 C CE3   . TRP A 1 176 ? -3.378  -1.607  -9.935  1.00 19.76 ? 171 TRP A CE3   1 
ATOM   1279 C CZ2   . TRP A 1 176 ? -2.392  -3.953  -11.190 1.00 20.90 ? 171 TRP A CZ2   1 
ATOM   1280 C CZ3   . TRP A 1 176 ? -3.225  -2.784  -9.243  1.00 20.60 ? 171 TRP A CZ3   1 
ATOM   1281 C CH2   . TRP A 1 176 ? -2.734  -3.953  -9.875  1.00 18.15 ? 171 TRP A CH2   1 
ATOM   1282 N N     . MET A 1 177 ? -6.279  0.507   -10.615 1.00 16.43 ? 172 MET A N     1 
ATOM   1283 C CA    . MET A 1 177 ? -7.158  -0.345  -9.808  1.00 18.84 ? 172 MET A CA    1 
ATOM   1284 C C     . MET A 1 177 ? -8.551  -0.481  -10.431 1.00 22.00 ? 172 MET A C     1 
ATOM   1285 O O     . MET A 1 177 ? -9.107  -1.578  -10.493 1.00 22.24 ? 172 MET A O     1 
ATOM   1286 C CB    . MET A 1 177 ? -7.235  0.135   -8.358  1.00 20.91 ? 172 MET A CB    1 
ATOM   1287 C CG    . MET A 1 177 ? -5.987  -0.131  -7.561  1.00 22.25 ? 172 MET A CG    1 
ATOM   1288 S SD    . MET A 1 177 ? -6.239  0.252   -5.787  1.00 24.77 ? 172 MET A SD    1 
ATOM   1289 C CE    . MET A 1 177 ? -6.222  2.047   -5.967  1.00 22.87 ? 172 MET A CE    1 
ATOM   1290 N N     . MET A 1 178 ? -9.066  0.623   -10.959 1.00 26.08 ? 173 MET A N     1 
ATOM   1291 C CA    . MET A 1 178 ? -10.416 0.651   -11.540 1.00 30.17 ? 173 MET A CA    1 
ATOM   1292 C C     . MET A 1 178 ? -10.475 -0.156  -12.845 1.00 29.16 ? 173 MET A C     1 
ATOM   1293 O O     . MET A 1 178 ? -11.505 -0.767  -13.154 1.00 33.03 ? 173 MET A O     1 
ATOM   1294 C CB    . MET A 1 178 ? -10.872 2.104   -11.749 1.00 36.80 ? 173 MET A CB    1 
ATOM   1295 C CG    . MET A 1 178 ? -11.203 2.799   -10.411 1.00 39.24 ? 173 MET A CG    1 
ATOM   1296 S SD    . MET A 1 178 ? -11.516 4.598   -10.523 1.00 46.69 ? 173 MET A SD    1 
ATOM   1297 C CE    . MET A 1 178 ? -11.539 5.053   -8.788  1.00 43.75 ? 173 MET A CE    1 
ATOM   1298 N N     . SER A 1 179 ? -9.363  -0.210  -13.578 1.00 26.63 ? 174 SER A N     1 
ATOM   1299 C CA    . SER A 1 179 ? -9.264  -1.012  -14.800 1.00 34.14 ? 174 SER A CA    1 
ATOM   1300 C C     . SER A 1 179 ? -9.394  -2.510  -14.516 1.00 34.34 ? 174 SER A C     1 
ATOM   1301 O O     . SER A 1 179 ? -9.613  -3.309  -15.425 1.00 36.37 ? 174 SER A O     1 
ATOM   1302 C CB    . SER A 1 179 ? -7.932  -0.733  -15.528 1.00 35.80 ? 174 SER A CB    1 
ATOM   1303 O OG    . SER A 1 179 ? -6.812  -1.382  -14.925 1.00 39.06 ? 174 SER A OG    1 
ATOM   1304 N N     . ARG A 1 180 ? -9.275  -2.878  -13.245 1.00 34.47 ? 175 ARG A N     1 
ATOM   1305 C CA    . ARG A 1 180 ? -9.250  -4.267  -12.852 1.00 35.11 ? 175 ARG A CA    1 
ATOM   1306 C C     . ARG A 1 180 ? -10.333 -4.596  -11.854 1.00 36.77 ? 175 ARG A C     1 
ATOM   1307 O O     . ARG A 1 180 ? -10.359 -5.727  -11.371 1.00 38.12 ? 175 ARG A O     1 
ATOM   1308 C CB    . ARG A 1 180 ? -7.898  -4.574  -12.244 1.00 37.18 ? 175 ARG A CB    1 
ATOM   1309 C CG    . ARG A 1 180 ? -6.765  -4.164  -13.134 1.00 40.38 ? 175 ARG A CG    1 
ATOM   1310 C CD    . ARG A 1 180 ? -5.482  -4.681  -12.643 1.00 41.84 ? 175 ARG A CD    1 
ATOM   1311 N NE    . ARG A 1 180 ? -4.639  -5.123  -13.753 1.00 44.78 ? 175 ARG A NE    1 
ATOM   1312 C CZ    . ARG A 1 180 ? -4.596  -6.370  -14.238 1.00 45.73 ? 175 ARG A CZ    1 
ATOM   1313 N NH1   . ARG A 1 180 ? -5.350  -7.356  -13.720 1.00 45.73 ? 175 ARG A NH1   1 
ATOM   1314 N NH2   . ARG A 1 180 ? -3.768  -6.637  -15.242 1.00 44.27 ? 175 ARG A NH2   1 
HETATM 1315 P PB    . GDP B 2 .   ? 2.128   7.512   7.201   1.00 15.19 ? 201 GDP A PB    1 
HETATM 1316 O O1B   . GDP B 2 .   ? 0.618   7.653   7.280   1.00 13.77 ? 201 GDP A O1B   1 
HETATM 1317 O O2B   . GDP B 2 .   ? 2.784   7.393   8.520   1.00 13.80 ? 201 GDP A O2B   1 
HETATM 1318 O O3B   . GDP B 2 .   ? 2.542   6.404   6.219   1.00 12.31 ? 201 GDP A O3B   1 
HETATM 1319 O O3A   . GDP B 2 .   ? 2.735   8.852   6.541   1.00 12.31 ? 201 GDP A O3A   1 
HETATM 1320 P PA    . GDP B 2 .   ? 2.161   10.312  6.444   1.00 14.14 ? 201 GDP A PA    1 
HETATM 1321 O O1A   . GDP B 2 .   ? 1.069   10.424  5.426   1.00 15.72 ? 201 GDP A O1A   1 
HETATM 1322 O O2A   . GDP B 2 .   ? 1.773   10.798  7.833   1.00 15.20 ? 201 GDP A O2A   1 
HETATM 1323 O "O5'" . GDP B 2 .   ? 3.440   11.133  5.891   1.00 14.61 ? 201 GDP A "O5'" 1 
HETATM 1324 C "C5'" . GDP B 2 .   ? 4.579   11.289  6.707   1.00 13.72 ? 201 GDP A "C5'" 1 
HETATM 1325 C "C4'" . GDP B 2 .   ? 5.262   12.638  6.433   1.00 17.56 ? 201 GDP A "C4'" 1 
HETATM 1326 O "O4'" . GDP B 2 .   ? 5.739   12.707  5.109   1.00 15.32 ? 201 GDP A "O4'" 1 
HETATM 1327 C "C3'" . GDP B 2 .   ? 4.301   13.813  6.601   1.00 17.53 ? 201 GDP A "C3'" 1 
HETATM 1328 O "O3'" . GDP B 2 .   ? 5.091   14.881  7.161   1.00 19.58 ? 201 GDP A "O3'" 1 
HETATM 1329 C "C2'" . GDP B 2 .   ? 3.828   14.121  5.183   1.00 15.53 ? 201 GDP A "C2'" 1 
HETATM 1330 O "O2'" . GDP B 2 .   ? 3.381   15.473  4.925   1.00 17.00 ? 201 GDP A "O2'" 1 
HETATM 1331 C "C1'" . GDP B 2 .   ? 5.096   13.789  4.406   1.00 16.51 ? 201 GDP A "C1'" 1 
HETATM 1332 N N9    . GDP B 2 .   ? 4.815   13.362  3.037   1.00 15.82 ? 201 GDP A N9    1 
HETATM 1333 C C8    . GDP B 2 .   ? 3.868   12.482  2.582   1.00 15.39 ? 201 GDP A C8    1 
HETATM 1334 N N7    . GDP B 2 .   ? 3.947   12.328  1.256   1.00 14.27 ? 201 GDP A N7    1 
HETATM 1335 C C5    . GDP B 2 .   ? 4.963   13.099  0.838   1.00 13.70 ? 201 GDP A C5    1 
HETATM 1336 C C6    . GDP B 2 .   ? 5.554   13.364  -0.462  1.00 14.64 ? 201 GDP A C6    1 
HETATM 1337 O O6    . GDP B 2 .   ? 5.142   12.816  -1.485  1.00 14.91 ? 201 GDP A O6    1 
HETATM 1338 N N1    . GDP B 2 .   ? 6.585   14.219  -0.497  1.00 14.96 ? 201 GDP A N1    1 
HETATM 1339 C C2    . GDP B 2 .   ? 7.097   14.788  0.594   1.00 14.54 ? 201 GDP A C2    1 
HETATM 1340 N N2    . GDP B 2 .   ? 8.150   15.643  0.465   1.00 18.04 ? 201 GDP A N2    1 
HETATM 1341 N N3    . GDP B 2 .   ? 6.639   14.596  1.873   1.00 13.51 ? 201 GDP A N3    1 
HETATM 1342 C C4    . GDP B 2 .   ? 5.547   13.759  2.005   1.00 15.51 ? 201 GDP A C4    1 
HETATM 1343 X UNK   . UNX C 3 .   ? 12.528  -6.157  -11.261 0.01 2.00  ? 301 UNX A UNK   1 
HETATM 1344 X UNK   . UNX D 3 .   ? 1.330   6.110   10.650  0.01 2.00  ? 302 UNX A UNK   1 
HETATM 1345 X UNK   . UNX E 3 .   ? -8.070  -7.967  -8.695  0.01 2.00  ? 303 UNX A UNK   1 
HETATM 1346 O O     . HOH F 4 .   ? 17.113  -1.039  2.964   1.00 16.64 ? 401 HOH A O     1 
HETATM 1347 O O     . HOH F 4 .   ? -3.401  -3.763  -16.090 1.00 29.86 ? 402 HOH A O     1 
HETATM 1348 O O     . HOH F 4 .   ? 14.494  18.003  -2.663  1.00 21.92 ? 403 HOH A O     1 
HETATM 1349 O O     . HOH F 4 .   ? -0.381  -4.033  -14.862 1.00 26.75 ? 404 HOH A O     1 
HETATM 1350 O O     . HOH F 4 .   ? 12.522  5.103   -13.352 1.00 16.91 ? 405 HOH A O     1 
HETATM 1351 O O     . HOH F 4 .   ? -3.656  -10.265 -8.831  1.00 21.39 ? 406 HOH A O     1 
HETATM 1352 O O     . HOH F 4 .   ? 11.552  3.112   1.714   1.00 19.53 ? 407 HOH A O     1 
HETATM 1353 O O     . HOH F 4 .   ? 5.456   5.988   -12.567 1.00 21.34 ? 408 HOH A O     1 
HETATM 1354 O O     . HOH F 4 .   ? 7.126   1.317   3.118   1.00 15.45 ? 409 HOH A O     1 
HETATM 1355 O O     . HOH F 4 .   ? 4.091   -0.944  -13.509 1.00 20.21 ? 410 HOH A O     1 
HETATM 1356 O O     . HOH F 4 .   ? 9.018   3.523   3.073   1.00 16.02 ? 411 HOH A O     1 
HETATM 1357 O O     . HOH F 4 .   ? 6.900   1.254   10.735  1.00 29.87 ? 412 HOH A O     1 
HETATM 1358 O O     . HOH F 4 .   ? 9.603   -12.285 3.119   1.00 27.83 ? 413 HOH A O     1 
HETATM 1359 O O     . HOH F 4 .   ? 16.660  4.358   -12.826 1.00 31.40 ? 414 HOH A O     1 
HETATM 1360 O O     . HOH F 4 .   ? -10.823 2.196   12.471  1.00 21.68 ? 415 HOH A O     1 
HETATM 1361 O O     . HOH F 4 .   ? 16.368  11.430  -1.352  1.00 34.39 ? 416 HOH A O     1 
HETATM 1362 O O     . HOH F 4 .   ? 10.336  7.241   5.760   1.00 30.47 ? 417 HOH A O     1 
HETATM 1363 O O     . HOH F 4 .   ? 18.697  -5.268  0.765   1.00 26.28 ? 418 HOH A O     1 
HETATM 1364 O O     . HOH F 4 .   ? 3.982   17.633  -7.758  1.00 28.73 ? 419 HOH A O     1 
HETATM 1365 O O     . HOH F 4 .   ? 17.748  6.458   3.810   1.00 26.00 ? 420 HOH A O     1 
HETATM 1366 O O     . HOH F 4 .   ? -14.463 -15.144 -0.660  1.00 29.28 ? 421 HOH A O     1 
HETATM 1367 O O     . HOH F 4 .   ? 1.473   -7.666  -13.595 1.00 25.50 ? 422 HOH A O     1 
HETATM 1368 O O     . HOH F 4 .   ? 4.886   -14.989 -8.348  1.00 30.48 ? 423 HOH A O     1 
HETATM 1369 O O     . HOH F 4 .   ? -1.900  18.102  0.387   1.00 34.19 ? 424 HOH A O     1 
HETATM 1370 O O     . HOH F 4 .   ? -3.857  -13.065 -8.489  1.00 31.76 ? 425 HOH A O     1 
HETATM 1371 O O     . HOH F 4 .   ? 18.902  -3.159  4.414   1.00 31.91 ? 426 HOH A O     1 
HETATM 1372 O O     . HOH F 4 .   ? 6.028   -14.420 -1.454  1.00 29.82 ? 427 HOH A O     1 
HETATM 1373 O O     . HOH F 4 .   ? -9.627  -13.828 0.766   1.00 33.23 ? 428 HOH A O     1 
HETATM 1374 O O     . HOH F 4 .   ? 3.026   -13.749 -6.911  1.00 33.68 ? 429 HOH A O     1 
HETATM 1375 O O     . HOH F 4 .   ? 7.977   -13.559 -6.362  1.00 37.93 ? 430 HOH A O     1 
HETATM 1376 O O     . HOH F 4 .   ? -2.382  15.619  0.551   1.00 35.13 ? 431 HOH A O     1 
HETATM 1377 O O     . HOH F 4 .   ? 8.628   5.282   5.315   1.00 20.57 ? 432 HOH A O     1 
HETATM 1378 O O     . HOH F 4 .   ? -1.172  -14.771 -2.208  1.00 23.73 ? 433 HOH A O     1 
HETATM 1379 O O     . HOH F 4 .   ? 14.421  9.448   4.312   1.00 36.19 ? 434 HOH A O     1 
HETATM 1380 O O     . HOH F 4 .   ? 8.576   -2.001  -13.310 1.00 36.22 ? 435 HOH A O     1 
HETATM 1381 O O     . HOH F 4 .   ? -7.756  -14.076 -2.358  1.00 28.30 ? 436 HOH A O     1 
HETATM 1382 O O     . HOH F 4 .   ? 1.500   5.183   -15.089 1.00 37.79 ? 437 HOH A O     1 
HETATM 1383 O O     . HOH F 4 .   ? 6.135   14.643  -13.745 1.00 34.09 ? 438 HOH A O     1 
HETATM 1384 O O     . HOH F 4 .   ? -2.104  -15.444 -6.834  1.00 25.05 ? 439 HOH A O     1 
HETATM 1385 O O     . HOH F 4 .   ? 5.962   -10.053 -13.493 1.00 36.72 ? 440 HOH A O     1 
HETATM 1386 O O     . HOH F 4 .   ? 12.045  1.387   11.908  1.00 39.75 ? 441 HOH A O     1 
HETATM 1387 O O     . HOH F 4 .   ? -7.560  -11.409 -1.364  1.00 32.28 ? 442 HOH A O     1 
HETATM 1388 O O     . HOH F 4 .   ? 13.087  13.568  -7.448  1.00 34.11 ? 443 HOH A O     1 
HETATM 1389 O O     . HOH F 4 .   ? 0.713   15.252  4.951   1.00 26.21 ? 444 HOH A O     1 
HETATM 1390 O O     . HOH F 4 .   ? 8.494   13.791  3.951   1.00 23.47 ? 445 HOH A O     1 
HETATM 1391 O O     . HOH F 4 .   ? 1.502   -6.486  6.364   1.00 33.28 ? 446 HOH A O     1 
HETATM 1392 O O     . HOH F 4 .   ? 6.201   -3.337  22.411  1.00 38.62 ? 447 HOH A O     1 
HETATM 1393 O O     . HOH F 4 .   ? -9.778  0.773   16.452  1.00 16.10 ? 448 HOH A O     1 
HETATM 1394 O O     . HOH F 4 .   ? 15.518  -6.008  6.117   1.00 22.53 ? 449 HOH A O     1 
HETATM 1395 O O     . HOH F 4 .   ? 14.846  -7.696  3.217   1.00 27.47 ? 450 HOH A O     1 
HETATM 1396 O O     . HOH F 4 .   ? 13.696  -7.127  7.544   1.00 29.54 ? 451 HOH A O     1 
HETATM 1397 O O     . HOH F 4 .   ? -8.133  2.162   15.100  1.00 29.16 ? 452 HOH A O     1 
HETATM 1398 O O     . HOH F 4 .   ? -3.147  4.026   -14.795 1.00 37.31 ? 453 HOH A O     1 
HETATM 1399 O O     . HOH F 4 .   ? -3.315  12.434  -9.554  1.00 29.25 ? 454 HOH A O     1 
HETATM 1400 O O     . HOH F 4 .   ? 5.148   3.476   -13.613 1.00 30.78 ? 455 HOH A O     1 
HETATM 1401 O O     . HOH F 4 .   ? 18.217  8.255   0.568   1.00 29.13 ? 456 HOH A O     1 
HETATM 1402 O O     . HOH F 4 .   ? 2.833   -15.115 4.779   1.00 39.30 ? 457 HOH A O     1 
HETATM 1403 O O     . HOH F 4 .   ? 3.346   -2.680  15.391  1.00 33.38 ? 458 HOH A O     1 
HETATM 1404 O O     . HOH F 4 .   ? -0.328  0.683   12.413  1.00 26.23 ? 459 HOH A O     1 
HETATM 1405 O O     . HOH F 4 .   ? 19.362  6.436   -7.117  1.00 37.70 ? 460 HOH A O     1 
HETATM 1406 O O     . HOH F 4 .   ? -4.216  -13.815 12.994  1.00 39.46 ? 461 HOH A O     1 
HETATM 1407 O O     . HOH F 4 .   ? 1.077   -12.122 6.331   1.00 33.67 ? 462 HOH A O     1 
HETATM 1408 O O     . HOH F 4 .   ? -14.049 -7.297  -1.581  1.00 38.58 ? 463 HOH A O     1 
HETATM 1409 O O     . HOH F 4 .   ? 16.320  -7.093  -3.626  1.00 25.35 ? 464 HOH A O     1 
# 
loop_
_pdbx_poly_seq_scheme.asym_id 
_pdbx_poly_seq_scheme.entity_id 
_pdbx_poly_seq_scheme.seq_id 
_pdbx_poly_seq_scheme.mon_id 
_pdbx_poly_seq_scheme.ndb_seq_num 
_pdbx_poly_seq_scheme.pdb_seq_num 
_pdbx_poly_seq_scheme.auth_seq_num 
_pdbx_poly_seq_scheme.pdb_mon_id 
_pdbx_poly_seq_scheme.auth_mon_id 
_pdbx_poly_seq_scheme.pdb_strand_id 
_pdbx_poly_seq_scheme.pdb_ins_code 
_pdbx_poly_seq_scheme.hetero 
A 1 1   MET 1   -4  ?   ?   ?   A . n 
A 1 2   GLY 2   -3  ?   ?   ?   A . n 
A 1 3   SER 3   -2  ?   ?   ?   A . n 
A 1 4   SER 4   -1  ?   ?   ?   A . n 
A 1 5   HIS 5   0   ?   ?   ?   A . n 
A 1 6   HIS 6   1   ?   ?   ?   A . n 
A 1 7   HIS 7   2   ?   ?   ?   A . n 
A 1 8   HIS 8   3   ?   ?   ?   A . n 
A 1 9   HIS 9   4   ?   ?   ?   A . n 
A 1 10  HIS 10  5   ?   ?   ?   A . n 
A 1 11  SER 11  6   ?   ?   ?   A . n 
A 1 12  SER 12  7   ?   ?   ?   A . n 
A 1 13  GLY 13  8   ?   ?   ?   A . n 
A 1 14  LEU 14  9   ?   ?   ?   A . n 
A 1 15  VAL 15  10  ?   ?   ?   A . n 
A 1 16  PRO 16  11  ?   ?   ?   A . n 
A 1 17  ARG 17  12  ?   ?   ?   A . n 
A 1 18  GLY 18  13  ?   ?   ?   A . n 
A 1 19  SER 19  14  ?   ?   ?   A . n 
A 1 20  GLN 20  15  ?   ?   ?   A . n 
A 1 21  GLU 21  16  16  GLU GLU A . n 
A 1 22  HIS 22  17  17  HIS HIS A . n 
A 1 23  LYS 23  18  18  LYS LYS A . n 
A 1 24  VAL 24  19  19  VAL VAL A . n 
A 1 25  ILE 25  20  20  ILE ILE A . n 
A 1 26  ILE 26  21  21  ILE ILE A . n 
A 1 27  VAL 27  22  22  VAL VAL A . n 
A 1 28  GLY 28  23  23  GLY GLY A . n 
A 1 29  LEU 29  24  24  LEU LEU A . n 
A 1 30  ASP 30  25  25  ASP ASP A . n 
A 1 31  ASN 31  26  26  ASN ASN A . n 
A 1 32  ALA 32  27  27  ALA ALA A . n 
A 1 33  GLY 33  28  28  GLY GLY A . n 
A 1 34  LYS 34  29  29  LYS LYS A . n 
A 1 35  THR 35  30  30  THR THR A . n 
A 1 36  THR 36  31  31  THR THR A . n 
A 1 37  ILE 37  32  32  ILE ILE A . n 
A 1 38  LEU 38  33  33  LEU LEU A . n 
A 1 39  TYR 39  34  34  TYR TYR A . n 
A 1 40  GLN 40  35  35  GLN GLN A . n 
A 1 41  PHE 41  36  36  PHE PHE A . n 
A 1 42  SER 42  37  37  SER SER A . n 
A 1 43  MET 43  38  38  MET MET A . n 
A 1 44  ASN 44  39  39  ASN ASN A . n 
A 1 45  GLU 45  40  40  GLU GLU A . n 
A 1 46  VAL 46  41  41  VAL VAL A . n 
A 1 47  VAL 47  42  42  VAL VAL A . n 
A 1 48  HIS 48  43  43  HIS HIS A . n 
A 1 49  THR 49  44  44  THR THR A . n 
A 1 50  SER 50  45  45  SER SER A . n 
A 1 51  PRO 51  46  46  PRO PRO A . n 
A 1 52  THR 52  47  47  THR THR A . n 
A 1 53  ILE 53  48  48  ILE ILE A . n 
A 1 54  GLY 54  49  49  GLY GLY A . n 
A 1 55  SER 55  50  50  SER SER A . n 
A 1 56  ASN 56  51  51  ASN ASN A . n 
A 1 57  VAL 57  52  52  VAL VAL A . n 
A 1 58  GLU 58  53  53  GLU GLU A . n 
A 1 59  GLU 59  54  54  GLU GLU A . n 
A 1 60  ILE 60  55  55  ILE ILE A . n 
A 1 61  VAL 61  56  56  VAL VAL A . n 
A 1 62  ILE 62  57  57  ILE ILE A . n 
A 1 63  ASN 63  58  58  ASN ASN A . n 
A 1 64  ASN 64  59  59  ASN ASN A . n 
A 1 65  THR 65  60  60  THR THR A . n 
A 1 66  ARG 66  61  61  ARG ARG A . n 
A 1 67  PHE 67  62  62  PHE PHE A . n 
A 1 68  LEU 68  63  63  LEU LEU A . n 
A 1 69  MET 69  64  64  MET MET A . n 
A 1 70  TRP 70  65  65  TRP TRP A . n 
A 1 71  ASP 71  66  66  ASP ASP A . n 
A 1 72  ILE 72  67  67  ILE ILE A . n 
A 1 73  GLY 73  68  68  GLY GLY A . n 
A 1 74  GLY 74  69  69  GLY GLY A . n 
A 1 75  GLN 75  70  70  GLN GLN A . n 
A 1 76  GLU 76  71  71  GLU GLU A . n 
A 1 77  SER 77  72  72  SER SER A . n 
A 1 78  LEU 78  73  73  LEU LEU A . n 
A 1 79  ARG 79  74  74  ARG ARG A . n 
A 1 80  SER 80  75  75  SER SER A . n 
A 1 81  SER 81  76  76  SER SER A . n 
A 1 82  TRP 82  77  77  TRP TRP A . n 
A 1 83  ASN 83  78  78  ASN ASN A . n 
A 1 84  THR 84  79  79  THR THR A . n 
A 1 85  TYR 85  80  80  TYR TYR A . n 
A 1 86  TYR 86  81  81  TYR TYR A . n 
A 1 87  THR 87  82  82  THR THR A . n 
A 1 88  ASN 88  83  83  ASN ASN A . n 
A 1 89  THR 89  84  84  THR THR A . n 
A 1 90  GLU 90  85  85  GLU GLU A . n 
A 1 91  PHE 91  86  86  PHE PHE A . n 
A 1 92  VAL 92  87  87  VAL VAL A . n 
A 1 93  ILE 93  88  88  ILE ILE A . n 
A 1 94  VAL 94  89  89  VAL VAL A . n 
A 1 95  VAL 95  90  90  VAL VAL A . n 
A 1 96  VAL 96  91  91  VAL VAL A . n 
A 1 97  ASP 97  92  92  ASP ASP A . n 
A 1 98  SER 98  93  93  SER SER A . n 
A 1 99  THR 99  94  94  THR THR A . n 
A 1 100 ASP 100 95  95  ASP ASP A . n 
A 1 101 ARG 101 96  96  ARG ARG A . n 
A 1 102 GLU 102 97  97  GLU GLU A . n 
A 1 103 ARG 103 98  98  ARG ARG A . n 
A 1 104 ILE 104 99  99  ILE ILE A . n 
A 1 105 SER 105 100 100 SER SER A . n 
A 1 106 VAL 106 101 101 VAL VAL A . n 
A 1 107 THR 107 102 102 THR THR A . n 
A 1 108 ARG 108 103 103 ARG ARG A . n 
A 1 109 GLU 109 104 104 GLU GLU A . n 
A 1 110 GLU 110 105 105 GLU GLU A . n 
A 1 111 LEU 111 106 106 LEU LEU A . n 
A 1 112 TYR 112 107 107 TYR TYR A . n 
A 1 113 LYS 113 108 108 LYS LYS A . n 
A 1 114 MET 114 109 109 MET MET A . n 
A 1 115 LEU 115 110 110 LEU LEU A . n 
A 1 116 ALA 116 111 111 ALA ALA A . n 
A 1 117 HIS 117 112 112 HIS HIS A . n 
A 1 118 GLU 118 113 113 GLU GLU A . n 
A 1 119 ASP 119 114 114 ASP ASP A . n 
A 1 120 LEU 120 115 115 LEU LEU A . n 
A 1 121 ARG 121 116 116 ARG ARG A . n 
A 1 122 LYS 122 117 117 LYS LYS A . n 
A 1 123 ALA 123 118 118 ALA ALA A . n 
A 1 124 GLY 124 119 119 GLY GLY A . n 
A 1 125 LEU 125 120 120 LEU LEU A . n 
A 1 126 LEU 126 121 121 LEU LEU A . n 
A 1 127 ILE 127 122 122 ILE ILE A . n 
A 1 128 PHE 128 123 123 PHE PHE A . n 
A 1 129 ALA 129 124 124 ALA ALA A . n 
A 1 130 ASN 130 125 125 ASN ASN A . n 
A 1 131 LYS 131 126 126 LYS LYS A . n 
A 1 132 GLN 132 127 127 GLN GLN A . n 
A 1 133 ASP 133 128 128 ASP ASP A . n 
A 1 134 VAL 134 129 129 VAL VAL A . n 
A 1 135 LYS 135 130 130 LYS LYS A . n 
A 1 136 GLU 136 131 131 GLU GLU A . n 
A 1 137 CYS 137 132 132 CYS CYS A . n 
A 1 138 MET 138 133 133 MET MET A . n 
A 1 139 THR 139 134 134 THR THR A . n 
A 1 140 VAL 140 135 135 VAL VAL A . n 
A 1 141 ALA 141 136 136 ALA ALA A . n 
A 1 142 GLU 142 137 137 GLU GLU A . n 
A 1 143 ILE 143 138 138 ILE ILE A . n 
A 1 144 SER 144 139 139 SER SER A . n 
A 1 145 GLN 145 140 140 GLN GLN A . n 
A 1 146 PHE 146 141 141 PHE PHE A . n 
A 1 147 LEU 147 142 142 LEU LEU A . n 
A 1 148 LYS 148 143 143 LYS LYS A . n 
A 1 149 LEU 149 144 144 LEU LEU A . n 
A 1 150 THR 150 145 145 THR THR A . n 
A 1 151 SER 151 146 146 SER SER A . n 
A 1 152 ILE 152 147 147 ILE ILE A . n 
A 1 153 LYS 153 148 148 LYS LYS A . n 
A 1 154 ASP 154 149 149 ASP ASP A . n 
A 1 155 HIS 155 150 150 HIS HIS A . n 
A 1 156 GLN 156 151 151 GLN GLN A . n 
A 1 157 TRP 157 152 152 TRP TRP A . n 
A 1 158 HIS 158 153 153 HIS HIS A . n 
A 1 159 ILE 159 154 154 ILE ILE A . n 
A 1 160 GLN 160 155 155 GLN GLN A . n 
A 1 161 ALA 161 156 156 ALA ALA A . n 
A 1 162 CYS 162 157 157 CYS CYS A . n 
A 1 163 CYS 163 158 158 CYS CYS A . n 
A 1 164 ALA 164 159 159 ALA ALA A . n 
A 1 165 LEU 165 160 160 LEU LEU A . n 
A 1 166 THR 166 161 161 THR THR A . n 
A 1 167 GLY 167 162 162 GLY GLY A . n 
A 1 168 GLU 168 163 163 GLU GLU A . n 
A 1 169 GLY 169 164 164 GLY GLY A . n 
A 1 170 LEU 170 165 165 LEU LEU A . n 
A 1 171 CYS 171 166 166 CYS CYS A . n 
A 1 172 GLN 172 167 167 GLN GLN A . n 
A 1 173 GLY 173 168 168 GLY GLY A . n 
A 1 174 LEU 174 169 169 LEU LEU A . n 
A 1 175 GLU 175 170 170 GLU GLU A . n 
A 1 176 TRP 176 171 171 TRP TRP A . n 
A 1 177 MET 177 172 172 MET MET A . n 
A 1 178 MET 178 173 173 MET MET A . n 
A 1 179 SER 179 174 174 SER SER A . n 
A 1 180 ARG 180 175 175 ARG ARG A . n 
A 1 181 LEU 181 176 ?   ?   ?   A . n 
# 
_pdbx_SG_project.id                    1 
_pdbx_SG_project.project_name          ? 
_pdbx_SG_project.full_name_of_center   'Structural Genomics Consortium' 
_pdbx_SG_project.initial_of_center     SGC 
# 
loop_
_pdbx_nonpoly_scheme.asym_id 
_pdbx_nonpoly_scheme.entity_id 
_pdbx_nonpoly_scheme.mon_id 
_pdbx_nonpoly_scheme.ndb_seq_num 
_pdbx_nonpoly_scheme.pdb_seq_num 
_pdbx_nonpoly_scheme.auth_seq_num 
_pdbx_nonpoly_scheme.pdb_mon_id 
_pdbx_nonpoly_scheme.auth_mon_id 
_pdbx_nonpoly_scheme.pdb_strand_id 
_pdbx_nonpoly_scheme.pdb_ins_code 
B 2 GDP 1  201 201 GDP GDP A . 
C 3 UNX 1  301 301 UNX UNX A . 
D 3 UNX 1  302 302 UNX UNX A . 
E 3 UNX 1  303 303 UNX UNX A . 
F 4 HOH 1  401 401 HOH HOH A . 
F 4 HOH 2  402 402 HOH HOH A . 
F 4 HOH 3  403 403 HOH HOH A . 
F 4 HOH 4  404 404 HOH HOH A . 
F 4 HOH 5  405 405 HOH HOH A . 
F 4 HOH 6  406 406 HOH HOH A . 
F 4 HOH 7  407 407 HOH HOH A . 
F 4 HOH 8  408 408 HOH HOH A . 
F 4 HOH 9  409 409 HOH HOH A . 
F 4 HOH 10 410 410 HOH HOH A . 
F 4 HOH 11 411 411 HOH HOH A . 
F 4 HOH 12 412 412 HOH HOH A . 
F 4 HOH 13 413 413 HOH HOH A . 
F 4 HOH 14 414 414 HOH HOH A . 
F 4 HOH 15 415 415 HOH HOH A . 
F 4 HOH 16 416 416 HOH HOH A . 
F 4 HOH 17 417 417 HOH HOH A . 
F 4 HOH 18 418 418 HOH HOH A . 
F 4 HOH 19 419 419 HOH HOH A . 
F 4 HOH 20 420 420 HOH HOH A . 
F 4 HOH 21 421 421 HOH HOH A . 
F 4 HOH 22 422 422 HOH HOH A . 
F 4 HOH 23 423 423 HOH HOH A . 
F 4 HOH 24 424 424 HOH HOH A . 
F 4 HOH 25 425 425 HOH HOH A . 
F 4 HOH 26 426 426 HOH HOH A . 
F 4 HOH 27 427 427 HOH HOH A . 
F 4 HOH 28 428 428 HOH HOH A . 
F 4 HOH 29 429 429 HOH HOH A . 
F 4 HOH 30 430 430 HOH HOH A . 
F 4 HOH 31 431 431 HOH HOH A . 
F 4 HOH 32 432 432 HOH HOH A . 
F 4 HOH 33 433 433 HOH HOH A . 
F 4 HOH 34 434 434 HOH HOH A . 
F 4 HOH 35 435 435 HOH HOH A . 
F 4 HOH 36 436 436 HOH HOH A . 
F 4 HOH 37 437 437 HOH HOH A . 
F 4 HOH 38 438 438 HOH HOH A . 
F 4 HOH 39 439 439 HOH HOH A . 
F 4 HOH 40 440 440 HOH HOH A . 
F 4 HOH 41 441 441 HOH HOH A . 
F 4 HOH 42 442 442 HOH HOH A . 
F 4 HOH 43 443 443 HOH HOH A . 
F 4 HOH 44 444 444 HOH HOH A . 
F 4 HOH 45 445 445 HOH HOH A . 
F 4 HOH 46 446 446 HOH HOH A . 
F 4 HOH 47 447 447 HOH HOH A . 
F 4 HOH 48 448 448 HOH HOH A . 
F 4 HOH 49 449 449 HOH HOH A . 
F 4 HOH 50 450 450 HOH HOH A . 
F 4 HOH 51 451 451 HOH HOH A . 
F 4 HOH 52 452 452 HOH HOH A . 
F 4 HOH 53 453 453 HOH HOH A . 
F 4 HOH 54 454 454 HOH HOH A . 
F 4 HOH 55 455 455 HOH HOH A . 
F 4 HOH 56 456 456 HOH HOH A . 
F 4 HOH 57 457 457 HOH HOH A . 
F 4 HOH 58 458 458 HOH HOH A . 
F 4 HOH 59 459 459 HOH HOH A . 
F 4 HOH 60 460 460 HOH HOH A . 
F 4 HOH 61 461 461 HOH HOH A . 
F 4 HOH 62 462 462 HOH HOH A . 
F 4 HOH 63 463 463 HOH HOH A . 
F 4 HOH 64 464 464 HOH HOH A . 
# 
_pdbx_struct_assembly.id                   1 
_pdbx_struct_assembly.details              author_defined_assembly 
_pdbx_struct_assembly.method_details       ? 
_pdbx_struct_assembly.oligomeric_details   monomeric 
_pdbx_struct_assembly.oligomeric_count     1 
# 
_pdbx_struct_assembly_gen.assembly_id       1 
_pdbx_struct_assembly_gen.oper_expression   1 
_pdbx_struct_assembly_gen.asym_id_list      A,B,C,D,E,F 
# 
_pdbx_struct_oper_list.id                   1 
_pdbx_struct_oper_list.type                 'identity operation' 
_pdbx_struct_oper_list.name                 1_555 
_pdbx_struct_oper_list.symmetry_operation   x,y,z 
_pdbx_struct_oper_list.matrix[1][1]         1.0000000000 
_pdbx_struct_oper_list.matrix[1][2]         0.0000000000 
_pdbx_struct_oper_list.matrix[1][3]         0.0000000000 
_pdbx_struct_oper_list.vector[1]            0.0000000000 
_pdbx_struct_oper_list.matrix[2][1]         0.0000000000 
_pdbx_struct_oper_list.matrix[2][2]         1.0000000000 
_pdbx_struct_oper_list.matrix[2][3]         0.0000000000 
_pdbx_struct_oper_list.vector[2]            0.0000000000 
_pdbx_struct_oper_list.matrix[3][1]         0.0000000000 
_pdbx_struct_oper_list.matrix[3][2]         0.0000000000 
_pdbx_struct_oper_list.matrix[3][3]         1.0000000000 
_pdbx_struct_oper_list.vector[3]            0.0000000000 
# 
loop_
_pdbx_audit_revision_history.ordinal 
_pdbx_audit_revision_history.data_content_type 
_pdbx_audit_revision_history.major_revision 
_pdbx_audit_revision_history.minor_revision 
_pdbx_audit_revision_history.revision_date 
1 'Structure model' 1 0 2006-06-13 
2 'Structure model' 1 1 2008-05-01 
3 'Structure model' 1 2 2011-07-13 
4 'Structure model' 1 3 2017-10-18 
5 'Structure model' 1 4 2023-08-30 
# 
_pdbx_audit_revision_details.ordinal             1 
_pdbx_audit_revision_details.revision_ordinal    1 
_pdbx_audit_revision_details.data_content_type   'Structure model' 
_pdbx_audit_revision_details.provider            repository 
_pdbx_audit_revision_details.type                'Initial release' 
_pdbx_audit_revision_details.description         ? 
_pdbx_audit_revision_details.details             ? 
# 
loop_
_pdbx_audit_revision_group.ordinal 
_pdbx_audit_revision_group.revision_ordinal 
_pdbx_audit_revision_group.data_content_type 
_pdbx_audit_revision_group.group 
1 2 'Structure model' 'Version format compliance' 
2 3 'Structure model' 'Version format compliance' 
3 4 'Structure model' 'Refinement description'    
4 4 'Structure model' 'Structure summary'         
5 5 'Structure model' 'Data collection'           
6 5 'Structure model' 'Database references'       
7 5 'Structure model' 'Derived calculations'      
8 5 'Structure model' 'Refinement description'    
# 
loop_
_pdbx_audit_revision_category.ordinal 
_pdbx_audit_revision_category.revision_ordinal 
_pdbx_audit_revision_category.data_content_type 
_pdbx_audit_revision_category.category 
1 4 'Structure model' software                      
2 4 'Structure model' struct                        
3 5 'Structure model' chem_comp_atom                
4 5 'Structure model' chem_comp_bond                
5 5 'Structure model' database_2                    
6 5 'Structure model' pdbx_initial_refinement_model 
7 5 'Structure model' struct_ref_seq_dif            
8 5 'Structure model' struct_site                   
# 
loop_
_pdbx_audit_revision_item.ordinal 
_pdbx_audit_revision_item.revision_ordinal 
_pdbx_audit_revision_item.data_content_type 
_pdbx_audit_revision_item.item 
1  4 'Structure model' '_software.classification'            
2  4 'Structure model' '_software.contact_author'            
3  4 'Structure model' '_software.contact_author_email'      
4  4 'Structure model' '_software.date'                      
5  4 'Structure model' '_software.language'                  
6  4 'Structure model' '_software.location'                  
7  4 'Structure model' '_software.name'                      
8  4 'Structure model' '_software.type'                      
9  4 'Structure model' '_software.version'                   
10 4 'Structure model' '_struct.title'                       
11 5 'Structure model' '_database_2.pdbx_DOI'                
12 5 'Structure model' '_database_2.pdbx_database_accession' 
13 5 'Structure model' '_struct_ref_seq_dif.details'         
14 5 'Structure model' '_struct_site.pdbx_auth_asym_id'      
15 5 'Structure model' '_struct_site.pdbx_auth_comp_id'      
16 5 'Structure model' '_struct_site.pdbx_auth_seq_id'       
# 
_pdbx_phasing_MR.entry_id                     2H17 
_pdbx_phasing_MR.method_rotation              ? 
_pdbx_phasing_MR.method_translation           ? 
_pdbx_phasing_MR.model_details                ? 
_pdbx_phasing_MR.R_factor                     ? 
_pdbx_phasing_MR.R_rigid_body                 ? 
_pdbx_phasing_MR.correlation_coeff_Fo_to_Fc   ? 
_pdbx_phasing_MR.correlation_coeff_Io_to_Ic   ? 
_pdbx_phasing_MR.d_res_high_rotation          2.500 
_pdbx_phasing_MR.d_res_low_rotation           28.820 
_pdbx_phasing_MR.d_res_high_translation       2.500 
_pdbx_phasing_MR.d_res_low_translation        28.820 
_pdbx_phasing_MR.packing                      ? 
_pdbx_phasing_MR.reflns_percent_rotation      ? 
_pdbx_phasing_MR.reflns_percent_translation   ? 
_pdbx_phasing_MR.sigma_F_rotation             ? 
_pdbx_phasing_MR.sigma_F_translation          ? 
_pdbx_phasing_MR.sigma_I_rotation             ? 
_pdbx_phasing_MR.sigma_I_translation          ? 
# 
loop_
_software.name 
_software.version 
_software.date 
_software.type 
_software.contact_author 
_software.contact_author_email 
_software.classification 
_software.location 
_software.language 
_software.citation_id 
_software.pdbx_ordinal 
PHASER      .               ?              program 'R. J. Read'         cimr-phaser@lists.cam.ac.uk phasing           
http://www-structmed.cimr.cam.ac.uk/phaser/      ?       ? 1 
DENZO       .               ?              package 'Zbyszek Otwinowski' zbyszek@mix.swmed.edu       'data reduction'  
http://www.lnls.br/infra/linhasluz/denzo-hkl.htm ?       ? 2 
SCALEPACK   .               ?              package 'Zbyszek Otwinowski' zbyszek@mix.swmed.edu       'data scaling'    
http://www.lnls.br/infra/linhasluz/denzo-hkl.htm ?       ? 3 
REFMAC      refmac_5.2.0019 24/04/2001     program 'Murshudov, G.N.'    ccp4@dl.ac.uk               refinement        
http://www.ccp4.ac.uk/main.html                  Fortran ? 4 
PDB_EXTRACT 1.701           'Nov. 1, 2005' package PDB                  sw-help@rcsb.rutgers.edu    'data extraction' 
http://pdb.rutgers.edu/software/                 C++     ? 5 
ARP/wARP    .               ?              ?       ?                    ?                           'model building'  ? ?       ? 
6 
MolProbity  .               ?              ?       ?                    ?                           'model building'  ? ?       ? 
7 
# 
_pdbx_database_remark.id     300 
_pdbx_database_remark.text   
;BIOMOLECULE: 1  
THIS ENTRY CONTAINS THE CRYSTALLOGRAPHIC ASYMMETRIC UNIT   
WHICH CONSISTS OF 1 CHAIN. ACCORDING TO AUTHORS, THE   
BIOLOGICAL UNIT OF THE PROTEIN IS NOT KNOWN.
;
# 
_pdbx_validate_torsion.id              1 
_pdbx_validate_torsion.PDB_model_num   1 
_pdbx_validate_torsion.auth_comp_id    ASN 
_pdbx_validate_torsion.auth_asym_id    A 
_pdbx_validate_torsion.auth_seq_id     58 
_pdbx_validate_torsion.PDB_ins_code    ? 
_pdbx_validate_torsion.label_alt_id    ? 
_pdbx_validate_torsion.phi             53.97 
_pdbx_validate_torsion.psi             -118.12 
# 
loop_
_pdbx_unobs_or_zero_occ_atoms.id 
_pdbx_unobs_or_zero_occ_atoms.PDB_model_num 
_pdbx_unobs_or_zero_occ_atoms.polymer_flag 
_pdbx_unobs_or_zero_occ_atoms.occupancy_flag 
_pdbx_unobs_or_zero_occ_atoms.auth_asym_id 
_pdbx_unobs_or_zero_occ_atoms.auth_comp_id 
_pdbx_unobs_or_zero_occ_atoms.auth_seq_id 
_pdbx_unobs_or_zero_occ_atoms.PDB_ins_code 
_pdbx_unobs_or_zero_occ_atoms.auth_atom_id 
_pdbx_unobs_or_zero_occ_atoms.label_alt_id 
_pdbx_unobs_or_zero_occ_atoms.label_asym_id 
_pdbx_unobs_or_zero_occ_atoms.label_comp_id 
_pdbx_unobs_or_zero_occ_atoms.label_seq_id 
_pdbx_unobs_or_zero_occ_atoms.label_atom_id 
1 1 Y 1 A GLU 71  ? CG  ? A GLU 76  CG  
2 1 Y 1 A GLU 71  ? CD  ? A GLU 76  CD  
3 1 Y 1 A GLU 71  ? OE1 ? A GLU 76  OE1 
4 1 Y 1 A GLU 71  ? OE2 ? A GLU 76  OE2 
5 1 Y 1 A GLU 170 ? CD  ? A GLU 175 CD  
6 1 Y 1 A GLU 170 ? OE1 ? A GLU 175 OE1 
7 1 Y 1 A GLU 170 ? OE2 ? A GLU 175 OE2 
# 
loop_
_pdbx_unobs_or_zero_occ_residues.id 
_pdbx_unobs_or_zero_occ_residues.PDB_model_num 
_pdbx_unobs_or_zero_occ_residues.polymer_flag 
_pdbx_unobs_or_zero_occ_residues.occupancy_flag 
_pdbx_unobs_or_zero_occ_residues.auth_asym_id 
_pdbx_unobs_or_zero_occ_residues.auth_comp_id 
_pdbx_unobs_or_zero_occ_residues.auth_seq_id 
_pdbx_unobs_or_zero_occ_residues.PDB_ins_code 
_pdbx_unobs_or_zero_occ_residues.label_asym_id 
_pdbx_unobs_or_zero_occ_residues.label_comp_id 
_pdbx_unobs_or_zero_occ_residues.label_seq_id 
1  1 Y 1 A MET -4  ? A MET 1   
2  1 Y 1 A GLY -3  ? A GLY 2   
3  1 Y 1 A SER -2  ? A SER 3   
4  1 Y 1 A SER -1  ? A SER 4   
5  1 Y 1 A HIS 0   ? A HIS 5   
6  1 Y 1 A HIS 1   ? A HIS 6   
7  1 Y 1 A HIS 2   ? A HIS 7   
8  1 Y 1 A HIS 3   ? A HIS 8   
9  1 Y 1 A HIS 4   ? A HIS 9   
10 1 Y 1 A HIS 5   ? A HIS 10  
11 1 Y 1 A SER 6   ? A SER 11  
12 1 Y 1 A SER 7   ? A SER 12  
13 1 Y 1 A GLY 8   ? A GLY 13  
14 1 Y 1 A LEU 9   ? A LEU 14  
15 1 Y 1 A VAL 10  ? A VAL 15  
16 1 Y 1 A PRO 11  ? A PRO 16  
17 1 Y 1 A ARG 12  ? A ARG 17  
18 1 Y 1 A GLY 13  ? A GLY 18  
19 1 Y 1 A SER 14  ? A SER 19  
20 1 Y 1 A GLN 15  ? A GLN 20  
21 1 Y 1 A LEU 176 ? A LEU 181 
# 
loop_
_chem_comp_atom.comp_id 
_chem_comp_atom.atom_id 
_chem_comp_atom.type_symbol 
_chem_comp_atom.pdbx_aromatic_flag 
_chem_comp_atom.pdbx_stereo_config 
_chem_comp_atom.pdbx_ordinal 
ALA N      N N N 1   
ALA CA     C N S 2   
ALA C      C N N 3   
ALA O      O N N 4   
ALA CB     C N N 5   
ALA OXT    O N N 6   
ALA H      H N N 7   
ALA H2     H N N 8   
ALA HA     H N N 9   
ALA HB1    H N N 10  
ALA HB2    H N N 11  
ALA HB3    H N N 12  
ALA HXT    H N N 13  
ARG N      N N N 14  
ARG CA     C N S 15  
ARG C      C N N 16  
ARG O      O N N 17  
ARG CB     C N N 18  
ARG CG     C N N 19  
ARG CD     C N N 20  
ARG NE     N N N 21  
ARG CZ     C N N 22  
ARG NH1    N N N 23  
ARG NH2    N N N 24  
ARG OXT    O N N 25  
ARG H      H N N 26  
ARG H2     H N N 27  
ARG HA     H N N 28  
ARG HB2    H N N 29  
ARG HB3    H N N 30  
ARG HG2    H N N 31  
ARG HG3    H N N 32  
ARG HD2    H N N 33  
ARG HD3    H N N 34  
ARG HE     H N N 35  
ARG HH11   H N N 36  
ARG HH12   H N N 37  
ARG HH21   H N N 38  
ARG HH22   H N N 39  
ARG HXT    H N N 40  
ASN N      N N N 41  
ASN CA     C N S 42  
ASN C      C N N 43  
ASN O      O N N 44  
ASN CB     C N N 45  
ASN CG     C N N 46  
ASN OD1    O N N 47  
ASN ND2    N N N 48  
ASN OXT    O N N 49  
ASN H      H N N 50  
ASN H2     H N N 51  
ASN HA     H N N 52  
ASN HB2    H N N 53  
ASN HB3    H N N 54  
ASN HD21   H N N 55  
ASN HD22   H N N 56  
ASN HXT    H N N 57  
ASP N      N N N 58  
ASP CA     C N S 59  
ASP C      C N N 60  
ASP O      O N N 61  
ASP CB     C N N 62  
ASP CG     C N N 63  
ASP OD1    O N N 64  
ASP OD2    O N N 65  
ASP OXT    O N N 66  
ASP H      H N N 67  
ASP H2     H N N 68  
ASP HA     H N N 69  
ASP HB2    H N N 70  
ASP HB3    H N N 71  
ASP HD2    H N N 72  
ASP HXT    H N N 73  
CYS N      N N N 74  
CYS CA     C N R 75  
CYS C      C N N 76  
CYS O      O N N 77  
CYS CB     C N N 78  
CYS SG     S N N 79  
CYS OXT    O N N 80  
CYS H      H N N 81  
CYS H2     H N N 82  
CYS HA     H N N 83  
CYS HB2    H N N 84  
CYS HB3    H N N 85  
CYS HG     H N N 86  
CYS HXT    H N N 87  
GDP PB     P N N 88  
GDP O1B    O N N 89  
GDP O2B    O N N 90  
GDP O3B    O N N 91  
GDP O3A    O N N 92  
GDP PA     P N N 93  
GDP O1A    O N N 94  
GDP O2A    O N N 95  
GDP "O5'"  O N N 96  
GDP "C5'"  C N N 97  
GDP "C4'"  C N R 98  
GDP "O4'"  O N N 99  
GDP "C3'"  C N S 100 
GDP "O3'"  O N N 101 
GDP "C2'"  C N R 102 
GDP "O2'"  O N N 103 
GDP "C1'"  C N R 104 
GDP N9     N Y N 105 
GDP C8     C Y N 106 
GDP N7     N Y N 107 
GDP C5     C Y N 108 
GDP C6     C N N 109 
GDP O6     O N N 110 
GDP N1     N N N 111 
GDP C2     C N N 112 
GDP N2     N N N 113 
GDP N3     N N N 114 
GDP C4     C Y N 115 
GDP HOB2   H N N 116 
GDP HOB3   H N N 117 
GDP HOA2   H N N 118 
GDP "H5'"  H N N 119 
GDP "H5''" H N N 120 
GDP "H4'"  H N N 121 
GDP "H3'"  H N N 122 
GDP "HO3'" H N N 123 
GDP "H2'"  H N N 124 
GDP "HO2'" H N N 125 
GDP "H1'"  H N N 126 
GDP H8     H N N 127 
GDP HN1    H N N 128 
GDP HN21   H N N 129 
GDP HN22   H N N 130 
GLN N      N N N 131 
GLN CA     C N S 132 
GLN C      C N N 133 
GLN O      O N N 134 
GLN CB     C N N 135 
GLN CG     C N N 136 
GLN CD     C N N 137 
GLN OE1    O N N 138 
GLN NE2    N N N 139 
GLN OXT    O N N 140 
GLN H      H N N 141 
GLN H2     H N N 142 
GLN HA     H N N 143 
GLN HB2    H N N 144 
GLN HB3    H N N 145 
GLN HG2    H N N 146 
GLN HG3    H N N 147 
GLN HE21   H N N 148 
GLN HE22   H N N 149 
GLN HXT    H N N 150 
GLU N      N N N 151 
GLU CA     C N S 152 
GLU C      C N N 153 
GLU O      O N N 154 
GLU CB     C N N 155 
GLU CG     C N N 156 
GLU CD     C N N 157 
GLU OE1    O N N 158 
GLU OE2    O N N 159 
GLU OXT    O N N 160 
GLU H      H N N 161 
GLU H2     H N N 162 
GLU HA     H N N 163 
GLU HB2    H N N 164 
GLU HB3    H N N 165 
GLU HG2    H N N 166 
GLU HG3    H N N 167 
GLU HE2    H N N 168 
GLU HXT    H N N 169 
GLY N      N N N 170 
GLY CA     C N N 171 
GLY C      C N N 172 
GLY O      O N N 173 
GLY OXT    O N N 174 
GLY H      H N N 175 
GLY H2     H N N 176 
GLY HA2    H N N 177 
GLY HA3    H N N 178 
GLY HXT    H N N 179 
HIS N      N N N 180 
HIS CA     C N S 181 
HIS C      C N N 182 
HIS O      O N N 183 
HIS CB     C N N 184 
HIS CG     C Y N 185 
HIS ND1    N Y N 186 
HIS CD2    C Y N 187 
HIS CE1    C Y N 188 
HIS NE2    N Y N 189 
HIS OXT    O N N 190 
HIS H      H N N 191 
HIS H2     H N N 192 
HIS HA     H N N 193 
HIS HB2    H N N 194 
HIS HB3    H N N 195 
HIS HD1    H N N 196 
HIS HD2    H N N 197 
HIS HE1    H N N 198 
HIS HE2    H N N 199 
HIS HXT    H N N 200 
HOH O      O N N 201 
HOH H1     H N N 202 
HOH H2     H N N 203 
ILE N      N N N 204 
ILE CA     C N S 205 
ILE C      C N N 206 
ILE O      O N N 207 
ILE CB     C N S 208 
ILE CG1    C N N 209 
ILE CG2    C N N 210 
ILE CD1    C N N 211 
ILE OXT    O N N 212 
ILE H      H N N 213 
ILE H2     H N N 214 
ILE HA     H N N 215 
ILE HB     H N N 216 
ILE HG12   H N N 217 
ILE HG13   H N N 218 
ILE HG21   H N N 219 
ILE HG22   H N N 220 
ILE HG23   H N N 221 
ILE HD11   H N N 222 
ILE HD12   H N N 223 
ILE HD13   H N N 224 
ILE HXT    H N N 225 
LEU N      N N N 226 
LEU CA     C N S 227 
LEU C      C N N 228 
LEU O      O N N 229 
LEU CB     C N N 230 
LEU CG     C N N 231 
LEU CD1    C N N 232 
LEU CD2    C N N 233 
LEU OXT    O N N 234 
LEU H      H N N 235 
LEU H2     H N N 236 
LEU HA     H N N 237 
LEU HB2    H N N 238 
LEU HB3    H N N 239 
LEU HG     H N N 240 
LEU HD11   H N N 241 
LEU HD12   H N N 242 
LEU HD13   H N N 243 
LEU HD21   H N N 244 
LEU HD22   H N N 245 
LEU HD23   H N N 246 
LEU HXT    H N N 247 
LYS N      N N N 248 
LYS CA     C N S 249 
LYS C      C N N 250 
LYS O      O N N 251 
LYS CB     C N N 252 
LYS CG     C N N 253 
LYS CD     C N N 254 
LYS CE     C N N 255 
LYS NZ     N N N 256 
LYS OXT    O N N 257 
LYS H      H N N 258 
LYS H2     H N N 259 
LYS HA     H N N 260 
LYS HB2    H N N 261 
LYS HB3    H N N 262 
LYS HG2    H N N 263 
LYS HG3    H N N 264 
LYS HD2    H N N 265 
LYS HD3    H N N 266 
LYS HE2    H N N 267 
LYS HE3    H N N 268 
LYS HZ1    H N N 269 
LYS HZ2    H N N 270 
LYS HZ3    H N N 271 
LYS HXT    H N N 272 
MET N      N N N 273 
MET CA     C N S 274 
MET C      C N N 275 
MET O      O N N 276 
MET CB     C N N 277 
MET CG     C N N 278 
MET SD     S N N 279 
MET CE     C N N 280 
MET OXT    O N N 281 
MET H      H N N 282 
MET H2     H N N 283 
MET HA     H N N 284 
MET HB2    H N N 285 
MET HB3    H N N 286 
MET HG2    H N N 287 
MET HG3    H N N 288 
MET HE1    H N N 289 
MET HE2    H N N 290 
MET HE3    H N N 291 
MET HXT    H N N 292 
PHE N      N N N 293 
PHE CA     C N S 294 
PHE C      C N N 295 
PHE O      O N N 296 
PHE CB     C N N 297 
PHE CG     C Y N 298 
PHE CD1    C Y N 299 
PHE CD2    C Y N 300 
PHE CE1    C Y N 301 
PHE CE2    C Y N 302 
PHE CZ     C Y N 303 
PHE OXT    O N N 304 
PHE H      H N N 305 
PHE H2     H N N 306 
PHE HA     H N N 307 
PHE HB2    H N N 308 
PHE HB3    H N N 309 
PHE HD1    H N N 310 
PHE HD2    H N N 311 
PHE HE1    H N N 312 
PHE HE2    H N N 313 
PHE HZ     H N N 314 
PHE HXT    H N N 315 
PRO N      N N N 316 
PRO CA     C N S 317 
PRO C      C N N 318 
PRO O      O N N 319 
PRO CB     C N N 320 
PRO CG     C N N 321 
PRO CD     C N N 322 
PRO OXT    O N N 323 
PRO H      H N N 324 
PRO HA     H N N 325 
PRO HB2    H N N 326 
PRO HB3    H N N 327 
PRO HG2    H N N 328 
PRO HG3    H N N 329 
PRO HD2    H N N 330 
PRO HD3    H N N 331 
PRO HXT    H N N 332 
SER N      N N N 333 
SER CA     C N S 334 
SER C      C N N 335 
SER O      O N N 336 
SER CB     C N N 337 
SER OG     O N N 338 
SER OXT    O N N 339 
SER H      H N N 340 
SER H2     H N N 341 
SER HA     H N N 342 
SER HB2    H N N 343 
SER HB3    H N N 344 
SER HG     H N N 345 
SER HXT    H N N 346 
THR N      N N N 347 
THR CA     C N S 348 
THR C      C N N 349 
THR O      O N N 350 
THR CB     C N R 351 
THR OG1    O N N 352 
THR CG2    C N N 353 
THR OXT    O N N 354 
THR H      H N N 355 
THR H2     H N N 356 
THR HA     H N N 357 
THR HB     H N N 358 
THR HG1    H N N 359 
THR HG21   H N N 360 
THR HG22   H N N 361 
THR HG23   H N N 362 
THR HXT    H N N 363 
TRP N      N N N 364 
TRP CA     C N S 365 
TRP C      C N N 366 
TRP O      O N N 367 
TRP CB     C N N 368 
TRP CG     C Y N 369 
TRP CD1    C Y N 370 
TRP CD2    C Y N 371 
TRP NE1    N Y N 372 
TRP CE2    C Y N 373 
TRP CE3    C Y N 374 
TRP CZ2    C Y N 375 
TRP CZ3    C Y N 376 
TRP CH2    C Y N 377 
TRP OXT    O N N 378 
TRP H      H N N 379 
TRP H2     H N N 380 
TRP HA     H N N 381 
TRP HB2    H N N 382 
TRP HB3    H N N 383 
TRP HD1    H N N 384 
TRP HE1    H N N 385 
TRP HE3    H N N 386 
TRP HZ2    H N N 387 
TRP HZ3    H N N 388 
TRP HH2    H N N 389 
TRP HXT    H N N 390 
TYR N      N N N 391 
TYR CA     C N S 392 
TYR C      C N N 393 
TYR O      O N N 394 
TYR CB     C N N 395 
TYR CG     C Y N 396 
TYR CD1    C Y N 397 
TYR CD2    C Y N 398 
TYR CE1    C Y N 399 
TYR CE2    C Y N 400 
TYR CZ     C Y N 401 
TYR OH     O N N 402 
TYR OXT    O N N 403 
TYR H      H N N 404 
TYR H2     H N N 405 
TYR HA     H N N 406 
TYR HB2    H N N 407 
TYR HB3    H N N 408 
TYR HD1    H N N 409 
TYR HD2    H N N 410 
TYR HE1    H N N 411 
TYR HE2    H N N 412 
TYR HH     H N N 413 
TYR HXT    H N N 414 
VAL N      N N N 415 
VAL CA     C N S 416 
VAL C      C N N 417 
VAL O      O N N 418 
VAL CB     C N N 419 
VAL CG1    C N N 420 
VAL CG2    C N N 421 
VAL OXT    O N N 422 
VAL H      H N N 423 
VAL H2     H N N 424 
VAL HA     H N N 425 
VAL HB     H N N 426 
VAL HG11   H N N 427 
VAL HG12   H N N 428 
VAL HG13   H N N 429 
VAL HG21   H N N 430 
VAL HG22   H N N 431 
VAL HG23   H N N 432 
VAL HXT    H N N 433 
# 
loop_
_chem_comp_bond.comp_id 
_chem_comp_bond.atom_id_1 
_chem_comp_bond.atom_id_2 
_chem_comp_bond.value_order 
_chem_comp_bond.pdbx_aromatic_flag 
_chem_comp_bond.pdbx_stereo_config 
_chem_comp_bond.pdbx_ordinal 
ALA N     CA     sing N N 1   
ALA N     H      sing N N 2   
ALA N     H2     sing N N 3   
ALA CA    C      sing N N 4   
ALA CA    CB     sing N N 5   
ALA CA    HA     sing N N 6   
ALA C     O      doub N N 7   
ALA C     OXT    sing N N 8   
ALA CB    HB1    sing N N 9   
ALA CB    HB2    sing N N 10  
ALA CB    HB3    sing N N 11  
ALA OXT   HXT    sing N N 12  
ARG N     CA     sing N N 13  
ARG N     H      sing N N 14  
ARG N     H2     sing N N 15  
ARG CA    C      sing N N 16  
ARG CA    CB     sing N N 17  
ARG CA    HA     sing N N 18  
ARG C     O      doub N N 19  
ARG C     OXT    sing N N 20  
ARG CB    CG     sing N N 21  
ARG CB    HB2    sing N N 22  
ARG CB    HB3    sing N N 23  
ARG CG    CD     sing N N 24  
ARG CG    HG2    sing N N 25  
ARG CG    HG3    sing N N 26  
ARG CD    NE     sing N N 27  
ARG CD    HD2    sing N N 28  
ARG CD    HD3    sing N N 29  
ARG NE    CZ     sing N N 30  
ARG NE    HE     sing N N 31  
ARG CZ    NH1    sing N N 32  
ARG CZ    NH2    doub N N 33  
ARG NH1   HH11   sing N N 34  
ARG NH1   HH12   sing N N 35  
ARG NH2   HH21   sing N N 36  
ARG NH2   HH22   sing N N 37  
ARG OXT   HXT    sing N N 38  
ASN N     CA     sing N N 39  
ASN N     H      sing N N 40  
ASN N     H2     sing N N 41  
ASN CA    C      sing N N 42  
ASN CA    CB     sing N N 43  
ASN CA    HA     sing N N 44  
ASN C     O      doub N N 45  
ASN C     OXT    sing N N 46  
ASN CB    CG     sing N N 47  
ASN CB    HB2    sing N N 48  
ASN CB    HB3    sing N N 49  
ASN CG    OD1    doub N N 50  
ASN CG    ND2    sing N N 51  
ASN ND2   HD21   sing N N 52  
ASN ND2   HD22   sing N N 53  
ASN OXT   HXT    sing N N 54  
ASP N     CA     sing N N 55  
ASP N     H      sing N N 56  
ASP N     H2     sing N N 57  
ASP CA    C      sing N N 58  
ASP CA    CB     sing N N 59  
ASP CA    HA     sing N N 60  
ASP C     O      doub N N 61  
ASP C     OXT    sing N N 62  
ASP CB    CG     sing N N 63  
ASP CB    HB2    sing N N 64  
ASP CB    HB3    sing N N 65  
ASP CG    OD1    doub N N 66  
ASP CG    OD2    sing N N 67  
ASP OD2   HD2    sing N N 68  
ASP OXT   HXT    sing N N 69  
CYS N     CA     sing N N 70  
CYS N     H      sing N N 71  
CYS N     H2     sing N N 72  
CYS CA    C      sing N N 73  
CYS CA    CB     sing N N 74  
CYS CA    HA     sing N N 75  
CYS C     O      doub N N 76  
CYS C     OXT    sing N N 77  
CYS CB    SG     sing N N 78  
CYS CB    HB2    sing N N 79  
CYS CB    HB3    sing N N 80  
CYS SG    HG     sing N N 81  
CYS OXT   HXT    sing N N 82  
GDP PB    O1B    doub N N 83  
GDP PB    O2B    sing N N 84  
GDP PB    O3B    sing N N 85  
GDP PB    O3A    sing N N 86  
GDP O2B   HOB2   sing N N 87  
GDP O3B   HOB3   sing N N 88  
GDP O3A   PA     sing N N 89  
GDP PA    O1A    doub N N 90  
GDP PA    O2A    sing N N 91  
GDP PA    "O5'"  sing N N 92  
GDP O2A   HOA2   sing N N 93  
GDP "O5'" "C5'"  sing N N 94  
GDP "C5'" "C4'"  sing N N 95  
GDP "C5'" "H5'"  sing N N 96  
GDP "C5'" "H5''" sing N N 97  
GDP "C4'" "O4'"  sing N N 98  
GDP "C4'" "C3'"  sing N N 99  
GDP "C4'" "H4'"  sing N N 100 
GDP "O4'" "C1'"  sing N N 101 
GDP "C3'" "O3'"  sing N N 102 
GDP "C3'" "C2'"  sing N N 103 
GDP "C3'" "H3'"  sing N N 104 
GDP "O3'" "HO3'" sing N N 105 
GDP "C2'" "O2'"  sing N N 106 
GDP "C2'" "C1'"  sing N N 107 
GDP "C2'" "H2'"  sing N N 108 
GDP "O2'" "HO2'" sing N N 109 
GDP "C1'" N9     sing N N 110 
GDP "C1'" "H1'"  sing N N 111 
GDP N9    C8     sing Y N 112 
GDP N9    C4     sing Y N 113 
GDP C8    N7     doub Y N 114 
GDP C8    H8     sing N N 115 
GDP N7    C5     sing Y N 116 
GDP C5    C6     sing N N 117 
GDP C5    C4     doub Y N 118 
GDP C6    O6     doub N N 119 
GDP C6    N1     sing N N 120 
GDP N1    C2     sing N N 121 
GDP N1    HN1    sing N N 122 
GDP C2    N2     sing N N 123 
GDP C2    N3     doub N N 124 
GDP N2    HN21   sing N N 125 
GDP N2    HN22   sing N N 126 
GDP N3    C4     sing N N 127 
GLN N     CA     sing N N 128 
GLN N     H      sing N N 129 
GLN N     H2     sing N N 130 
GLN CA    C      sing N N 131 
GLN CA    CB     sing N N 132 
GLN CA    HA     sing N N 133 
GLN C     O      doub N N 134 
GLN C     OXT    sing N N 135 
GLN CB    CG     sing N N 136 
GLN CB    HB2    sing N N 137 
GLN CB    HB3    sing N N 138 
GLN CG    CD     sing N N 139 
GLN CG    HG2    sing N N 140 
GLN CG    HG3    sing N N 141 
GLN CD    OE1    doub N N 142 
GLN CD    NE2    sing N N 143 
GLN NE2   HE21   sing N N 144 
GLN NE2   HE22   sing N N 145 
GLN OXT   HXT    sing N N 146 
GLU N     CA     sing N N 147 
GLU N     H      sing N N 148 
GLU N     H2     sing N N 149 
GLU CA    C      sing N N 150 
GLU CA    CB     sing N N 151 
GLU CA    HA     sing N N 152 
GLU C     O      doub N N 153 
GLU C     OXT    sing N N 154 
GLU CB    CG     sing N N 155 
GLU CB    HB2    sing N N 156 
GLU CB    HB3    sing N N 157 
GLU CG    CD     sing N N 158 
GLU CG    HG2    sing N N 159 
GLU CG    HG3    sing N N 160 
GLU CD    OE1    doub N N 161 
GLU CD    OE2    sing N N 162 
GLU OE2   HE2    sing N N 163 
GLU OXT   HXT    sing N N 164 
GLY N     CA     sing N N 165 
GLY N     H      sing N N 166 
GLY N     H2     sing N N 167 
GLY CA    C      sing N N 168 
GLY CA    HA2    sing N N 169 
GLY CA    HA3    sing N N 170 
GLY C     O      doub N N 171 
GLY C     OXT    sing N N 172 
GLY OXT   HXT    sing N N 173 
HIS N     CA     sing N N 174 
HIS N     H      sing N N 175 
HIS N     H2     sing N N 176 
HIS CA    C      sing N N 177 
HIS CA    CB     sing N N 178 
HIS CA    HA     sing N N 179 
HIS C     O      doub N N 180 
HIS C     OXT    sing N N 181 
HIS CB    CG     sing N N 182 
HIS CB    HB2    sing N N 183 
HIS CB    HB3    sing N N 184 
HIS CG    ND1    sing Y N 185 
HIS CG    CD2    doub Y N 186 
HIS ND1   CE1    doub Y N 187 
HIS ND1   HD1    sing N N 188 
HIS CD2   NE2    sing Y N 189 
HIS CD2   HD2    sing N N 190 
HIS CE1   NE2    sing Y N 191 
HIS CE1   HE1    sing N N 192 
HIS NE2   HE2    sing N N 193 
HIS OXT   HXT    sing N N 194 
HOH O     H1     sing N N 195 
HOH O     H2     sing N N 196 
ILE N     CA     sing N N 197 
ILE N     H      sing N N 198 
ILE N     H2     sing N N 199 
ILE CA    C      sing N N 200 
ILE CA    CB     sing N N 201 
ILE CA    HA     sing N N 202 
ILE C     O      doub N N 203 
ILE C     OXT    sing N N 204 
ILE CB    CG1    sing N N 205 
ILE CB    CG2    sing N N 206 
ILE CB    HB     sing N N 207 
ILE CG1   CD1    sing N N 208 
ILE CG1   HG12   sing N N 209 
ILE CG1   HG13   sing N N 210 
ILE CG2   HG21   sing N N 211 
ILE CG2   HG22   sing N N 212 
ILE CG2   HG23   sing N N 213 
ILE CD1   HD11   sing N N 214 
ILE CD1   HD12   sing N N 215 
ILE CD1   HD13   sing N N 216 
ILE OXT   HXT    sing N N 217 
LEU N     CA     sing N N 218 
LEU N     H      sing N N 219 
LEU N     H2     sing N N 220 
LEU CA    C      sing N N 221 
LEU CA    CB     sing N N 222 
LEU CA    HA     sing N N 223 
LEU C     O      doub N N 224 
LEU C     OXT    sing N N 225 
LEU CB    CG     sing N N 226 
LEU CB    HB2    sing N N 227 
LEU CB    HB3    sing N N 228 
LEU CG    CD1    sing N N 229 
LEU CG    CD2    sing N N 230 
LEU CG    HG     sing N N 231 
LEU CD1   HD11   sing N N 232 
LEU CD1   HD12   sing N N 233 
LEU CD1   HD13   sing N N 234 
LEU CD2   HD21   sing N N 235 
LEU CD2   HD22   sing N N 236 
LEU CD2   HD23   sing N N 237 
LEU OXT   HXT    sing N N 238 
LYS N     CA     sing N N 239 
LYS N     H      sing N N 240 
LYS N     H2     sing N N 241 
LYS CA    C      sing N N 242 
LYS CA    CB     sing N N 243 
LYS CA    HA     sing N N 244 
LYS C     O      doub N N 245 
LYS C     OXT    sing N N 246 
LYS CB    CG     sing N N 247 
LYS CB    HB2    sing N N 248 
LYS CB    HB3    sing N N 249 
LYS CG    CD     sing N N 250 
LYS CG    HG2    sing N N 251 
LYS CG    HG3    sing N N 252 
LYS CD    CE     sing N N 253 
LYS CD    HD2    sing N N 254 
LYS CD    HD3    sing N N 255 
LYS CE    NZ     sing N N 256 
LYS CE    HE2    sing N N 257 
LYS CE    HE3    sing N N 258 
LYS NZ    HZ1    sing N N 259 
LYS NZ    HZ2    sing N N 260 
LYS NZ    HZ3    sing N N 261 
LYS OXT   HXT    sing N N 262 
MET N     CA     sing N N 263 
MET N     H      sing N N 264 
MET N     H2     sing N N 265 
MET CA    C      sing N N 266 
MET CA    CB     sing N N 267 
MET CA    HA     sing N N 268 
MET C     O      doub N N 269 
MET C     OXT    sing N N 270 
MET CB    CG     sing N N 271 
MET CB    HB2    sing N N 272 
MET CB    HB3    sing N N 273 
MET CG    SD     sing N N 274 
MET CG    HG2    sing N N 275 
MET CG    HG3    sing N N 276 
MET SD    CE     sing N N 277 
MET CE    HE1    sing N N 278 
MET CE    HE2    sing N N 279 
MET CE    HE3    sing N N 280 
MET OXT   HXT    sing N N 281 
PHE N     CA     sing N N 282 
PHE N     H      sing N N 283 
PHE N     H2     sing N N 284 
PHE CA    C      sing N N 285 
PHE CA    CB     sing N N 286 
PHE CA    HA     sing N N 287 
PHE C     O      doub N N 288 
PHE C     OXT    sing N N 289 
PHE CB    CG     sing N N 290 
PHE CB    HB2    sing N N 291 
PHE CB    HB3    sing N N 292 
PHE CG    CD1    doub Y N 293 
PHE CG    CD2    sing Y N 294 
PHE CD1   CE1    sing Y N 295 
PHE CD1   HD1    sing N N 296 
PHE CD2   CE2    doub Y N 297 
PHE CD2   HD2    sing N N 298 
PHE CE1   CZ     doub Y N 299 
PHE CE1   HE1    sing N N 300 
PHE CE2   CZ     sing Y N 301 
PHE CE2   HE2    sing N N 302 
PHE CZ    HZ     sing N N 303 
PHE OXT   HXT    sing N N 304 
PRO N     CA     sing N N 305 
PRO N     CD     sing N N 306 
PRO N     H      sing N N 307 
PRO CA    C      sing N N 308 
PRO CA    CB     sing N N 309 
PRO CA    HA     sing N N 310 
PRO C     O      doub N N 311 
PRO C     OXT    sing N N 312 
PRO CB    CG     sing N N 313 
PRO CB    HB2    sing N N 314 
PRO CB    HB3    sing N N 315 
PRO CG    CD     sing N N 316 
PRO CG    HG2    sing N N 317 
PRO CG    HG3    sing N N 318 
PRO CD    HD2    sing N N 319 
PRO CD    HD3    sing N N 320 
PRO OXT   HXT    sing N N 321 
SER N     CA     sing N N 322 
SER N     H      sing N N 323 
SER N     H2     sing N N 324 
SER CA    C      sing N N 325 
SER CA    CB     sing N N 326 
SER CA    HA     sing N N 327 
SER C     O      doub N N 328 
SER C     OXT    sing N N 329 
SER CB    OG     sing N N 330 
SER CB    HB2    sing N N 331 
SER CB    HB3    sing N N 332 
SER OG    HG     sing N N 333 
SER OXT   HXT    sing N N 334 
THR N     CA     sing N N 335 
THR N     H      sing N N 336 
THR N     H2     sing N N 337 
THR CA    C      sing N N 338 
THR CA    CB     sing N N 339 
THR CA    HA     sing N N 340 
THR C     O      doub N N 341 
THR C     OXT    sing N N 342 
THR CB    OG1    sing N N 343 
THR CB    CG2    sing N N 344 
THR CB    HB     sing N N 345 
THR OG1   HG1    sing N N 346 
THR CG2   HG21   sing N N 347 
THR CG2   HG22   sing N N 348 
THR CG2   HG23   sing N N 349 
THR OXT   HXT    sing N N 350 
TRP N     CA     sing N N 351 
TRP N     H      sing N N 352 
TRP N     H2     sing N N 353 
TRP CA    C      sing N N 354 
TRP CA    CB     sing N N 355 
TRP CA    HA     sing N N 356 
TRP C     O      doub N N 357 
TRP C     OXT    sing N N 358 
TRP CB    CG     sing N N 359 
TRP CB    HB2    sing N N 360 
TRP CB    HB3    sing N N 361 
TRP CG    CD1    doub Y N 362 
TRP CG    CD2    sing Y N 363 
TRP CD1   NE1    sing Y N 364 
TRP CD1   HD1    sing N N 365 
TRP CD2   CE2    doub Y N 366 
TRP CD2   CE3    sing Y N 367 
TRP NE1   CE2    sing Y N 368 
TRP NE1   HE1    sing N N 369 
TRP CE2   CZ2    sing Y N 370 
TRP CE3   CZ3    doub Y N 371 
TRP CE3   HE3    sing N N 372 
TRP CZ2   CH2    doub Y N 373 
TRP CZ2   HZ2    sing N N 374 
TRP CZ3   CH2    sing Y N 375 
TRP CZ3   HZ3    sing N N 376 
TRP CH2   HH2    sing N N 377 
TRP OXT   HXT    sing N N 378 
TYR N     CA     sing N N 379 
TYR N     H      sing N N 380 
TYR N     H2     sing N N 381 
TYR CA    C      sing N N 382 
TYR CA    CB     sing N N 383 
TYR CA    HA     sing N N 384 
TYR C     O      doub N N 385 
TYR C     OXT    sing N N 386 
TYR CB    CG     sing N N 387 
TYR CB    HB2    sing N N 388 
TYR CB    HB3    sing N N 389 
TYR CG    CD1    doub Y N 390 
TYR CG    CD2    sing Y N 391 
TYR CD1   CE1    sing Y N 392 
TYR CD1   HD1    sing N N 393 
TYR CD2   CE2    doub Y N 394 
TYR CD2   HD2    sing N N 395 
TYR CE1   CZ     doub Y N 396 
TYR CE1   HE1    sing N N 397 
TYR CE2   CZ     sing Y N 398 
TYR CE2   HE2    sing N N 399 
TYR CZ    OH     sing N N 400 
TYR OH    HH     sing N N 401 
TYR OXT   HXT    sing N N 402 
VAL N     CA     sing N N 403 
VAL N     H      sing N N 404 
VAL N     H2     sing N N 405 
VAL CA    C      sing N N 406 
VAL CA    CB     sing N N 407 
VAL CA    HA     sing N N 408 
VAL C     O      doub N N 409 
VAL C     OXT    sing N N 410 
VAL CB    CG1    sing N N 411 
VAL CB    CG2    sing N N 412 
VAL CB    HB     sing N N 413 
VAL CG1   HG11   sing N N 414 
VAL CG1   HG12   sing N N 415 
VAL CG1   HG13   sing N N 416 
VAL CG2   HG21   sing N N 417 
VAL CG2   HG22   sing N N 418 
VAL CG2   HG23   sing N N 419 
VAL OXT   HXT    sing N N 420 
# 
loop_
_pdbx_entity_nonpoly.entity_id 
_pdbx_entity_nonpoly.name 
_pdbx_entity_nonpoly.comp_id 
2 "GUANOSINE-5'-DIPHOSPHATE" GDP 
3 'UNKNOWN ATOM OR ION'      UNX 
4 water                      HOH 
# 
_pdbx_initial_refinement_model.id               1 
_pdbx_initial_refinement_model.entity_id_list   ? 
_pdbx_initial_refinement_model.type             'experimental model' 
_pdbx_initial_refinement_model.source_name      PDB 
_pdbx_initial_refinement_model.accession_code   1Z6Y 
_pdbx_initial_refinement_model.details          'pdb entry 1z6y' 
# 
